data_7NSU
#
_entry.id   7NSU
#
_cell.length_a   1.00
_cell.length_b   1.00
_cell.length_c   1.00
_cell.angle_alpha   90.00
_cell.angle_beta   90.00
_cell.angle_gamma   90.00
#
_symmetry.space_group_name_H-M   'P 1'
#
loop_
_entity.id
_entity.type
_entity.pdbx_description
1 polymer 'Outer membrane protein F'
2 polymer Colicin-E9
3 polymer 'Tol-Pal system protein TolB'
4 polymer 'Vitamin B12 transporter BtuB'
#
loop_
_entity_poly.entity_id
_entity_poly.type
_entity_poly.pdbx_seq_one_letter_code
_entity_poly.pdbx_strand_id
1 'polypeptide(L)'
;AEIYNKDGNKVDLYGKAVGLHYFSKGNGENSYGGNGDMTYARLGFKGETQINSDLTGYGQWEYNFQGNNSEGADAQTGNK
TRLAFAGLKYADVGSFDYGRNYGVVYDALGYTDMLPEFGGDTAYSDDFFVGRVGGVATYRNSNFFGLVDGLNFAVQYLGK
NERDTARRSNGDGVGGSISYEYEGFGIVGAYGAADRTNLQEAQPLGNGKKAEQWATGLKYDANNIYLAANYGETRNATPI
TNKFTNTSGFANKTQDVLLVAQYQFDFGLRPSIAYTKSKAKDVEGIGDVDLVNYFEVGATYYFNKNMSTYVDYIINQIDS
DNKLGVGSDDTVAVGIVYQF
;
A,B,C
2 'polypeptide(L)'
;MSGGDGRGHNTGAHSTSGNINGGPTGIGVSGGCSDGSGWSSENNPWGGGSGSGIHWGGGSGRGNGGGNGNSGGGSGTGGN
LSAVAAPVAFGFPALSTPGAGGLAVSISASELSAAIAGIIAKLKKVNLKFTPFGVVLSSLIPSEIAKDDPNMMSKIVTSL
PADDITESPVSSLPLDKATVNVNVRVVDDVKDERQNISVVSGVPMSVPVVDAKPTERPGVFTASIPGAPVLNISVNDSTP
AVQTLSPGVTNNTDKDVRPAGFTQGGNTRDAVIRFPKDSGHNAVYVSVSDVLSPDQVKQRQDEENRRQQEWDATHPVEAA
ERNYERARAELNQANEDVARNQERQAKAVQVYNSRKSELDAANKTLADAIAEIKQFNRFAHDPMAGGHRMWQMAGLKAQR
AQTDVNNKQAAFDAAAKEKSDADAALSAAQERRKQKENKEKDAKDKLDKESKRNKPGKATGKGKPVGDKWLDDAGKDSGA
PIPDRIADKLRDKEFKSFDDFRKAVWEEVSKDPELSKNLNPSNKSSVSKGYSPFTPKNQQVGGRKVYELHHDKPISQGGE
VYDMDNIRVTTPKRHIDIHRGK
;
D
3 'polypeptide(L)'
;MKQALRVAFGFLILWASVLHAEVRIVIDSGVDSGRPIGVVPFQWAGPGAAPEDIGGIVAADLRNSGKFNPLDRARLPQQP
GSAQEVQPAAWSALGIDAVVVGQVTPNPDGSYNVAYQLVDTGGAPGTVLAQNSYKVNKQWLRYAGHTASDEVFEKLTGIK
GAFRTRIAYVVQTNGGQFPYELRVSDYDGYNQFVVHRSPQCLMSPAWSPDGSKLAYVTFESGRSALVIQTLANGAVRQVA
SFPRHNGAPAFSPDGSKLAFALSKTGSLNLYVMDLASGQIRQVTDGRSNNTEPTWFPDSQNLAFTSDQAGRPQVYKVNIN
GGAPQRITWEGSQNQDADVSSDGKFMVMVSSNGGQQHIAKQDLATGGVQVLSSTFLDETPSLAPNGTMVIYSSSQGMGSV
LNLVSTDGRFKARLPATDGQVKFPAWSPYL
;
E
4 'polypeptide(L)'
;QDTSPDTLVVTANRFEQPRSTVLAPTTVVTRQDIDRWQSTSVNDVLRRLPGVDITQNGGSGQLSSIFIRGTNASHVLVLI
DGVRLNLAGVSGSADLSQFPIALVQRVEYIRGPRSAVYGSDAIGGVVNIITTRDEPGTEISAGWGSNSYQNYDVSTQQQL
GDKTRVTLLGDYAHTHGYDVVAYGNTGTQAQTDNDGFLSKTLYGALEHNFTDAWSGFVRGYGYDNRTNYDAYYSPGSPLL
DTRKLYSQSWDAGLRYNGELIKSQLITSYSHSKDYNYDPHYGRYDSSATLDEMKQYTVQWANNVIVGHGSIGAGVDWQKQ
TTTPGTGYVEDGYDQRNTGIYLTGLQQVGDFTFEGAARSDDNSQFGRHGTWQTSAGWEFIEGYRFIASYGTSYKAPNLGQ
LYGFYGNPNLDPEKSKQWEGAFEGLTAGVNWRISGYRNDVSDLIDYDDHTLKYYNEGKARIKGVEATANFDTGPLTHTVS
YDYVDARNAITDTPLLRRAKQQVKYQLDWQLYDFDWGITYQYLGTRYDKDYSSYPYQTVKMGGVSLWDLAVAYPVTSHLT
VRGKIANLFDKDYETVYGYQTAGREYTLSGSYTF
;
F
#
# COMPACT_ATOMS: atom_id res chain seq x y z
N ALA A 1 11.45 -22.50 14.01
CA ALA A 1 10.83 -22.51 15.37
C ALA A 1 9.31 -22.50 15.26
N GLU A 2 8.65 -23.10 16.24
CA GLU A 2 7.19 -23.13 16.26
C GLU A 2 6.70 -21.80 16.80
N ILE A 3 6.00 -21.04 15.96
CA ILE A 3 5.55 -19.72 16.38
C ILE A 3 4.08 -19.77 16.76
N TYR A 4 3.31 -20.61 16.09
CA TYR A 4 1.88 -20.73 16.35
C TYR A 4 1.54 -22.21 16.46
N ASN A 5 1.06 -22.63 17.63
CA ASN A 5 0.66 -24.02 17.82
C ASN A 5 -0.65 -23.95 18.60
N LYS A 6 -1.73 -23.70 17.86
CA LYS A 6 -3.06 -23.47 18.41
C LYS A 6 -4.10 -23.99 17.42
N ASP A 7 -5.31 -24.19 17.93
CA ASP A 7 -6.46 -24.60 17.12
C ASP A 7 -6.16 -25.88 16.34
N GLY A 8 -5.45 -26.80 16.98
CA GLY A 8 -5.08 -28.03 16.32
C GLY A 8 -4.27 -27.78 15.08
N ASN A 9 -3.60 -26.63 15.02
CA ASN A 9 -2.76 -26.25 13.90
C ASN A 9 -1.44 -25.75 14.46
N LYS A 10 -0.35 -26.10 13.79
CA LYS A 10 0.96 -25.70 14.25
C LYS A 10 1.76 -25.23 13.05
N VAL A 11 2.44 -24.11 13.25
CA VAL A 11 3.25 -23.49 12.22
C VAL A 11 4.66 -23.37 12.76
N ASP A 12 5.62 -23.82 11.97
CA ASP A 12 7.03 -23.81 12.28
C ASP A 12 7.71 -22.99 11.20
N LEU A 13 7.99 -21.72 11.49
CA LEU A 13 8.77 -20.94 10.56
C LEU A 13 10.21 -21.37 10.75
N TYR A 14 10.86 -21.80 9.68
CA TYR A 14 12.24 -22.23 9.74
C TYR A 14 13.00 -21.46 8.67
N GLY A 15 14.03 -20.75 9.07
CA GLY A 15 14.81 -19.97 8.15
C GLY A 15 16.21 -19.83 8.71
N LYS A 16 17.15 -19.57 7.82
CA LYS A 16 18.53 -19.51 8.22
C LYS A 16 19.27 -18.55 7.31
N ALA A 17 20.43 -18.15 7.78
CA ALA A 17 21.34 -17.28 7.06
C ALA A 17 22.72 -17.92 7.11
N VAL A 18 23.47 -17.78 6.03
CA VAL A 18 24.73 -18.47 5.87
C VAL A 18 25.69 -17.45 5.27
N GLY A 19 26.70 -17.07 6.04
CA GLY A 19 27.78 -16.29 5.50
C GLY A 19 28.82 -17.26 5.00
N LEU A 20 29.05 -17.26 3.71
CA LEU A 20 29.79 -18.33 3.07
C LEU A 20 30.84 -17.73 2.16
N HIS A 21 31.93 -18.45 1.97
CA HIS A 21 32.91 -18.04 0.99
C HIS A 21 33.62 -19.26 0.42
N TYR A 22 33.99 -19.15 -0.84
CA TYR A 22 34.69 -20.19 -1.57
C TYR A 22 36.05 -19.65 -1.97
N PHE A 23 37.09 -20.43 -1.70
CA PHE A 23 38.43 -20.07 -2.11
C PHE A 23 38.96 -21.15 -3.05
N SER A 24 39.95 -20.75 -3.83
CA SER A 24 40.51 -21.60 -4.87
C SER A 24 41.60 -20.81 -5.58
N LYS A 25 42.51 -21.54 -6.22
CA LYS A 25 43.55 -20.90 -6.98
C LYS A 25 42.96 -20.26 -8.23
N GLY A 26 43.47 -19.11 -8.61
CA GLY A 26 43.01 -18.43 -9.79
C GLY A 26 41.67 -17.74 -9.59
N ASN A 27 41.08 -17.33 -10.72
CA ASN A 27 39.80 -16.63 -10.68
C ASN A 27 38.70 -17.54 -10.15
N GLY A 28 38.82 -18.85 -10.36
CA GLY A 28 37.82 -19.79 -9.92
C GLY A 28 37.00 -20.39 -11.03
N GLU A 29 37.37 -20.19 -12.29
CA GLU A 29 36.63 -20.81 -13.38
C GLU A 29 36.75 -22.33 -13.33
N ASN A 30 37.95 -22.85 -13.07
CA ASN A 30 38.18 -24.28 -13.07
C ASN A 30 38.01 -24.90 -11.69
N SER A 31 37.77 -24.10 -10.66
CA SER A 31 37.59 -24.64 -9.32
C SER A 31 36.36 -25.53 -9.26
N TYR A 32 36.45 -26.57 -8.44
CA TYR A 32 35.34 -27.51 -8.30
C TYR A 32 34.04 -26.77 -8.03
N GLY A 33 33.99 -25.99 -6.94
CA GLY A 33 32.78 -25.32 -6.54
C GLY A 33 32.70 -23.92 -7.11
N GLY A 34 33.80 -23.18 -7.00
CA GLY A 34 33.87 -21.81 -7.44
C GLY A 34 34.81 -21.01 -6.55
N ASN A 35 34.51 -19.73 -6.40
CA ASN A 35 35.31 -18.85 -5.57
C ASN A 35 34.53 -17.57 -5.28
N GLY A 36 34.76 -16.99 -4.12
CA GLY A 36 34.16 -15.74 -3.73
C GLY A 36 33.16 -15.89 -2.60
N ASP A 37 32.27 -14.90 -2.51
CA ASP A 37 31.25 -14.86 -1.47
C ASP A 37 29.99 -15.57 -1.94
N MET A 38 29.53 -16.53 -1.15
CA MET A 38 28.33 -17.29 -1.47
C MET A 38 27.29 -17.20 -0.36
N THR A 39 27.23 -16.07 0.33
CA THR A 39 26.28 -15.93 1.43
C THR A 39 24.85 -16.00 0.91
N TYR A 40 24.00 -16.71 1.64
CA TYR A 40 22.60 -16.82 1.24
C TYR A 40 21.73 -17.09 2.46
N ALA A 41 20.46 -16.67 2.37
CA ALA A 41 19.47 -16.89 3.42
C ALA A 41 18.26 -17.60 2.85
N ARG A 42 17.78 -18.61 3.57
CA ARG A 42 16.60 -19.37 3.15
C ARG A 42 15.51 -19.19 4.17
N LEU A 43 14.26 -19.07 3.70
CA LEU A 43 13.09 -18.94 4.58
C LEU A 43 12.03 -19.94 4.16
N GLY A 44 11.33 -20.52 5.13
CA GLY A 44 10.30 -21.49 4.83
C GLY A 44 9.38 -21.69 6.00
N PHE A 45 8.21 -22.26 5.71
CA PHE A 45 7.20 -22.52 6.73
C PHE A 45 6.64 -23.92 6.57
N LYS A 46 6.52 -24.62 7.69
CA LYS A 46 5.86 -25.91 7.74
C LYS A 46 4.63 -25.80 8.64
N GLY A 47 3.56 -26.51 8.26
CA GLY A 47 2.32 -26.44 9.01
C GLY A 47 1.58 -27.76 9.06
N GLU A 48 1.02 -28.09 10.22
CA GLU A 48 0.25 -29.31 10.37
C GLU A 48 -1.07 -28.99 11.06
N THR A 49 -2.03 -29.89 10.88
CA THR A 49 -3.34 -29.76 11.54
C THR A 49 -4.01 -31.12 11.55
N GLN A 50 -4.35 -31.62 12.74
CA GLN A 50 -5.01 -32.92 12.87
C GLN A 50 -6.51 -32.73 12.60
N ILE A 51 -6.90 -32.99 11.35
CA ILE A 51 -8.31 -32.89 11.00
C ILE A 51 -9.12 -33.88 11.82
N ASN A 52 -8.62 -35.12 11.91
CA ASN A 52 -9.23 -36.15 12.72
C ASN A 52 -8.13 -36.82 13.52
N SER A 53 -8.55 -37.67 14.46
CA SER A 53 -7.57 -38.44 15.21
C SER A 53 -6.70 -39.25 14.27
N ASP A 54 -7.32 -39.86 13.26
CA ASP A 54 -6.62 -40.72 12.32
C ASP A 54 -6.19 -40.02 11.05
N LEU A 55 -6.60 -38.76 10.85
CA LEU A 55 -6.31 -38.03 9.62
C LEU A 55 -5.81 -36.63 9.96
N THR A 56 -4.63 -36.29 9.46
CA THR A 56 -4.05 -34.96 9.61
C THR A 56 -3.53 -34.46 8.26
N GLY A 57 -3.59 -33.14 8.08
CA GLY A 57 -3.10 -32.51 6.86
C GLY A 57 -1.92 -31.59 7.13
N TYR A 58 -0.94 -31.61 6.22
CA TYR A 58 0.28 -30.84 6.38
C TYR A 58 0.65 -30.12 5.08
N GLY A 59 1.26 -28.95 5.24
CA GLY A 59 1.77 -28.16 4.12
C GLY A 59 3.15 -27.57 4.42
N GLN A 60 4.08 -27.67 3.48
CA GLN A 60 5.43 -27.18 3.67
C GLN A 60 5.89 -26.39 2.45
N TRP A 61 6.62 -25.30 2.70
CA TRP A 61 7.14 -24.46 1.63
C TRP A 61 8.50 -23.90 2.03
N GLU A 62 9.42 -23.83 1.06
CA GLU A 62 10.74 -23.26 1.29
C GLU A 62 11.19 -22.42 0.11
N TYR A 63 11.86 -21.32 0.40
CA TYR A 63 12.45 -20.45 -0.61
C TYR A 63 13.89 -20.15 -0.21
N ASN A 64 14.71 -19.86 -1.21
CA ASN A 64 16.10 -19.54 -1.03
C ASN A 64 16.35 -18.21 -1.72
N PHE A 65 16.96 -17.28 -0.99
CA PHE A 65 17.35 -15.97 -1.50
C PHE A 65 18.86 -15.91 -1.34
N GLN A 66 19.55 -15.48 -2.39
CA GLN A 66 21.00 -15.39 -2.33
C GLN A 66 21.41 -13.96 -2.01
N GLY A 67 22.41 -13.81 -1.16
CA GLY A 67 22.89 -12.50 -0.79
C GLY A 67 24.15 -12.09 -1.53
N ASN A 68 24.82 -13.06 -2.14
CA ASN A 68 26.04 -12.75 -2.87
C ASN A 68 25.75 -11.81 -4.04
N ASN A 69 24.54 -11.81 -4.55
CA ASN A 69 24.20 -11.00 -5.70
C ASN A 69 24.25 -9.52 -5.36
N SER A 70 24.34 -8.69 -6.40
CA SER A 70 24.37 -7.25 -6.23
C SER A 70 22.95 -6.69 -6.21
N GLU A 71 22.84 -5.37 -6.13
CA GLU A 71 21.55 -4.69 -6.15
C GLU A 71 21.15 -4.23 -7.55
N GLY A 72 21.93 -4.57 -8.57
CA GLY A 72 21.60 -4.19 -9.93
C GLY A 72 20.70 -5.19 -10.61
N ALA A 73 20.90 -5.39 -11.91
CA ALA A 73 20.04 -6.29 -12.66
C ALA A 73 20.15 -7.72 -12.15
N ASP A 74 21.24 -8.06 -11.47
CA ASP A 74 21.50 -9.42 -11.03
C ASP A 74 21.03 -9.69 -9.61
N ALA A 75 20.17 -8.84 -9.05
CA ALA A 75 19.71 -9.04 -7.68
C ALA A 75 19.01 -10.39 -7.53
N GLN A 76 18.16 -10.75 -8.50
CA GLN A 76 17.37 -11.96 -8.40
C GLN A 76 18.12 -13.21 -8.79
N THR A 77 19.34 -13.10 -9.28
CA THR A 77 20.10 -14.27 -9.69
C THR A 77 20.26 -15.24 -8.53
N GLY A 78 19.90 -16.50 -8.77
CA GLY A 78 20.04 -17.52 -7.76
C GLY A 78 18.94 -17.54 -6.73
N ASN A 79 17.88 -16.76 -6.92
CA ASN A 79 16.76 -16.72 -6.00
C ASN A 79 15.66 -17.63 -6.55
N LYS A 80 15.11 -18.50 -5.70
CA LYS A 80 14.15 -19.47 -6.20
C LYS A 80 13.35 -20.04 -5.03
N THR A 81 12.33 -20.83 -5.35
CA THR A 81 11.56 -21.57 -4.37
C THR A 81 11.96 -23.03 -4.45
N ARG A 82 12.53 -23.56 -3.37
CA ARG A 82 12.97 -24.96 -3.40
C ARG A 82 11.79 -25.93 -3.28
N LEU A 83 11.05 -25.85 -2.18
CA LEU A 83 9.98 -26.78 -1.87
C LEU A 83 8.67 -26.03 -1.66
N ALA A 84 7.58 -26.57 -2.21
CA ALA A 84 6.27 -26.01 -1.95
C ALA A 84 5.22 -27.10 -2.21
N PHE A 85 4.73 -27.73 -1.15
CA PHE A 85 3.79 -28.82 -1.34
C PHE A 85 2.85 -28.90 -0.15
N ALA A 86 1.91 -29.85 -0.22
CA ALA A 86 1.00 -30.14 0.88
C ALA A 86 0.70 -31.62 0.88
N GLY A 87 -0.12 -32.05 1.82
CA GLY A 87 -0.45 -33.46 1.91
C GLY A 87 -1.07 -33.80 3.24
N LEU A 88 -1.53 -35.05 3.33
CA LEU A 88 -2.29 -35.54 4.46
C LEU A 88 -1.67 -36.84 4.95
N LYS A 89 -1.66 -37.01 6.28
CA LYS A 89 -1.14 -38.21 6.93
C LYS A 89 -2.30 -38.95 7.60
N TYR A 90 -2.68 -40.08 7.04
CA TYR A 90 -3.62 -40.97 7.69
C TYR A 90 -2.93 -41.74 8.82
N ALA A 91 -3.74 -42.37 9.67
CA ALA A 91 -3.20 -43.04 10.85
C ALA A 91 -2.17 -44.08 10.48
N ASP A 92 -2.56 -45.09 9.71
CA ASP A 92 -1.68 -46.22 9.45
C ASP A 92 -1.45 -46.49 7.97
N VAL A 93 -2.47 -46.32 7.13
CA VAL A 93 -2.33 -46.69 5.72
C VAL A 93 -1.13 -45.96 5.12
N GLY A 94 -0.91 -44.72 5.54
CA GLY A 94 0.21 -43.94 5.05
C GLY A 94 -0.14 -42.48 4.91
N SER A 95 0.46 -41.82 3.93
CA SER A 95 0.26 -40.39 3.71
C SER A 95 0.44 -40.09 2.23
N PHE A 96 -0.29 -39.09 1.76
CA PHE A 96 -0.26 -38.72 0.35
C PHE A 96 -0.12 -37.23 0.25
N ASP A 97 0.80 -36.77 -0.59
CA ASP A 97 1.09 -35.36 -0.74
C ASP A 97 1.26 -35.03 -2.22
N TYR A 98 1.25 -33.73 -2.50
CA TYR A 98 1.39 -33.23 -3.86
C TYR A 98 1.98 -31.84 -3.82
N GLY A 99 2.78 -31.53 -4.84
CA GLY A 99 3.35 -30.21 -4.99
C GLY A 99 4.74 -30.20 -5.63
N ARG A 100 5.65 -29.46 -5.02
CA ARG A 100 7.04 -29.39 -5.43
C ARG A 100 7.90 -29.92 -4.30
N ASN A 101 8.52 -31.07 -4.51
CA ASN A 101 9.17 -31.81 -3.44
C ASN A 101 10.30 -32.63 -4.02
N TYR A 102 11.05 -33.26 -3.13
CA TYR A 102 12.16 -34.12 -3.54
C TYR A 102 11.63 -35.37 -4.21
N GLY A 103 12.37 -35.86 -5.21
CA GLY A 103 12.01 -37.10 -5.86
C GLY A 103 12.41 -38.31 -5.05
N VAL A 104 11.66 -39.40 -5.24
CA VAL A 104 11.91 -40.61 -4.46
C VAL A 104 13.40 -40.94 -4.45
N VAL A 105 14.06 -40.77 -5.60
CA VAL A 105 15.46 -41.19 -5.65
C VAL A 105 16.28 -40.34 -4.71
N TYR A 106 15.84 -39.10 -4.47
CA TYR A 106 16.54 -38.29 -3.49
C TYR A 106 16.54 -38.98 -2.14
N ASP A 107 15.48 -39.72 -1.82
CA ASP A 107 15.44 -40.43 -0.56
C ASP A 107 16.66 -41.34 -0.43
N ALA A 108 16.98 -42.08 -1.49
CA ALA A 108 18.18 -42.91 -1.45
C ALA A 108 19.44 -42.07 -1.41
N LEU A 109 19.47 -40.98 -2.18
CA LEU A 109 20.69 -40.19 -2.27
C LEU A 109 20.92 -39.29 -1.07
N GLY A 110 19.97 -39.25 -0.13
CA GLY A 110 20.14 -38.45 1.06
C GLY A 110 21.27 -38.91 1.96
N TYR A 111 21.54 -40.22 1.98
CA TYR A 111 22.55 -40.73 2.90
C TYR A 111 23.90 -40.08 2.65
N THR A 112 24.30 -39.97 1.39
CA THR A 112 25.58 -39.35 1.10
C THR A 112 25.52 -37.84 1.27
N ASP A 113 24.36 -37.23 1.06
CA ASP A 113 24.26 -35.77 1.11
C ASP A 113 24.20 -35.32 2.58
N MET A 114 25.30 -35.57 3.28
CA MET A 114 25.50 -35.12 4.65
C MET A 114 26.64 -34.14 4.77
N LEU A 115 27.23 -33.71 3.65
CA LEU A 115 28.41 -32.88 3.74
C LEU A 115 28.02 -31.47 4.18
N PRO A 116 28.98 -30.70 4.71
CA PRO A 116 28.61 -29.36 5.17
C PRO A 116 28.16 -28.43 4.07
N GLU A 117 28.95 -28.29 3.00
CA GLU A 117 28.61 -27.39 1.90
C GLU A 117 28.54 -28.10 0.56
N PHE A 118 29.60 -28.80 0.16
CA PHE A 118 29.59 -29.50 -1.11
C PHE A 118 28.85 -30.82 -0.95
N GLY A 119 28.80 -31.61 -2.00
CA GLY A 119 28.12 -32.87 -1.92
C GLY A 119 26.79 -32.86 -2.67
N GLY A 120 26.35 -34.05 -3.03
CA GLY A 120 25.12 -34.21 -3.78
C GLY A 120 25.15 -33.56 -5.13
N ASP A 121 26.32 -33.51 -5.77
CA ASP A 121 26.38 -32.91 -7.11
C ASP A 121 25.54 -33.72 -8.08
N THR A 122 25.57 -35.05 -7.94
CA THR A 122 24.76 -35.88 -8.81
C THR A 122 23.29 -35.55 -8.64
N ALA A 123 22.88 -35.19 -7.43
CA ALA A 123 21.47 -34.87 -7.20
C ALA A 123 21.23 -33.45 -7.70
N TYR A 124 21.18 -33.32 -9.02
CA TYR A 124 20.92 -32.04 -9.65
C TYR A 124 19.46 -31.67 -9.43
N SER A 125 19.17 -30.38 -9.50
CA SER A 125 17.80 -29.95 -9.32
C SER A 125 17.09 -29.92 -10.66
N ASP A 126 15.76 -29.98 -10.61
CA ASP A 126 14.95 -30.06 -11.83
C ASP A 126 15.37 -31.23 -12.71
N ASP A 127 16.00 -32.25 -12.15
CA ASP A 127 16.28 -33.49 -12.85
C ASP A 127 15.26 -34.55 -12.47
N PHE A 128 15.23 -35.62 -13.28
CA PHE A 128 14.07 -36.49 -13.32
C PHE A 128 13.63 -36.93 -11.93
N PHE A 129 14.48 -37.68 -11.24
CA PHE A 129 14.13 -38.23 -9.94
C PHE A 129 15.19 -37.96 -8.88
N VAL A 130 16.36 -37.45 -9.26
CA VAL A 130 17.45 -37.35 -8.31
C VAL A 130 17.27 -36.14 -7.40
N GLY A 131 16.69 -35.05 -7.90
CA GLY A 131 16.58 -33.83 -7.14
C GLY A 131 15.14 -33.35 -7.02
N ARG A 132 15.00 -32.22 -6.33
CA ARG A 132 13.69 -31.65 -6.04
C ARG A 132 13.07 -31.06 -7.28
N VAL A 133 11.81 -31.43 -7.55
CA VAL A 133 11.12 -31.02 -8.76
C VAL A 133 9.67 -30.74 -8.42
N GLY A 134 8.99 -30.05 -9.32
CA GLY A 134 7.59 -29.68 -9.16
C GLY A 134 6.71 -30.53 -10.05
N GLY A 135 5.57 -30.95 -9.52
CA GLY A 135 4.64 -31.73 -10.31
C GLY A 135 4.71 -33.20 -10.01
N VAL A 136 4.96 -33.55 -8.75
CA VAL A 136 5.06 -34.93 -8.32
C VAL A 136 3.86 -35.23 -7.44
N ALA A 137 3.36 -36.46 -7.56
CA ALA A 137 2.32 -36.97 -6.67
C ALA A 137 2.88 -38.21 -5.99
N THR A 138 2.99 -38.16 -4.68
CA THR A 138 3.66 -39.20 -3.92
C THR A 138 2.74 -39.80 -2.89
N TYR A 139 2.84 -41.11 -2.74
CA TYR A 139 2.19 -41.86 -1.67
C TYR A 139 3.30 -42.51 -0.86
N ARG A 140 3.13 -42.54 0.46
CA ARG A 140 4.14 -43.10 1.32
C ARG A 140 3.51 -43.99 2.38
N ASN A 141 4.19 -45.09 2.70
CA ASN A 141 3.78 -46.04 3.71
C ASN A 141 4.88 -46.11 4.74
N SER A 142 4.49 -46.04 6.02
CA SER A 142 5.40 -46.11 7.16
C SER A 142 5.25 -47.46 7.83
N ASN A 143 6.36 -48.19 7.93
CA ASN A 143 6.38 -49.49 8.59
C ASN A 143 5.41 -50.46 7.93
N PHE A 144 5.19 -50.28 6.62
CA PHE A 144 4.31 -51.13 5.83
C PHE A 144 2.95 -51.28 6.49
N PHE A 145 2.28 -50.14 6.67
CA PHE A 145 0.98 -50.09 7.31
C PHE A 145 1.09 -50.43 8.80
N GLY A 146 2.27 -50.16 9.36
CA GLY A 146 2.51 -50.51 10.74
C GLY A 146 2.72 -51.98 10.95
N LEU A 147 2.94 -52.74 9.88
CA LEU A 147 3.14 -54.18 10.00
C LEU A 147 4.55 -54.49 10.45
N VAL A 148 5.54 -53.95 9.76
CA VAL A 148 6.95 -54.22 10.04
C VAL A 148 7.61 -52.90 10.40
N ASP A 149 8.15 -52.81 11.60
CA ASP A 149 8.76 -51.58 12.05
C ASP A 149 10.07 -51.32 11.31
N GLY A 150 10.28 -50.07 10.91
CA GLY A 150 11.52 -49.66 10.29
C GLY A 150 11.57 -49.83 8.79
N LEU A 151 10.62 -50.54 8.20
CA LEU A 151 10.56 -50.77 6.76
C LEU A 151 9.42 -49.92 6.21
N ASN A 152 9.76 -48.94 5.38
CA ASN A 152 8.78 -48.04 4.78
C ASN A 152 9.04 -47.91 3.30
N PHE A 153 7.97 -47.71 2.53
CA PHE A 153 8.10 -47.62 1.09
C PHE A 153 7.27 -46.46 0.54
N ALA A 154 7.67 -45.94 -0.61
CA ALA A 154 6.97 -44.83 -1.23
C ALA A 154 6.93 -45.02 -2.73
N VAL A 155 5.90 -44.45 -3.35
CA VAL A 155 5.70 -44.49 -4.78
C VAL A 155 5.38 -43.08 -5.25
N GLN A 156 5.82 -42.75 -6.46
CA GLN A 156 5.71 -41.39 -6.94
C GLN A 156 5.45 -41.36 -8.43
N TYR A 157 4.47 -40.56 -8.84
CA TYR A 157 4.16 -40.31 -10.24
C TYR A 157 4.61 -38.89 -10.56
N LEU A 158 5.14 -38.70 -11.77
CA LEU A 158 5.73 -37.43 -12.17
C LEU A 158 5.02 -36.91 -13.41
N GLY A 159 4.21 -35.86 -13.21
CA GLY A 159 3.57 -35.22 -14.35
C GLY A 159 4.58 -34.58 -15.28
N LYS A 160 4.28 -34.63 -16.57
CA LYS A 160 5.18 -34.10 -17.58
C LYS A 160 5.32 -32.58 -17.39
N ASN A 161 6.52 -32.06 -17.63
CA ASN A 161 6.77 -30.62 -17.58
C ASN A 161 7.45 -30.22 -18.88
N GLU A 162 6.78 -29.38 -19.67
CA GLU A 162 7.31 -28.88 -20.93
C GLU A 162 7.84 -27.47 -20.71
N ARG A 163 9.13 -27.36 -20.46
CA ARG A 163 9.79 -26.07 -20.26
C ARG A 163 10.62 -25.70 -21.49
N ASP A 164 11.25 -24.52 -21.41
CA ASP A 164 12.04 -24.02 -22.53
C ASP A 164 13.31 -24.82 -22.74
N THR A 165 13.90 -25.35 -21.69
CA THR A 165 15.19 -26.03 -21.78
C THR A 165 15.04 -27.50 -21.45
N ALA A 166 15.82 -28.33 -22.16
CA ALA A 166 15.79 -29.76 -21.86
C ALA A 166 16.33 -30.01 -20.47
N ARG A 167 17.20 -29.13 -19.98
CA ARG A 167 17.77 -29.30 -18.65
C ARG A 167 16.68 -29.25 -17.59
N ARG A 168 15.68 -28.42 -17.81
CA ARG A 168 14.60 -28.23 -16.84
C ARG A 168 13.30 -28.92 -17.22
N SER A 169 13.25 -29.60 -18.36
CA SER A 169 12.02 -30.22 -18.83
C SER A 169 12.00 -31.71 -18.52
N ASN A 170 10.82 -32.31 -18.67
CA ASN A 170 10.67 -33.73 -18.40
C ASN A 170 9.43 -34.25 -19.12
N GLY A 171 8.97 -35.43 -18.72
CA GLY A 171 7.70 -35.97 -19.19
C GLY A 171 7.07 -36.88 -18.16
N ASP A 172 6.07 -37.66 -18.55
CA ASP A 172 5.46 -38.60 -17.61
C ASP A 172 6.53 -39.53 -17.05
N GLY A 173 6.51 -39.73 -15.74
CA GLY A 173 7.48 -40.59 -15.09
C GLY A 173 6.89 -41.31 -13.91
N VAL A 174 7.60 -42.35 -13.46
CA VAL A 174 7.18 -43.14 -12.32
C VAL A 174 8.42 -43.51 -11.53
N GLY A 175 8.22 -43.80 -10.24
CA GLY A 175 9.33 -44.21 -9.40
C GLY A 175 8.86 -44.76 -8.08
N GLY A 176 9.77 -45.46 -7.41
CA GLY A 176 9.50 -46.05 -6.11
C GLY A 176 10.78 -46.12 -5.30
N SER A 177 10.60 -46.27 -3.99
CA SER A 177 11.73 -46.32 -3.07
C SER A 177 11.34 -47.07 -1.81
N ILE A 178 12.27 -47.86 -1.27
CA ILE A 178 12.04 -48.61 -0.04
C ILE A 178 13.24 -48.40 0.88
N SER A 179 12.96 -48.30 2.18
CA SER A 179 13.98 -48.03 3.19
C SER A 179 13.69 -48.85 4.43
N TYR A 180 14.63 -49.70 4.85
CA TYR A 180 14.53 -50.47 6.07
C TYR A 180 15.60 -50.02 7.05
N GLU A 181 15.17 -49.49 8.20
CA GLU A 181 16.06 -49.11 9.28
C GLU A 181 15.90 -50.10 10.42
N TYR A 182 16.98 -50.77 10.80
CA TYR A 182 16.94 -51.75 11.88
C TYR A 182 18.16 -51.58 12.77
N GLU A 183 17.94 -51.25 14.05
CA GLU A 183 18.99 -51.26 15.06
C GLU A 183 20.13 -50.30 14.70
N GLY A 184 19.81 -49.24 13.96
CA GLY A 184 20.83 -48.29 13.56
C GLY A 184 21.20 -48.47 12.11
N PHE A 185 21.28 -49.71 11.65
CA PHE A 185 21.57 -49.95 10.24
C PHE A 185 20.45 -49.43 9.36
N GLY A 186 20.80 -49.07 8.13
CA GLY A 186 19.80 -48.61 7.18
C GLY A 186 20.09 -49.06 5.76
N ILE A 187 19.06 -49.49 5.04
CA ILE A 187 19.20 -49.93 3.66
C ILE A 187 18.09 -49.27 2.86
N VAL A 188 18.38 -48.95 1.60
CA VAL A 188 17.39 -48.30 0.76
C VAL A 188 17.64 -48.71 -0.69
N GLY A 189 16.57 -48.71 -1.46
CA GLY A 189 16.64 -48.93 -2.89
C GLY A 189 15.56 -48.15 -3.61
N ALA A 190 15.93 -47.39 -4.62
CA ALA A 190 14.99 -46.55 -5.35
C ALA A 190 15.21 -46.69 -6.85
N TYR A 191 14.12 -46.57 -7.59
CA TYR A 191 14.16 -46.70 -9.04
C TYR A 191 13.17 -45.70 -9.63
N GLY A 192 13.58 -45.05 -10.72
CA GLY A 192 12.72 -44.14 -11.44
C GLY A 192 12.93 -44.24 -12.94
N ALA A 193 11.84 -44.15 -13.70
CA ALA A 193 11.90 -44.24 -15.15
C ALA A 193 10.89 -43.27 -15.73
N ALA A 194 11.26 -42.61 -16.82
CA ALA A 194 10.40 -41.63 -17.45
C ALA A 194 10.77 -41.53 -18.91
N ASP A 195 9.95 -40.82 -19.68
CA ASP A 195 10.18 -40.65 -21.10
C ASP A 195 10.72 -39.24 -21.36
N ARG A 196 11.71 -39.14 -22.23
CA ARG A 196 12.29 -37.86 -22.58
C ARG A 196 11.40 -37.17 -23.61
N THR A 197 11.26 -35.86 -23.48
CA THR A 197 10.44 -35.12 -24.43
C THR A 197 11.19 -34.90 -25.73
N ASN A 198 10.45 -34.45 -26.75
CA ASN A 198 11.07 -34.20 -28.04
C ASN A 198 12.18 -33.17 -27.90
N LEU A 199 11.96 -32.14 -27.08
CA LEU A 199 12.98 -31.13 -26.88
C LEU A 199 14.26 -31.77 -26.35
N GLN A 200 14.11 -32.76 -25.48
CA GLN A 200 15.26 -33.44 -24.91
C GLN A 200 16.02 -34.21 -25.98
N GLU A 201 15.29 -34.91 -26.85
CA GLU A 201 15.95 -35.66 -27.92
C GLU A 201 16.76 -34.71 -28.79
N ALA A 202 16.26 -33.49 -28.98
CA ALA A 202 16.93 -32.52 -29.82
C ALA A 202 18.34 -32.22 -29.34
N GLN A 203 18.69 -32.55 -28.09
CA GLN A 203 20.05 -32.31 -27.64
C GLN A 203 21.05 -33.04 -28.53
N PRO A 204 22.22 -32.45 -28.75
CA PRO A 204 23.21 -33.15 -29.58
C PRO A 204 23.65 -34.45 -28.92
N LEU A 205 23.89 -34.42 -27.61
CA LEU A 205 24.25 -35.63 -26.89
C LEU A 205 22.98 -36.33 -26.41
N GLY A 206 23.12 -37.61 -26.09
CA GLY A 206 21.94 -38.35 -25.67
C GLY A 206 21.20 -38.97 -26.84
N ASN A 207 20.63 -40.15 -26.59
CA ASN A 207 19.87 -40.85 -27.60
C ASN A 207 18.91 -41.80 -26.91
N GLY A 208 17.71 -41.89 -27.44
CA GLY A 208 16.66 -42.69 -26.83
C GLY A 208 15.66 -41.82 -26.10
N LYS A 209 14.57 -42.47 -25.69
CA LYS A 209 13.45 -41.80 -25.03
C LYS A 209 13.36 -42.11 -23.54
N LYS A 210 13.60 -43.35 -23.16
CA LYS A 210 13.49 -43.77 -21.76
C LYS A 210 14.68 -43.27 -20.96
N ALA A 211 14.47 -42.19 -20.21
CA ALA A 211 15.46 -41.69 -19.27
C ALA A 211 15.26 -42.42 -17.95
N GLU A 212 16.29 -43.14 -17.50
CA GLU A 212 16.15 -44.06 -16.37
C GLU A 212 17.20 -43.76 -15.32
N GLN A 213 16.80 -43.78 -14.05
CA GLN A 213 17.70 -43.62 -12.92
C GLN A 213 17.37 -44.68 -11.88
N TRP A 214 18.38 -45.16 -11.17
CA TRP A 214 18.11 -46.01 -10.02
C TRP A 214 19.33 -46.02 -9.12
N ALA A 215 19.11 -46.36 -7.86
CA ALA A 215 20.14 -46.17 -6.85
C ALA A 215 19.88 -47.10 -5.68
N THR A 216 20.95 -47.42 -4.98
CA THR A 216 20.91 -48.28 -3.81
C THR A 216 21.79 -47.64 -2.75
N GLY A 217 21.31 -47.62 -1.52
CA GLY A 217 22.00 -46.94 -0.45
C GLY A 217 22.10 -47.79 0.80
N LEU A 218 23.22 -47.66 1.48
CA LEU A 218 23.47 -48.40 2.72
C LEU A 218 24.06 -47.42 3.71
N LYS A 219 23.80 -47.64 4.99
CA LYS A 219 24.35 -46.73 5.99
C LYS A 219 24.31 -47.36 7.36
N TYR A 220 25.09 -46.77 8.26
CA TYR A 220 24.98 -47.04 9.69
C TYR A 220 25.21 -45.75 10.42
N ASP A 221 24.22 -45.32 11.22
CA ASP A 221 24.32 -44.07 11.95
C ASP A 221 23.91 -44.33 13.39
N ALA A 222 24.82 -44.07 14.33
CA ALA A 222 24.55 -44.24 15.74
C ALA A 222 25.82 -43.87 16.50
N ASN A 223 25.68 -43.72 17.81
CA ASN A 223 26.84 -43.58 18.69
C ASN A 223 27.77 -42.46 18.21
N ASN A 224 27.19 -41.41 17.62
CA ASN A 224 27.93 -40.26 17.09
C ASN A 224 28.75 -40.60 15.85
N ILE A 225 28.27 -41.54 15.05
CA ILE A 225 28.95 -42.02 13.86
C ILE A 225 27.93 -42.06 12.73
N TYR A 226 28.38 -41.87 11.50
CA TYR A 226 27.49 -41.94 10.34
C TYR A 226 28.29 -42.39 9.13
N LEU A 227 28.02 -43.61 8.67
CA LEU A 227 28.62 -44.19 7.47
C LEU A 227 27.53 -44.33 6.41
N ALA A 228 27.90 -44.10 5.15
CA ALA A 228 26.92 -44.15 4.07
C ALA A 228 27.61 -44.46 2.75
N ALA A 229 26.90 -45.22 1.90
CA ALA A 229 27.43 -45.65 0.61
C ALA A 229 26.27 -45.80 -0.38
N ASN A 230 26.19 -44.89 -1.35
CA ASN A 230 25.16 -44.94 -2.39
C ASN A 230 25.78 -45.21 -3.76
N TYR A 231 25.27 -46.24 -4.44
CA TYR A 231 25.68 -46.60 -5.79
C TYR A 231 24.47 -46.47 -6.70
N GLY A 232 24.57 -45.61 -7.70
CA GLY A 232 23.46 -45.38 -8.61
C GLY A 232 23.85 -45.42 -10.07
N GLU A 233 22.96 -45.99 -10.90
CA GLU A 233 23.18 -46.07 -12.34
C GLU A 233 21.99 -45.48 -13.07
N THR A 234 22.27 -44.80 -14.17
CA THR A 234 21.25 -44.12 -14.96
C THR A 234 21.59 -44.20 -16.43
N ARG A 235 20.56 -44.05 -17.26
CA ARG A 235 20.68 -43.98 -18.70
C ARG A 235 19.98 -42.73 -19.20
N ASN A 236 20.65 -41.98 -20.07
CA ASN A 236 20.08 -40.79 -20.72
C ASN A 236 19.38 -39.87 -19.72
N ALA A 237 20.00 -39.69 -18.54
CA ALA A 237 19.37 -38.91 -17.48
C ALA A 237 20.24 -37.78 -16.93
N THR A 238 21.56 -37.97 -16.88
CA THR A 238 22.42 -36.99 -16.23
C THR A 238 22.83 -35.89 -17.20
N PRO A 239 22.79 -34.63 -16.78
CA PRO A 239 23.20 -33.54 -17.68
C PRO A 239 24.70 -33.39 -17.77
N ILE A 240 25.16 -32.95 -18.93
CA ILE A 240 26.58 -32.80 -19.21
C ILE A 240 26.78 -31.62 -20.16
N THR A 241 27.85 -30.85 -19.94
CA THR A 241 28.16 -29.68 -20.73
C THR A 241 29.61 -29.71 -21.18
N ASN A 242 29.86 -29.30 -22.41
CA ASN A 242 31.19 -29.27 -23.02
C ASN A 242 31.58 -27.84 -23.29
N LYS A 243 32.53 -27.34 -22.49
CA LYS A 243 33.03 -25.98 -22.65
C LYS A 243 33.77 -25.82 -23.98
N PHE A 244 34.54 -26.84 -24.37
CA PHE A 244 35.30 -26.74 -25.62
C PHE A 244 34.34 -26.57 -26.79
N THR A 245 33.26 -27.34 -26.78
CA THR A 245 32.26 -27.26 -27.84
C THR A 245 31.15 -26.29 -27.48
N ASN A 246 31.06 -25.90 -26.21
CA ASN A 246 29.99 -25.05 -25.73
C ASN A 246 28.65 -25.65 -26.10
N THR A 247 28.55 -26.96 -25.93
CA THR A 247 27.34 -27.71 -26.26
C THR A 247 26.99 -28.61 -25.08
N SER A 248 25.70 -28.80 -24.84
CA SER A 248 25.27 -29.59 -23.70
C SER A 248 24.42 -30.76 -24.17
N GLY A 249 23.95 -31.53 -23.20
CA GLY A 249 23.08 -32.65 -23.46
C GLY A 249 23.07 -33.58 -22.28
N PHE A 250 22.76 -34.85 -22.56
CA PHE A 250 22.67 -35.85 -21.52
C PHE A 250 23.61 -37.02 -21.83
N ALA A 251 23.81 -37.83 -20.80
CA ALA A 251 24.74 -38.96 -20.84
C ALA A 251 24.00 -40.24 -21.20
N ASN A 252 24.45 -40.92 -22.25
CA ASN A 252 23.83 -42.19 -22.62
C ASN A 252 23.85 -43.17 -21.46
N LYS A 253 24.93 -43.18 -20.67
CA LYS A 253 25.01 -44.06 -19.52
C LYS A 253 25.81 -43.36 -18.44
N THR A 254 25.48 -43.64 -17.18
CA THR A 254 26.19 -43.05 -16.06
C THR A 254 26.19 -43.98 -14.87
N GLN A 255 27.35 -44.12 -14.23
CA GLN A 255 27.52 -44.78 -12.95
C GLN A 255 28.04 -43.78 -11.94
N ASP A 256 27.47 -43.79 -10.73
CA ASP A 256 27.86 -42.87 -9.68
C ASP A 256 28.04 -43.65 -8.39
N VAL A 257 29.11 -43.32 -7.66
CA VAL A 257 29.43 -43.96 -6.39
C VAL A 257 29.77 -42.87 -5.40
N LEU A 258 29.13 -42.93 -4.24
CA LEU A 258 29.31 -41.96 -3.18
C LEU A 258 29.53 -42.68 -1.87
N LEU A 259 30.47 -42.18 -1.07
CA LEU A 259 30.82 -42.78 0.20
C LEU A 259 31.09 -41.66 1.19
N VAL A 260 30.54 -41.79 2.39
CA VAL A 260 30.66 -40.77 3.42
C VAL A 260 30.93 -41.45 4.75
N ALA A 261 31.77 -40.82 5.55
CA ALA A 261 32.08 -41.29 6.90
C ALA A 261 32.29 -40.05 7.76
N GLN A 262 31.36 -39.81 8.69
CA GLN A 262 31.41 -38.65 9.55
C GLN A 262 31.31 -39.08 11.01
N TYR A 263 32.16 -38.50 11.85
CA TYR A 263 32.08 -38.69 13.28
C TYR A 263 31.65 -37.40 13.95
N GLN A 264 30.97 -37.53 15.09
CA GLN A 264 30.50 -36.39 15.83
C GLN A 264 30.98 -36.52 17.27
N PHE A 265 31.27 -35.39 17.88
CA PHE A 265 31.73 -35.36 19.25
C PHE A 265 30.72 -34.65 20.12
N ASP A 266 30.78 -34.92 21.42
CA ASP A 266 29.86 -34.29 22.34
C ASP A 266 30.03 -32.78 22.33
N PHE A 267 31.25 -32.30 22.12
CA PHE A 267 31.52 -30.85 22.18
C PHE A 267 31.35 -30.21 20.80
N GLY A 268 30.17 -30.42 20.24
CA GLY A 268 29.79 -29.73 19.02
C GLY A 268 30.82 -29.76 17.91
N LEU A 269 31.37 -30.93 17.62
CA LEU A 269 32.33 -31.07 16.52
C LEU A 269 31.96 -32.29 15.69
N ARG A 270 32.21 -32.18 14.39
CA ARG A 270 31.88 -33.26 13.45
C ARG A 270 32.83 -33.27 12.28
N PRO A 271 33.97 -33.96 12.39
CA PRO A 271 34.83 -34.13 11.23
C PRO A 271 34.15 -35.05 10.23
N SER A 272 34.41 -34.81 8.95
CA SER A 272 33.73 -35.55 7.90
C SER A 272 34.71 -35.93 6.81
N ILE A 273 34.43 -37.06 6.15
CA ILE A 273 35.21 -37.55 5.02
C ILE A 273 34.23 -38.04 3.98
N ALA A 274 34.55 -37.79 2.70
CA ALA A 274 33.68 -38.22 1.62
C ALA A 274 34.51 -38.53 0.38
N TYR A 275 34.28 -39.70 -0.20
CA TYR A 275 34.77 -40.04 -1.51
C TYR A 275 33.62 -40.02 -2.50
N THR A 276 33.93 -39.70 -3.75
CA THR A 276 32.91 -39.54 -4.76
C THR A 276 33.49 -39.89 -6.13
N LYS A 277 32.62 -40.36 -7.02
CA LYS A 277 33.03 -40.62 -8.39
C LYS A 277 31.79 -40.77 -9.27
N SER A 278 31.91 -40.30 -10.50
CA SER A 278 30.85 -40.45 -11.48
C SER A 278 31.48 -40.62 -12.85
N LYS A 279 31.15 -41.71 -13.53
CA LYS A 279 31.66 -41.97 -14.87
C LYS A 279 30.49 -42.13 -15.84
N ALA A 280 30.50 -41.32 -16.89
CA ALA A 280 29.52 -41.41 -17.96
C ALA A 280 30.12 -42.27 -19.06
N LYS A 281 29.28 -43.05 -19.70
CA LYS A 281 29.69 -43.96 -20.75
C LYS A 281 28.82 -43.78 -21.98
N ASP A 282 29.40 -44.18 -23.11
CA ASP A 282 28.75 -44.08 -24.42
C ASP A 282 28.35 -42.65 -24.74
N VAL A 283 29.21 -41.71 -24.34
CA VAL A 283 28.97 -40.31 -24.67
C VAL A 283 29.19 -40.10 -26.16
N GLU A 284 28.37 -39.26 -26.76
CA GLU A 284 28.44 -39.05 -28.20
C GLU A 284 29.71 -38.27 -28.53
N GLY A 285 30.71 -38.97 -29.06
CA GLY A 285 31.95 -38.35 -29.45
C GLY A 285 32.98 -38.26 -28.36
N ILE A 286 32.65 -38.66 -27.13
CA ILE A 286 33.58 -38.59 -26.02
C ILE A 286 33.72 -39.94 -25.35
N GLY A 287 33.10 -40.97 -25.93
CA GLY A 287 33.21 -42.30 -25.35
C GLY A 287 32.81 -42.28 -23.88
N ASP A 288 33.67 -42.83 -23.03
CA ASP A 288 33.46 -42.85 -21.59
C ASP A 288 34.43 -41.87 -20.94
N VAL A 289 33.91 -41.14 -19.95
CA VAL A 289 34.67 -40.08 -19.28
C VAL A 289 34.15 -39.97 -17.86
N ASP A 290 34.94 -39.35 -16.99
CA ASP A 290 34.57 -39.13 -15.60
C ASP A 290 34.12 -37.70 -15.42
N LEU A 291 32.89 -37.51 -14.94
CA LEU A 291 32.36 -36.17 -14.68
C LEU A 291 32.92 -35.59 -13.40
N VAL A 292 32.98 -36.37 -12.33
CA VAL A 292 33.48 -35.87 -11.06
C VAL A 292 34.26 -37.00 -10.38
N ASN A 293 35.41 -36.64 -9.80
CA ASN A 293 36.24 -37.61 -9.11
C ASN A 293 37.09 -36.82 -8.12
N TYR A 294 36.72 -36.87 -6.84
CA TYR A 294 37.36 -36.04 -5.85
C TYR A 294 37.25 -36.67 -4.46
N PHE A 295 38.09 -36.19 -3.56
CA PHE A 295 37.98 -36.47 -2.13
C PHE A 295 37.46 -35.24 -1.42
N GLU A 296 36.84 -35.47 -0.27
CA GLU A 296 36.49 -34.41 0.67
C GLU A 296 37.26 -34.58 1.96
N VAL A 297 37.65 -33.46 2.56
CA VAL A 297 38.17 -33.44 3.93
C VAL A 297 37.63 -32.17 4.58
N GLY A 298 36.77 -32.32 5.58
CA GLY A 298 36.17 -31.14 6.16
C GLY A 298 35.75 -31.35 7.60
N ALA A 299 35.10 -30.34 8.17
CA ALA A 299 34.73 -30.39 9.57
C ALA A 299 33.61 -29.38 9.81
N THR A 300 32.95 -29.54 10.95
CA THR A 300 31.86 -28.66 11.33
C THR A 300 31.79 -28.57 12.84
N TYR A 301 31.82 -27.35 13.36
CA TYR A 301 31.60 -27.12 14.78
C TYR A 301 30.16 -26.68 14.96
N TYR A 302 29.44 -27.39 15.81
CA TYR A 302 28.05 -27.07 16.11
C TYR A 302 28.02 -26.41 17.46
N PHE A 303 28.02 -25.07 17.46
CA PHE A 303 27.84 -24.33 18.70
C PHE A 303 26.53 -24.72 19.37
N ASN A 304 25.48 -24.88 18.59
CA ASN A 304 24.20 -25.36 19.08
C ASN A 304 23.39 -25.70 17.84
N LYS A 305 22.14 -26.08 18.05
CA LYS A 305 21.28 -26.38 16.90
C LYS A 305 21.10 -25.14 16.03
N ASN A 306 21.03 -23.96 16.64
CA ASN A 306 20.75 -22.73 15.91
C ASN A 306 22.00 -22.02 15.39
N MET A 307 23.20 -22.41 15.81
CA MET A 307 24.43 -21.74 15.39
C MET A 307 25.48 -22.77 15.03
N SER A 308 26.16 -22.59 13.90
CA SER A 308 27.18 -23.55 13.51
C SER A 308 28.16 -22.90 12.55
N THR A 309 29.34 -23.52 12.45
CA THR A 309 30.39 -23.10 11.54
C THR A 309 30.96 -24.34 10.88
N TYR A 310 31.51 -24.19 9.68
CA TYR A 310 32.02 -25.37 8.99
C TYR A 310 33.01 -24.99 7.90
N VAL A 311 33.76 -26.00 7.47
CA VAL A 311 34.80 -25.86 6.46
C VAL A 311 34.85 -27.16 5.66
N ASP A 312 35.20 -27.04 4.38
CA ASP A 312 35.32 -28.21 3.53
C ASP A 312 36.40 -27.98 2.48
N TYR A 313 37.36 -28.89 2.39
CA TYR A 313 38.43 -28.82 1.41
C TYR A 313 38.27 -29.97 0.43
N ILE A 314 38.06 -29.65 -0.83
CA ILE A 314 37.75 -30.61 -1.88
C ILE A 314 39.01 -30.82 -2.70
N ILE A 315 39.53 -32.05 -2.65
CA ILE A 315 40.70 -32.45 -3.42
C ILE A 315 40.16 -33.01 -4.72
N ASN A 316 40.06 -32.14 -5.73
CA ASN A 316 39.59 -32.53 -7.06
C ASN A 316 40.66 -33.35 -7.79
N GLN A 317 40.36 -34.61 -8.05
CA GLN A 317 41.28 -35.47 -8.78
C GLN A 317 41.08 -35.38 -10.28
N ILE A 318 40.10 -34.62 -10.74
CA ILE A 318 39.86 -34.48 -12.16
C ILE A 318 41.08 -33.88 -12.84
N ASP A 319 41.43 -34.41 -14.00
CA ASP A 319 42.57 -33.92 -14.75
C ASP A 319 42.15 -32.77 -15.67
N SER A 320 43.12 -31.92 -16.00
CA SER A 320 42.84 -30.79 -16.90
C SER A 320 42.44 -31.24 -18.29
N ASP A 321 43.04 -32.33 -18.79
CA ASP A 321 42.77 -32.82 -20.14
C ASP A 321 41.39 -33.46 -20.26
N ASN A 322 40.60 -33.49 -19.19
CA ASN A 322 39.27 -34.08 -19.27
C ASN A 322 38.50 -33.55 -20.47
N LYS A 323 37.77 -34.45 -21.12
CA LYS A 323 37.13 -34.19 -22.41
C LYS A 323 35.75 -33.55 -22.25
N LEU A 324 35.53 -32.76 -21.20
CA LEU A 324 34.26 -32.05 -21.09
C LEU A 324 34.45 -30.67 -20.48
N GLY A 325 35.67 -30.13 -20.48
CA GLY A 325 35.89 -28.83 -19.91
C GLY A 325 35.57 -28.75 -18.44
N VAL A 326 35.51 -29.89 -17.76
CA VAL A 326 35.16 -29.91 -16.34
C VAL A 326 36.27 -29.23 -15.54
N GLY A 327 35.89 -28.62 -14.42
CA GLY A 327 36.86 -27.98 -13.55
C GLY A 327 37.76 -29.01 -12.91
N SER A 328 39.05 -28.99 -13.26
CA SER A 328 40.02 -29.92 -12.70
C SER A 328 40.84 -29.30 -11.58
N ASP A 329 40.27 -28.38 -10.82
CA ASP A 329 40.98 -27.69 -9.75
C ASP A 329 40.38 -28.06 -8.40
N ASP A 330 41.20 -28.02 -7.36
CA ASP A 330 40.71 -28.23 -6.01
C ASP A 330 39.86 -27.04 -5.60
N THR A 331 39.38 -27.06 -4.35
CA THR A 331 38.59 -25.94 -3.87
C THR A 331 38.47 -26.05 -2.36
N VAL A 332 38.05 -24.96 -1.72
CA VAL A 332 37.73 -25.00 -0.30
C VAL A 332 36.62 -24.01 -0.03
N ALA A 333 35.85 -24.26 1.02
CA ALA A 333 34.75 -23.39 1.40
C ALA A 333 34.68 -23.26 2.92
N VAL A 334 34.34 -22.06 3.39
CA VAL A 334 34.22 -21.78 4.81
C VAL A 334 32.91 -21.04 5.03
N GLY A 335 32.10 -21.56 5.96
CA GLY A 335 30.76 -21.06 6.15
C GLY A 335 30.39 -20.95 7.61
N ILE A 336 29.51 -20.00 7.90
CA ILE A 336 28.94 -19.82 9.23
C ILE A 336 27.45 -19.69 9.05
N VAL A 337 26.68 -20.26 9.97
CA VAL A 337 25.25 -20.45 9.79
C VAL A 337 24.53 -20.10 11.08
N TYR A 338 23.46 -19.32 10.95
CA TYR A 338 22.46 -19.15 11.99
C TYR A 338 21.14 -19.69 11.45
N GLN A 339 20.39 -20.39 12.29
CA GLN A 339 19.15 -20.97 11.80
C GLN A 339 18.19 -21.13 12.96
N PHE A 340 16.93 -20.77 12.72
CA PHE A 340 15.89 -20.90 13.73
C PHE A 340 14.91 -22.01 13.39
N ALA B 1 9.15 -7.67 15.90
CA ALA B 1 8.61 -8.22 17.19
C ALA B 1 9.26 -9.55 17.51
N GLU B 2 9.37 -9.85 18.80
CA GLU B 2 9.95 -11.12 19.23
C GLU B 2 8.91 -12.20 19.13
N ILE B 3 9.15 -13.18 18.26
CA ILE B 3 8.17 -14.24 18.04
C ILE B 3 8.59 -15.51 18.76
N TYR B 4 9.89 -15.76 18.85
CA TYR B 4 10.42 -16.93 19.52
C TYR B 4 11.53 -16.52 20.47
N ASN B 5 11.31 -16.76 21.78
CA ASN B 5 12.34 -16.47 22.78
C ASN B 5 12.39 -17.64 23.77
N LYS B 6 13.09 -18.70 23.38
CA LYS B 6 13.14 -19.92 24.18
C LYS B 6 14.49 -20.59 23.97
N ASP B 7 14.84 -21.48 24.91
CA ASP B 7 16.05 -22.28 24.79
C ASP B 7 17.29 -21.41 24.59
N GLY B 8 17.35 -20.28 25.29
CA GLY B 8 18.47 -19.39 25.11
C GLY B 8 18.62 -18.88 23.70
N ASN B 9 17.53 -18.85 22.94
CA ASN B 9 17.50 -18.37 21.57
C ASN B 9 16.34 -17.41 21.43
N LYS B 10 16.56 -16.34 20.68
CA LYS B 10 15.55 -15.31 20.51
C LYS B 10 15.49 -14.88 19.05
N VAL B 11 14.28 -14.78 18.51
CA VAL B 11 14.06 -14.40 17.13
C VAL B 11 13.13 -13.19 17.12
N ASP B 12 13.53 -12.17 16.38
CA ASP B 12 12.81 -10.91 16.23
C ASP B 12 12.51 -10.67 14.75
N LEU B 13 11.30 -10.99 14.32
CA LEU B 13 10.88 -10.64 12.97
C LEU B 13 10.54 -9.15 12.99
N TYR B 14 11.17 -8.39 12.11
CA TYR B 14 10.92 -6.96 12.00
C TYR B 14 10.60 -6.63 10.55
N GLY B 15 9.45 -6.02 10.34
CA GLY B 15 9.02 -5.67 9.00
C GLY B 15 8.09 -4.50 9.05
N LYS B 16 8.01 -3.79 7.93
CA LYS B 16 7.24 -2.57 7.86
C LYS B 16 6.73 -2.36 6.44
N ALA B 17 5.75 -1.49 6.35
CA ALA B 17 5.15 -1.07 5.09
C ALA B 17 5.10 0.44 5.05
N VAL B 18 5.30 0.99 3.86
CA VAL B 18 5.46 2.43 3.69
C VAL B 18 4.67 2.79 2.45
N GLY B 19 3.60 3.57 2.63
CA GLY B 19 2.91 4.16 1.51
C GLY B 19 3.51 5.52 1.23
N LEU B 20 4.13 5.66 0.07
CA LEU B 20 5.00 6.79 -0.21
C LEU B 20 4.63 7.37 -1.56
N HIS B 21 4.88 8.66 -1.71
CA HIS B 21 4.72 9.30 -3.01
C HIS B 21 5.70 10.45 -3.13
N TYR B 22 6.16 10.67 -4.35
CA TYR B 22 7.08 11.75 -4.68
C TYR B 22 6.39 12.70 -5.66
N PHE B 23 6.46 13.99 -5.36
CA PHE B 23 5.94 15.02 -6.25
C PHE B 23 7.07 15.95 -6.67
N SER B 24 6.84 16.61 -7.79
CA SER B 24 7.83 17.47 -8.42
C SER B 24 7.20 18.02 -9.68
N LYS B 25 7.73 19.15 -10.15
CA LYS B 25 7.23 19.69 -11.40
C LYS B 25 7.64 18.78 -12.54
N GLY B 26 6.74 18.64 -13.51
CA GLY B 26 7.03 17.82 -14.66
C GLY B 26 6.92 16.34 -14.37
N ASN B 27 7.43 15.55 -15.32
CA ASN B 27 7.41 14.10 -15.19
C ASN B 27 8.28 13.63 -14.04
N GLY B 28 9.31 14.39 -13.70
CA GLY B 28 10.21 14.03 -12.64
C GLY B 28 11.59 13.61 -13.10
N GLU B 29 11.92 13.79 -14.38
CA GLU B 29 13.26 13.46 -14.83
C GLU B 29 14.29 14.33 -14.15
N ASN B 30 14.01 15.62 -14.04
CA ASN B 30 14.95 16.56 -13.46
C ASN B 30 14.80 16.73 -11.95
N SER B 31 13.79 16.10 -11.37
CA SER B 31 13.58 16.19 -9.92
C SER B 31 14.71 15.50 -9.17
N TYR B 32 15.05 16.04 -8.00
CA TYR B 32 16.09 15.44 -7.18
C TYR B 32 15.84 13.96 -6.96
N GLY B 33 14.70 13.62 -6.37
CA GLY B 33 14.41 12.25 -6.00
C GLY B 33 13.67 11.50 -7.09
N GLY B 34 12.64 12.13 -7.65
CA GLY B 34 11.83 11.50 -8.65
C GLY B 34 10.41 12.00 -8.57
N ASN B 35 9.47 11.13 -8.93
CA ASN B 35 8.06 11.49 -8.87
C ASN B 35 7.23 10.22 -8.97
N GLY B 36 6.08 10.24 -8.33
CA GLY B 36 5.12 9.15 -8.38
C GLY B 36 4.98 8.40 -7.07
N ASP B 37 4.48 7.17 -7.19
CA ASP B 37 4.24 6.30 -6.05
C ASP B 37 5.48 5.47 -5.74
N MET B 38 5.93 5.54 -4.49
CA MET B 38 7.11 4.80 -4.05
C MET B 38 6.80 3.88 -2.88
N THR B 39 5.60 3.31 -2.85
CA THR B 39 5.23 2.44 -1.74
C THR B 39 6.10 1.20 -1.75
N TYR B 40 6.56 0.79 -0.56
CA TYR B 40 7.41 -0.39 -0.47
C TYR B 40 7.27 -1.01 0.91
N ALA B 41 7.49 -2.32 0.97
CA ALA B 41 7.46 -3.06 2.22
C ALA B 41 8.77 -3.81 2.42
N ARG B 42 9.31 -3.75 3.62
CA ARG B 42 10.55 -4.45 3.94
C ARG B 42 10.27 -5.49 5.00
N LEU B 43 10.91 -6.65 4.86
CA LEU B 43 10.80 -7.74 5.83
C LEU B 43 12.19 -8.21 6.22
N GLY B 44 12.37 -8.56 7.49
CA GLY B 44 13.67 -9.02 7.94
C GLY B 44 13.56 -9.74 9.26
N PHE B 45 14.60 -10.52 9.55
CA PHE B 45 14.65 -11.28 10.79
C PHE B 45 16.01 -11.13 11.44
N LYS B 46 16.00 -10.91 12.75
CA LYS B 46 17.21 -10.91 13.56
C LYS B 46 17.11 -12.02 14.59
N GLY B 47 18.24 -12.67 14.88
CA GLY B 47 18.24 -13.76 15.81
C GLY B 47 19.51 -13.82 16.64
N GLU B 48 19.38 -14.12 17.92
CA GLU B 48 20.52 -14.25 18.80
C GLU B 48 20.41 -15.54 19.60
N THR B 49 21.56 -15.98 20.12
CA THR B 49 21.59 -17.17 20.97
C THR B 49 22.87 -17.12 21.79
N GLN B 50 22.71 -17.18 23.11
CA GLN B 50 23.85 -17.17 24.03
C GLN B 50 24.43 -18.58 24.11
N ILE B 51 25.43 -18.84 23.28
CA ILE B 51 26.07 -20.16 23.30
C ILE B 51 26.70 -20.40 24.66
N ASN B 52 27.42 -19.41 25.16
CA ASN B 52 28.02 -19.45 26.48
C ASN B 52 27.76 -18.12 27.16
N SER B 53 28.10 -18.05 28.45
CA SER B 53 27.95 -16.80 29.18
C SER B 53 28.72 -15.68 28.49
N ASP B 54 29.93 -15.98 28.03
CA ASP B 54 30.78 -14.96 27.42
C ASP B 54 30.68 -14.94 25.90
N LEU B 55 29.96 -15.86 25.29
CA LEU B 55 29.89 -15.95 23.83
C LEU B 55 28.45 -16.14 23.37
N THR B 56 28.01 -15.26 22.48
CA THR B 56 26.71 -15.35 21.86
C THR B 56 26.85 -15.17 20.36
N GLY B 57 25.99 -15.84 19.62
CA GLY B 57 25.98 -15.77 18.16
C GLY B 57 24.71 -15.14 17.65
N TYR B 58 24.85 -14.32 16.60
CA TYR B 58 23.74 -13.58 16.02
C TYR B 58 23.75 -13.67 14.51
N GLY B 59 22.54 -13.67 13.94
CA GLY B 59 22.34 -13.62 12.51
C GLY B 59 21.24 -12.65 12.14
N GLN B 60 21.46 -11.80 11.16
CA GLN B 60 20.48 -10.79 10.76
C GLN B 60 20.36 -10.76 9.25
N TRP B 61 19.12 -10.59 8.77
CA TRP B 61 18.84 -10.50 7.35
C TRP B 61 17.68 -9.55 7.09
N GLU B 62 17.78 -8.78 6.01
CA GLU B 62 16.71 -7.87 5.61
C GLU B 62 16.52 -7.88 4.10
N TYR B 63 15.26 -7.78 3.67
CA TYR B 63 14.91 -7.67 2.26
C TYR B 63 13.92 -6.54 2.09
N ASN B 64 13.92 -5.99 0.88
CA ASN B 64 13.05 -4.90 0.48
C ASN B 64 12.29 -5.34 -0.75
N PHE B 65 10.97 -5.18 -0.71
CA PHE B 65 10.06 -5.51 -1.80
C PHE B 65 9.38 -4.21 -2.18
N GLN B 66 9.33 -3.93 -3.47
CA GLN B 66 8.73 -2.69 -3.95
C GLN B 66 7.30 -2.96 -4.38
N GLY B 67 6.42 -2.03 -4.02
CA GLY B 67 5.02 -2.13 -4.38
C GLY B 67 4.68 -1.27 -5.58
N ASN B 68 5.56 -0.33 -5.91
CA ASN B 68 5.29 0.54 -7.04
C ASN B 68 5.21 -0.24 -8.34
N ASN B 69 5.88 -1.38 -8.42
CA ASN B 69 5.88 -2.13 -9.66
C ASN B 69 4.51 -2.73 -9.94
N SER B 70 4.31 -3.09 -11.20
CA SER B 70 3.08 -3.72 -11.65
C SER B 70 3.19 -5.23 -11.46
N GLU B 71 2.18 -5.96 -11.92
CA GLU B 71 2.19 -7.41 -11.84
C GLU B 71 2.73 -8.04 -13.11
N GLY B 72 3.21 -7.24 -14.06
CA GLY B 72 3.78 -7.78 -15.28
C GLY B 72 5.25 -8.12 -15.15
N ALA B 73 6.00 -7.92 -16.23
CA ALA B 73 7.42 -8.27 -16.24
C ALA B 73 8.26 -7.48 -15.26
N ASP B 74 7.80 -6.30 -14.82
CA ASP B 74 8.59 -5.43 -13.97
C ASP B 74 8.29 -5.62 -12.49
N ALA B 75 7.65 -6.72 -12.11
CA ALA B 75 7.31 -6.92 -10.70
C ALA B 75 8.55 -6.95 -9.83
N GLN B 76 9.61 -7.61 -10.28
CA GLN B 76 10.79 -7.78 -9.44
C GLN B 76 11.71 -6.58 -9.47
N THR B 77 11.44 -5.58 -10.30
CA THR B 77 12.31 -4.42 -10.38
C THR B 77 12.40 -3.71 -9.04
N GLY B 78 13.62 -3.49 -8.58
CA GLY B 78 13.83 -2.79 -7.33
C GLY B 78 13.67 -3.64 -6.10
N ASN B 79 13.51 -4.94 -6.25
CA ASN B 79 13.36 -5.85 -5.12
C ASN B 79 14.73 -6.45 -4.84
N LYS B 80 15.15 -6.44 -3.58
CA LYS B 80 16.50 -6.90 -3.29
C LYS B 80 16.62 -7.24 -1.80
N THR B 81 17.76 -7.79 -1.44
CA THR B 81 18.09 -8.04 -0.04
C THR B 81 19.10 -7.00 0.41
N ARG B 82 18.71 -6.17 1.38
CA ARG B 82 19.62 -5.12 1.83
C ARG B 82 20.74 -5.69 2.68
N LEU B 83 20.41 -6.34 3.79
CA LEU B 83 21.39 -6.85 4.72
C LEU B 83 21.22 -8.35 4.89
N ALA B 84 22.34 -9.07 4.92
CA ALA B 84 22.31 -10.50 5.21
C ALA B 84 23.69 -10.90 5.72
N PHE B 85 23.84 -11.04 7.03
CA PHE B 85 25.15 -11.34 7.58
C PHE B 85 24.96 -12.15 8.85
N ALA B 86 26.09 -12.52 9.45
CA ALA B 86 26.09 -13.18 10.74
C ALA B 86 27.34 -12.76 11.49
N GLY B 87 27.49 -13.26 12.71
CA GLY B 87 28.63 -12.90 13.52
C GLY B 87 28.38 -13.21 14.97
N LEU B 88 29.45 -13.03 15.75
CA LEU B 88 29.47 -13.39 17.16
C LEU B 88 29.99 -12.22 17.97
N LYS B 89 29.39 -12.02 19.14
CA LYS B 89 29.78 -10.97 20.07
C LYS B 89 30.37 -11.59 21.32
N TYR B 90 31.68 -11.44 21.50
CA TYR B 90 32.28 -11.84 22.76
C TYR B 90 31.96 -10.82 23.84
N ALA B 91 32.22 -11.22 25.10
CA ALA B 91 31.83 -10.40 26.23
C ALA B 91 32.41 -9.00 26.13
N ASP B 92 33.74 -8.91 26.08
CA ASP B 92 34.42 -7.62 26.16
C ASP B 92 35.35 -7.36 25.00
N VAL B 93 36.08 -8.39 24.52
CA VAL B 93 37.08 -8.15 23.49
C VAL B 93 36.43 -7.47 22.29
N GLY B 94 35.19 -7.84 21.99
CA GLY B 94 34.44 -7.24 20.89
C GLY B 94 33.55 -8.22 20.15
N SER B 95 33.36 -7.99 18.86
CA SER B 95 32.47 -8.80 18.04
C SER B 95 32.97 -8.82 16.61
N PHE B 96 32.73 -9.94 15.92
CA PHE B 96 33.20 -10.12 14.56
C PHE B 96 32.07 -10.72 13.74
N ASP B 97 31.82 -10.13 12.57
CA ASP B 97 30.75 -10.54 11.69
C ASP B 97 31.24 -10.56 10.25
N TYR B 98 30.44 -11.22 9.41
CA TYR B 98 30.72 -11.37 7.98
C TYR B 98 29.42 -11.54 7.21
N GLY B 99 29.43 -11.02 5.98
CA GLY B 99 28.30 -11.17 5.11
C GLY B 99 28.07 -9.99 4.18
N ARG B 100 26.82 -9.53 4.12
CA ARG B 100 26.45 -8.35 3.36
C ARG B 100 25.91 -7.33 4.35
N ASN B 101 26.68 -6.26 4.53
CA ASN B 101 26.45 -5.31 5.60
C ASN B 101 26.99 -3.95 5.20
N TYR B 102 26.74 -2.95 6.04
CA TYR B 102 27.23 -1.62 5.79
C TYR B 102 28.75 -1.56 5.97
N GLY B 103 29.39 -0.74 5.15
CA GLY B 103 30.83 -0.54 5.28
C GLY B 103 31.18 0.39 6.42
N VAL B 104 32.39 0.19 6.95
CA VAL B 104 32.83 0.96 8.12
C VAL B 104 32.54 2.44 7.93
N VAL B 105 32.73 2.95 6.71
CA VAL B 105 32.56 4.38 6.51
C VAL B 105 31.11 4.74 6.75
N TYR B 106 30.20 3.79 6.51
CA TYR B 106 28.81 4.05 6.84
C TYR B 106 28.67 4.35 8.32
N ASP B 107 29.49 3.72 9.15
CA ASP B 107 29.41 4.01 10.58
C ASP B 107 29.55 5.50 10.83
N ALA B 108 30.53 6.14 10.18
CA ALA B 108 30.66 7.58 10.30
C ALA B 108 29.49 8.30 9.67
N LEU B 109 29.03 7.81 8.53
CA LEU B 109 27.97 8.47 7.77
C LEU B 109 26.58 8.28 8.35
N GLY B 110 26.46 7.49 9.43
CA GLY B 110 25.15 7.30 10.04
C GLY B 110 24.57 8.57 10.61
N TYR B 111 25.42 9.47 11.09
CA TYR B 111 24.91 10.67 11.74
C TYR B 111 24.00 11.47 10.81
N THR B 112 24.43 11.65 9.56
CA THR B 112 23.60 12.42 8.64
C THR B 112 22.40 11.63 8.16
N ASP B 113 22.50 10.30 8.06
CA ASP B 113 21.40 9.52 7.53
C ASP B 113 20.34 9.29 8.60
N MET B 114 19.74 10.39 9.03
CA MET B 114 18.61 10.35 9.97
C MET B 114 17.34 10.91 9.34
N LEU B 115 17.37 11.22 8.06
CA LEU B 115 16.23 11.85 7.42
C LEU B 115 15.11 10.85 7.21
N PRO B 116 13.87 11.32 7.03
CA PRO B 116 12.76 10.37 6.87
C PRO B 116 12.86 9.53 5.62
N GLU B 117 13.06 10.15 4.45
CA GLU B 117 13.16 9.40 3.20
C GLU B 117 14.48 9.68 2.49
N PHE B 118 14.78 10.94 2.19
CA PHE B 118 16.03 11.29 1.52
C PHE B 118 17.15 11.32 2.55
N GLY B 119 18.34 11.68 2.11
CA GLY B 119 19.47 11.76 3.00
C GLY B 119 20.43 10.61 2.79
N GLY B 120 21.68 10.83 3.20
CA GLY B 120 22.71 9.83 3.01
C GLY B 120 22.94 9.52 1.56
N ASP B 121 22.81 10.51 0.69
CA ASP B 121 23.03 10.28 -0.73
C ASP B 121 24.48 9.88 -0.99
N THR B 122 25.41 10.48 -0.25
CA THR B 122 26.80 10.11 -0.44
C THR B 122 27.01 8.65 -0.13
N ALA B 123 26.27 8.10 0.83
CA ALA B 123 26.42 6.70 1.17
C ALA B 123 25.63 5.88 0.16
N TYR B 124 26.20 5.79 -1.04
CA TYR B 124 25.60 5.01 -2.10
C TYR B 124 25.75 3.52 -1.79
N SER B 125 24.88 2.72 -2.39
CA SER B 125 24.95 1.29 -2.13
C SER B 125 25.87 0.62 -3.15
N ASP B 126 26.36 -0.56 -2.78
CA ASP B 126 27.33 -1.28 -3.60
C ASP B 126 28.56 -0.41 -3.90
N ASP B 127 28.81 0.59 -3.08
CA ASP B 127 30.05 1.37 -3.14
C ASP B 127 31.02 0.89 -2.05
N PHE B 128 32.27 1.29 -2.20
CA PHE B 128 33.38 0.59 -1.54
C PHE B 128 33.11 0.42 -0.04
N PHE B 129 33.03 1.53 0.70
CA PHE B 129 32.86 1.47 2.14
C PHE B 129 31.73 2.33 2.67
N VAL B 130 31.11 3.16 1.83
CA VAL B 130 30.15 4.12 2.34
C VAL B 130 28.79 3.48 2.56
N GLY B 131 28.42 2.49 1.76
CA GLY B 131 27.11 1.88 1.83
C GLY B 131 27.18 0.37 2.02
N ARG B 132 26.00 -0.23 2.07
CA ARG B 132 25.90 -1.66 2.32
C ARG B 132 26.36 -2.44 1.10
N VAL B 133 27.26 -3.39 1.32
CA VAL B 133 27.88 -4.16 0.25
C VAL B 133 28.04 -5.59 0.74
N GLY B 134 28.30 -6.49 -0.21
CA GLY B 134 28.46 -7.90 0.08
C GLY B 134 29.92 -8.30 0.01
N GLY B 135 30.34 -9.14 0.96
CA GLY B 135 31.70 -9.62 1.00
C GLY B 135 32.57 -8.91 2.00
N VAL B 136 32.01 -8.48 3.13
CA VAL B 136 32.76 -7.77 4.16
C VAL B 136 32.88 -8.68 5.38
N ALA B 137 34.04 -8.61 6.03
CA ALA B 137 34.28 -9.25 7.31
C ALA B 137 34.67 -8.17 8.29
N THR B 138 33.88 -8.00 9.35
CA THR B 138 34.07 -6.89 10.27
C THR B 138 34.27 -7.41 11.68
N TYR B 139 35.19 -6.77 12.39
CA TYR B 139 35.42 -6.96 13.81
C TYR B 139 35.16 -5.64 14.50
N ARG B 140 34.56 -5.70 15.68
CA ARG B 140 34.22 -4.49 16.42
C ARG B 140 34.59 -4.65 17.88
N ASN B 141 35.04 -3.55 18.47
CA ASN B 141 35.39 -3.46 19.87
C ASN B 141 34.48 -2.41 20.49
N SER B 142 33.89 -2.74 21.64
CA SER B 142 32.98 -1.87 22.37
C SER B 142 33.67 -1.35 23.60
N ASN B 143 33.76 -0.03 23.72
CA ASN B 143 34.36 0.62 24.87
C ASN B 143 35.81 0.19 25.07
N PHE B 144 36.49 -0.13 23.96
CA PHE B 144 37.89 -0.52 23.97
C PHE B 144 38.12 -1.63 25.00
N PHE B 145 37.43 -2.75 24.79
CA PHE B 145 37.51 -3.91 25.68
C PHE B 145 36.90 -3.60 27.04
N GLY B 146 35.96 -2.65 27.08
CA GLY B 146 35.39 -2.24 28.33
C GLY B 146 36.31 -1.40 29.19
N LEU B 147 37.41 -0.92 28.61
CA LEU B 147 38.36 -0.10 29.37
C LEU B 147 37.87 1.33 29.50
N VAL B 148 37.52 1.95 28.37
CA VAL B 148 37.09 3.35 28.32
C VAL B 148 35.67 3.36 27.77
N ASP B 149 34.74 3.88 28.56
CA ASP B 149 33.33 3.90 28.16
C ASP B 149 33.10 4.93 27.05
N GLY B 150 32.30 4.54 26.07
CA GLY B 150 31.90 5.43 24.99
C GLY B 150 32.84 5.47 23.80
N LEU B 151 34.04 4.90 23.90
CA LEU B 151 35.00 4.87 22.82
C LEU B 151 35.00 3.45 22.27
N ASN B 152 34.57 3.30 21.02
CA ASN B 152 34.47 2.01 20.36
C ASN B 152 35.07 2.11 18.97
N PHE B 153 35.65 1.00 18.50
CA PHE B 153 36.30 0.99 17.19
C PHE B 153 35.94 -0.27 16.43
N ALA B 154 36.05 -0.20 15.11
CA ALA B 154 35.76 -1.32 14.23
C ALA B 154 36.76 -1.36 13.10
N VAL B 155 37.01 -2.57 12.59
CA VAL B 155 37.92 -2.82 11.48
C VAL B 155 37.21 -3.75 10.51
N GLN B 156 37.49 -3.59 9.22
CA GLN B 156 36.74 -4.32 8.21
C GLN B 156 37.63 -4.66 7.02
N TYR B 157 37.59 -5.91 6.59
CA TYR B 157 38.25 -6.34 5.37
C TYR B 157 37.19 -6.60 4.32
N LEU B 158 37.48 -6.23 3.08
CA LEU B 158 36.53 -6.34 1.97
C LEU B 158 37.10 -7.23 0.89
N GLY B 159 36.54 -8.43 0.77
CA GLY B 159 36.95 -9.32 -0.31
C GLY B 159 36.59 -8.74 -1.67
N LYS B 160 37.46 -8.97 -2.65
CA LYS B 160 37.23 -8.43 -3.97
C LYS B 160 35.96 -9.02 -4.56
N ASN B 161 35.21 -8.19 -5.30
CA ASN B 161 34.00 -8.64 -5.99
C ASN B 161 34.10 -8.22 -7.44
N GLU B 162 34.16 -9.20 -8.34
CA GLU B 162 34.24 -8.96 -9.78
C GLU B 162 32.84 -9.15 -10.36
N ARG B 163 32.12 -8.06 -10.52
CA ARG B 163 30.77 -8.09 -11.06
C ARG B 163 30.75 -7.61 -12.51
N ASP B 164 29.55 -7.62 -13.11
CA ASP B 164 29.42 -7.24 -14.51
C ASP B 164 29.67 -5.75 -14.75
N THR B 165 29.31 -4.89 -13.80
CA THR B 165 29.40 -3.45 -13.98
C THR B 165 30.42 -2.87 -13.01
N ALA B 166 31.14 -1.85 -13.47
CA ALA B 166 32.10 -1.20 -12.58
C ALA B 166 31.38 -0.56 -11.40
N ARG B 167 30.12 -0.19 -11.58
CA ARG B 167 29.36 0.45 -10.51
C ARG B 167 29.24 -0.47 -9.30
N ARG B 168 29.11 -1.77 -9.52
CA ARG B 168 28.90 -2.74 -8.45
C ARG B 168 30.14 -3.53 -8.06
N SER B 169 31.28 -3.27 -8.69
CA SER B 169 32.48 -4.05 -8.46
C SER B 169 33.44 -3.34 -7.51
N ASN B 170 34.44 -4.09 -7.06
CA ASN B 170 35.44 -3.58 -6.12
C ASN B 170 36.69 -4.44 -6.23
N GLY B 171 37.56 -4.35 -5.23
CA GLY B 171 38.70 -5.23 -5.13
C GLY B 171 39.09 -5.44 -3.68
N ASP B 172 40.27 -5.99 -3.42
CA ASP B 172 40.70 -6.17 -2.04
C ASP B 172 40.69 -4.83 -1.34
N GLY B 173 40.14 -4.79 -0.14
CA GLY B 173 40.09 -3.55 0.61
C GLY B 173 40.18 -3.74 2.10
N VAL B 174 40.47 -2.64 2.78
CA VAL B 174 40.59 -2.61 4.24
C VAL B 174 39.99 -1.28 4.69
N GLY B 175 39.60 -1.23 5.95
CA GLY B 175 39.06 0.00 6.50
C GLY B 175 38.91 -0.08 7.99
N GLY B 176 38.73 1.09 8.59
CA GLY B 176 38.56 1.19 10.02
C GLY B 176 37.70 2.39 10.35
N SER B 177 37.14 2.36 11.56
CA SER B 177 36.25 3.43 12.01
C SER B 177 36.29 3.47 13.52
N ILE B 178 36.24 4.67 14.08
CA ILE B 178 36.23 4.85 15.52
C ILE B 178 35.14 5.85 15.87
N SER B 179 34.47 5.61 17.00
CA SER B 179 33.35 6.44 17.44
C SER B 179 33.46 6.60 18.95
N TYR B 180 33.56 7.84 19.41
CA TYR B 180 33.58 8.16 20.84
C TYR B 180 32.33 8.96 21.17
N GLU B 181 31.49 8.41 22.02
CA GLU B 181 30.27 9.08 22.48
C GLU B 181 30.49 9.49 23.93
N TYR B 182 30.36 10.78 24.21
CA TYR B 182 30.56 11.30 25.56
C TYR B 182 29.45 12.27 25.90
N GLU B 183 28.68 11.94 26.93
CA GLU B 183 27.72 12.87 27.51
C GLU B 183 26.68 13.32 26.51
N GLY B 184 26.39 12.48 25.51
CA GLY B 184 25.41 12.85 24.52
C GLY B 184 26.07 13.23 23.21
N PHE B 185 27.19 13.93 23.31
CA PHE B 185 27.97 14.26 22.13
C PHE B 185 28.52 12.99 21.50
N GLY B 186 28.76 13.06 20.20
CA GLY B 186 29.31 11.94 19.46
C GLY B 186 30.32 12.36 18.42
N ILE B 187 31.40 11.61 18.31
CA ILE B 187 32.46 11.89 17.35
C ILE B 187 32.77 10.59 16.65
N VAL B 188 33.08 10.67 15.35
CA VAL B 188 33.40 9.48 14.58
C VAL B 188 34.38 9.86 13.48
N GLY B 189 35.19 8.88 13.10
CA GLY B 189 36.11 9.00 11.98
C GLY B 189 36.30 7.66 11.31
N ALA B 190 36.13 7.59 9.99
CA ALA B 190 36.25 6.33 9.28
C ALA B 190 37.08 6.53 8.01
N TYR B 191 37.80 5.48 7.64
CA TYR B 191 38.66 5.48 6.48
C TYR B 191 38.59 4.12 5.82
N GLY B 192 38.54 4.10 4.50
CA GLY B 192 38.54 2.86 3.74
C GLY B 192 39.34 2.99 2.46
N ALA B 193 40.07 1.93 2.10
CA ALA B 193 40.89 1.93 0.89
C ALA B 193 40.83 0.57 0.24
N ALA B 194 40.77 0.56 -1.08
CA ALA B 194 40.64 -0.70 -1.82
C ALA B 194 41.22 -0.48 -3.21
N ASP B 195 41.34 -1.57 -3.97
CA ASP B 195 41.87 -1.52 -5.32
C ASP B 195 40.73 -1.65 -6.31
N ARG B 196 40.76 -0.83 -7.36
CA ARG B 196 39.75 -0.87 -8.39
C ARG B 196 40.06 -1.99 -9.38
N THR B 197 39.02 -2.67 -9.85
CA THR B 197 39.20 -3.73 -10.83
C THR B 197 39.46 -3.14 -12.22
N ASN B 198 39.87 -4.01 -13.14
CA ASN B 198 40.15 -3.56 -14.49
C ASN B 198 38.94 -2.90 -15.12
N LEU B 199 37.76 -3.47 -14.88
CA LEU B 199 36.54 -2.88 -15.43
C LEU B 199 36.38 -1.45 -14.94
N GLN B 200 36.75 -1.20 -13.68
CA GLN B 200 36.62 0.14 -13.13
C GLN B 200 37.59 1.08 -13.84
N GLU B 201 38.84 0.66 -14.00
CA GLU B 201 39.81 1.49 -14.69
C GLU B 201 39.40 1.70 -16.15
N ALA B 202 38.86 0.64 -16.78
CA ALA B 202 38.46 0.75 -18.18
C ALA B 202 37.36 1.77 -18.38
N GLN B 203 36.66 2.16 -17.32
CA GLN B 203 35.60 3.14 -17.44
C GLN B 203 36.18 4.47 -17.96
N PRO B 204 35.42 5.22 -18.75
CA PRO B 204 35.95 6.49 -19.27
C PRO B 204 36.33 7.49 -18.19
N LEU B 205 35.47 7.67 -17.18
CA LEU B 205 35.78 8.58 -16.08
C LEU B 205 36.55 7.85 -14.99
N GLY B 206 37.21 8.62 -14.14
CA GLY B 206 38.00 8.01 -13.06
C GLY B 206 39.41 7.73 -13.49
N ASN B 207 40.35 7.86 -12.54
CA ASN B 207 41.75 7.58 -12.83
C ASN B 207 42.47 7.23 -11.54
N GLY B 208 43.35 6.24 -11.63
CA GLY B 208 44.07 5.71 -10.49
C GLY B 208 43.51 4.36 -10.05
N LYS B 209 44.25 3.71 -9.16
CA LYS B 209 43.89 2.38 -8.68
C LYS B 209 43.36 2.36 -7.25
N LYS B 210 43.96 3.14 -6.36
CA LYS B 210 43.55 3.17 -4.96
C LYS B 210 42.23 3.94 -4.85
N ALA B 211 41.13 3.21 -4.72
CA ALA B 211 39.83 3.84 -4.46
C ALA B 211 39.73 4.06 -2.97
N GLU B 212 39.61 5.33 -2.58
CA GLU B 212 39.71 5.75 -1.19
C GLU B 212 38.49 6.53 -0.77
N GLN B 213 37.98 6.25 0.41
CA GLN B 213 36.89 7.02 1.00
C GLN B 213 37.27 7.29 2.44
N TRP B 214 36.85 8.44 2.97
CA TRP B 214 36.98 8.65 4.40
C TRP B 214 36.07 9.78 4.80
N ALA B 215 35.73 9.81 6.09
CA ALA B 215 34.68 10.68 6.56
C ALA B 215 34.88 10.95 8.04
N THR B 216 34.37 12.08 8.47
CA THR B 216 34.43 12.50 9.86
C THR B 216 33.06 13.04 10.23
N GLY B 217 32.59 12.65 11.41
CA GLY B 217 31.25 13.02 11.84
C GLY B 217 31.23 13.51 13.27
N LEU B 218 30.39 14.50 13.52
CA LEU B 218 30.23 15.07 14.84
C LEU B 218 28.74 15.23 15.09
N LYS B 219 28.34 15.14 16.35
CA LYS B 219 26.93 15.27 16.65
C LYS B 219 26.71 15.60 18.11
N TYR B 220 25.50 16.06 18.39
CA TYR B 220 25.00 16.22 19.75
C TYR B 220 23.53 15.81 19.73
N ASP B 221 23.18 14.81 20.53
CA ASP B 221 21.83 14.30 20.57
C ASP B 221 21.38 14.18 22.02
N ALA B 222 20.29 14.86 22.36
CA ALA B 222 19.74 14.80 23.71
C ALA B 222 18.49 15.68 23.74
N ASN B 223 17.71 15.53 24.80
CA ASN B 223 16.59 16.44 25.07
C ASN B 223 15.67 16.58 23.86
N ASN B 224 15.52 15.51 23.09
CA ASN B 224 14.70 15.47 21.89
C ASN B 224 15.27 16.31 20.76
N ILE B 225 16.59 16.38 20.67
CA ILE B 225 17.30 17.18 19.69
C ILE B 225 18.39 16.30 19.12
N TYR B 226 18.76 16.56 17.87
CA TYR B 226 19.83 15.79 17.21
C TYR B 226 20.49 16.69 16.19
N LEU B 227 21.74 17.06 16.45
CA LEU B 227 22.57 17.85 15.56
C LEU B 227 23.68 16.95 15.03
N ALA B 228 24.04 17.13 13.76
CA ALA B 228 25.05 16.27 13.14
C ALA B 228 25.71 16.99 11.98
N ALA B 229 26.99 16.71 11.78
CA ALA B 229 27.78 17.33 10.72
C ALA B 229 28.86 16.33 10.27
N ASN B 230 28.69 15.78 9.07
CA ASN B 230 29.66 14.85 8.50
C ASN B 230 30.33 15.44 7.26
N TYR B 231 31.65 15.46 7.28
CA TYR B 231 32.47 15.91 6.17
C TYR B 231 33.30 14.73 5.69
N GLY B 232 33.14 14.36 4.43
CA GLY B 232 33.86 13.23 3.86
C GLY B 232 34.51 13.52 2.53
N GLU B 233 35.71 12.97 2.35
CA GLU B 233 36.46 13.15 1.12
C GLU B 233 36.85 11.77 0.58
N THR B 234 36.83 11.65 -0.73
CA THR B 234 37.11 10.39 -1.39
C THR B 234 37.88 10.62 -2.69
N ARG B 235 38.57 9.58 -3.13
CA ARG B 235 39.29 9.57 -4.40
C ARG B 235 38.83 8.35 -5.19
N ASN B 236 38.48 8.56 -6.46
CA ASN B 236 38.10 7.47 -7.37
C ASN B 236 37.13 6.49 -6.71
N ALA B 237 36.17 7.03 -5.95
CA ALA B 237 35.25 6.17 -5.21
C ALA B 237 33.78 6.47 -5.48
N THR B 238 33.47 7.74 -5.71
CA THR B 238 32.06 8.09 -5.86
C THR B 238 31.60 7.88 -7.30
N PRO B 239 30.43 7.30 -7.51
CA PRO B 239 29.96 7.09 -8.88
C PRO B 239 29.38 8.37 -9.47
N ILE B 240 29.52 8.50 -10.78
CA ILE B 240 29.06 9.68 -11.49
C ILE B 240 28.57 9.26 -12.88
N THR B 241 27.50 9.90 -13.32
CA THR B 241 26.89 9.62 -14.61
C THR B 241 26.65 10.93 -15.35
N ASN B 242 26.91 10.92 -16.66
CA ASN B 242 26.75 12.09 -17.52
C ASN B 242 25.68 11.80 -18.55
N LYS B 243 24.52 12.47 -18.38
CA LYS B 243 23.42 12.32 -19.33
C LYS B 243 23.81 12.85 -20.70
N PHE B 244 24.56 13.96 -20.73
CA PHE B 244 24.94 14.54 -22.01
C PHE B 244 25.78 13.54 -22.78
N THR B 245 26.72 12.89 -22.10
CA THR B 245 27.57 11.89 -22.70
C THR B 245 26.99 10.50 -22.53
N ASN B 246 26.04 10.33 -21.61
CA ASN B 246 25.47 9.02 -21.33
C ASN B 246 26.59 8.06 -20.96
N THR B 247 27.54 8.54 -20.17
CA THR B 247 28.70 7.76 -19.77
C THR B 247 28.88 7.87 -18.27
N SER B 248 29.34 6.80 -17.65
CA SER B 248 29.49 6.80 -16.20
C SER B 248 30.94 6.53 -15.83
N GLY B 249 31.18 6.51 -14.52
CA GLY B 249 32.50 6.20 -14.01
C GLY B 249 32.62 6.69 -12.57
N PHE B 250 33.85 6.96 -12.15
CA PHE B 250 34.12 7.40 -10.80
C PHE B 250 34.78 8.77 -10.79
N ALA B 251 34.78 9.38 -9.62
CA ALA B 251 35.28 10.73 -9.42
C ALA B 251 36.71 10.68 -8.92
N ASN B 252 37.63 11.34 -9.64
CA ASN B 252 39.01 11.39 -9.18
C ASN B 252 39.07 11.98 -7.77
N LYS B 253 38.28 13.01 -7.48
CA LYS B 253 38.26 13.53 -6.13
C LYS B 253 36.86 14.01 -5.81
N THR B 254 36.47 13.90 -4.54
CA THR B 254 35.16 14.36 -4.14
C THR B 254 35.19 14.82 -2.69
N GLN B 255 34.56 15.95 -2.44
CA GLN B 255 34.29 16.42 -1.08
C GLN B 255 32.78 16.51 -0.90
N ASP B 256 32.32 16.05 0.25
CA ASP B 256 30.91 15.99 0.57
C ASP B 256 30.72 16.57 1.97
N VAL B 257 29.67 17.36 2.12
CA VAL B 257 29.37 18.03 3.37
C VAL B 257 27.89 17.80 3.66
N LEU B 258 27.61 17.33 4.87
CA LEU B 258 26.26 17.02 5.32
C LEU B 258 26.04 17.62 6.69
N LEU B 259 24.87 18.22 6.89
CA LEU B 259 24.52 18.87 8.15
C LEU B 259 23.06 18.58 8.42
N VAL B 260 22.74 18.21 9.65
CA VAL B 260 21.39 17.84 10.04
C VAL B 260 21.07 18.44 11.39
N ALA B 261 19.83 18.88 11.56
CA ALA B 261 19.33 19.42 12.82
C ALA B 261 17.87 19.02 12.92
N GLN B 262 17.56 18.13 13.86
CA GLN B 262 16.21 17.62 14.04
C GLN B 262 15.77 17.81 15.48
N TYR B 263 14.55 18.28 15.66
CA TYR B 263 13.93 18.37 16.98
C TYR B 263 12.77 17.39 17.07
N GLN B 264 12.50 16.93 18.30
CA GLN B 264 11.43 15.98 18.57
C GLN B 264 10.55 16.55 19.67
N PHE B 265 9.25 16.29 19.57
CA PHE B 265 8.30 16.77 20.57
C PHE B 265 7.66 15.61 21.30
N ASP B 266 7.14 15.90 22.48
CA ASP B 266 6.47 14.87 23.26
C ASP B 266 5.25 14.34 22.53
N PHE B 267 4.56 15.20 21.79
CA PHE B 267 3.33 14.81 21.12
C PHE B 267 3.62 14.28 19.72
N GLY B 268 4.49 13.29 19.68
CA GLY B 268 4.74 12.58 18.44
C GLY B 268 5.04 13.46 17.25
N LEU B 269 5.92 14.45 17.40
CA LEU B 269 6.32 15.32 16.30
C LEU B 269 7.83 15.45 16.27
N ARG B 270 8.39 15.56 15.07
CA ARG B 270 9.85 15.67 14.91
C ARG B 270 10.18 16.46 13.66
N PRO B 271 10.27 17.79 13.77
CA PRO B 271 10.74 18.59 12.64
C PRO B 271 12.22 18.40 12.36
N SER B 272 12.59 18.49 11.08
CA SER B 272 13.96 18.24 10.65
C SER B 272 14.39 19.25 9.61
N ILE B 273 15.70 19.53 9.59
CA ILE B 273 16.34 20.40 8.62
C ILE B 273 17.67 19.75 8.23
N ALA B 274 18.03 19.83 6.95
CA ALA B 274 19.27 19.23 6.49
C ALA B 274 19.85 20.01 5.33
N TYR B 275 21.14 20.33 5.43
CA TYR B 275 21.93 20.83 4.31
C TYR B 275 22.87 19.76 3.79
N THR B 276 23.15 19.83 2.49
CA THR B 276 23.95 18.83 1.81
C THR B 276 24.69 19.48 0.65
N LYS B 277 25.84 18.91 0.31
CA LYS B 277 26.60 19.38 -0.85
C LYS B 277 27.65 18.33 -1.21
N SER B 278 27.91 18.20 -2.51
CA SER B 278 28.96 17.30 -2.98
C SER B 278 29.60 17.92 -4.22
N LYS B 279 30.91 18.12 -4.16
CA LYS B 279 31.66 18.70 -5.27
C LYS B 279 32.73 17.71 -5.71
N ALA B 280 32.71 17.34 -7.00
CA ALA B 280 33.71 16.49 -7.59
C ALA B 280 34.76 17.35 -8.26
N LYS B 281 36.01 16.91 -8.18
CA LYS B 281 37.16 17.61 -8.75
C LYS B 281 37.99 16.63 -9.58
N ASP B 282 38.75 17.24 -10.51
CA ASP B 282 39.60 16.52 -11.45
C ASP B 282 38.76 15.56 -12.30
N VAL B 283 37.56 16.02 -12.67
CA VAL B 283 36.73 15.24 -13.59
C VAL B 283 37.36 15.27 -14.97
N GLU B 284 37.29 14.15 -15.67
CA GLU B 284 37.93 14.05 -16.99
C GLU B 284 37.13 14.87 -17.98
N GLY B 285 37.64 16.04 -18.32
CA GLY B 285 37.00 16.89 -19.30
C GLY B 285 35.95 17.84 -18.74
N ILE B 286 35.64 17.76 -17.44
CA ILE B 286 34.63 18.60 -16.82
C ILE B 286 35.18 19.37 -15.63
N GLY B 287 36.47 19.30 -15.38
CA GLY B 287 37.04 20.03 -14.24
C GLY B 287 36.33 19.70 -12.95
N ASP B 288 35.90 20.74 -12.23
CA ASP B 288 35.19 20.60 -10.97
C ASP B 288 33.73 20.97 -11.17
N VAL B 289 32.83 20.19 -10.55
CA VAL B 289 31.40 20.35 -10.72
C VAL B 289 30.71 19.89 -9.45
N ASP B 290 29.45 20.29 -9.28
CA ASP B 290 28.67 19.90 -8.12
C ASP B 290 27.69 18.80 -8.51
N LEU B 291 27.77 17.65 -7.83
CA LEU B 291 26.85 16.54 -8.08
C LEU B 291 25.49 16.78 -7.44
N VAL B 292 25.47 17.23 -6.19
CA VAL B 292 24.23 17.45 -5.45
C VAL B 292 24.44 18.70 -4.59
N ASN B 293 23.42 19.56 -4.55
CA ASN B 293 23.53 20.79 -3.77
C ASN B 293 22.10 21.21 -3.43
N TYR B 294 21.68 20.94 -2.19
CA TYR B 294 20.29 21.13 -1.82
C TYR B 294 20.16 21.36 -0.32
N PHE B 295 19.01 21.91 0.05
CA PHE B 295 18.55 22.00 1.43
C PHE B 295 17.43 21.00 1.65
N GLU B 296 17.24 20.59 2.89
CA GLU B 296 16.06 19.83 3.28
C GLU B 296 15.22 20.63 4.27
N VAL B 297 13.90 20.50 4.17
CA VAL B 297 12.99 20.99 5.19
C VAL B 297 11.84 19.99 5.30
N GLY B 298 11.73 19.33 6.44
CA GLY B 298 10.72 18.30 6.56
C GLY B 298 10.27 18.12 8.00
N ALA B 299 9.40 17.12 8.19
CA ALA B 299 8.82 16.87 9.51
C ALA B 299 8.32 15.44 9.54
N THR B 300 8.06 14.97 10.76
CA THR B 300 7.59 13.61 10.99
C THR B 300 6.75 13.58 12.25
N TYR B 301 5.54 13.06 12.14
CA TYR B 301 4.68 12.82 13.29
C TYR B 301 4.76 11.36 13.65
N TYR B 302 5.09 11.08 14.92
CA TYR B 302 5.19 9.72 15.43
C TYR B 302 3.95 9.45 16.25
N PHE B 303 2.96 8.83 15.62
CA PHE B 303 1.76 8.38 16.34
C PHE B 303 2.13 7.45 17.49
N ASN B 304 3.06 6.53 17.23
CA ASN B 304 3.60 5.62 18.23
C ASN B 304 4.81 4.98 17.57
N LYS B 305 5.42 4.03 18.26
CA LYS B 305 6.57 3.36 17.67
C LYS B 305 6.16 2.65 16.39
N ASN B 306 4.95 2.11 16.33
CA ASN B 306 4.53 1.32 15.20
C ASN B 306 3.85 2.12 14.09
N MET B 307 3.50 3.38 14.31
CA MET B 307 2.80 4.15 13.27
C MET B 307 3.36 5.55 13.17
N SER B 308 3.59 6.02 11.93
CA SER B 308 4.13 7.36 11.77
C SER B 308 3.80 7.90 10.37
N THR B 309 3.87 9.23 10.26
CA THR B 309 3.66 9.93 8.99
C THR B 309 4.74 10.99 8.84
N TYR B 310 5.08 11.35 7.62
CA TYR B 310 6.14 12.32 7.45
C TYR B 310 6.09 12.96 6.07
N VAL B 311 6.82 14.08 5.96
CA VAL B 311 6.89 14.88 4.75
C VAL B 311 8.29 15.46 4.65
N ASP B 312 8.76 15.65 3.42
CA ASP B 312 10.09 16.23 3.22
C ASP B 312 10.11 17.03 1.92
N TYR B 313 10.56 18.28 2.00
CA TYR B 313 10.67 19.16 0.85
C TYR B 313 12.14 19.44 0.60
N ILE B 314 12.62 19.05 -0.58
CA ILE B 314 14.03 19.13 -0.94
C ILE B 314 14.19 20.31 -1.87
N ILE B 315 14.91 21.33 -1.42
CA ILE B 315 15.19 22.52 -2.21
C ILE B 315 16.51 22.24 -2.92
N ASN B 316 16.43 21.70 -4.14
CA ASN B 316 17.63 21.44 -4.93
C ASN B 316 18.18 22.75 -5.47
N GLN B 317 19.37 23.13 -5.03
CA GLN B 317 20.02 24.33 -5.52
C GLN B 317 20.86 24.11 -6.77
N ILE B 318 20.99 22.86 -7.23
CA ILE B 318 21.77 22.60 -8.44
C ILE B 318 21.13 23.33 -9.62
N ASP B 319 21.98 23.93 -10.45
CA ASP B 319 21.52 24.65 -11.63
C ASP B 319 21.38 23.70 -12.81
N SER B 320 20.52 24.10 -13.76
CA SER B 320 20.30 23.27 -14.95
C SER B 320 21.55 23.14 -15.81
N ASP B 321 22.38 24.16 -15.87
CA ASP B 321 23.57 24.13 -16.73
C ASP B 321 24.66 23.20 -16.22
N ASN B 322 24.46 22.50 -15.09
CA ASN B 322 25.48 21.59 -14.61
C ASN B 322 25.91 20.64 -15.72
N LYS B 323 27.22 20.38 -15.78
CA LYS B 323 27.83 19.66 -16.89
C LYS B 323 27.75 18.15 -16.70
N LEU B 324 26.70 17.67 -16.03
CA LEU B 324 26.51 16.23 -15.88
C LEU B 324 25.04 15.84 -15.97
N GLY B 325 24.20 16.71 -16.52
CA GLY B 325 22.78 16.39 -16.65
C GLY B 325 22.08 16.18 -15.33
N VAL B 326 22.65 16.69 -14.23
CA VAL B 326 22.04 16.50 -12.92
C VAL B 326 20.70 17.22 -12.87
N GLY B 327 19.78 16.67 -12.06
CA GLY B 327 18.48 17.28 -11.89
C GLY B 327 18.54 18.60 -11.15
N SER B 328 18.19 19.70 -11.82
CA SER B 328 18.19 21.02 -11.21
C SER B 328 16.80 21.44 -10.74
N ASP B 329 15.97 20.50 -10.34
CA ASP B 329 14.61 20.78 -9.92
C ASP B 329 14.45 20.44 -8.44
N ASP B 330 13.55 21.15 -7.77
CA ASP B 330 13.21 20.85 -6.39
C ASP B 330 12.43 19.53 -6.35
N THR B 331 11.98 19.14 -5.17
CA THR B 331 11.20 17.91 -5.05
C THR B 331 10.50 17.89 -3.70
N VAL B 332 9.52 17.00 -3.56
CA VAL B 332 8.88 16.77 -2.27
C VAL B 332 8.45 15.32 -2.19
N ALA B 333 8.35 14.82 -0.96
CA ALA B 333 7.93 13.44 -0.70
C ALA B 333 7.01 13.41 0.50
N VAL B 334 6.00 12.53 0.44
CA VAL B 334 5.04 12.37 1.53
C VAL B 334 4.89 10.87 1.78
N GLY B 335 5.04 10.47 3.04
CA GLY B 335 5.07 9.07 3.40
C GLY B 335 4.30 8.76 4.66
N ILE B 336 3.78 7.53 4.71
CA ILE B 336 3.11 7.00 5.88
C ILE B 336 3.67 5.60 6.12
N VAL B 337 3.83 5.23 7.39
CA VAL B 337 4.59 4.05 7.74
C VAL B 337 3.86 3.30 8.85
N TYR B 338 3.73 2.00 8.67
CA TYR B 338 3.39 1.05 9.73
C TYR B 338 4.57 0.10 9.88
N GLN B 339 4.90 -0.25 11.10
CA GLN B 339 6.06 -1.11 11.31
C GLN B 339 5.88 -1.89 12.60
N PHE B 340 6.21 -3.18 12.55
CA PHE B 340 6.12 -4.04 13.72
C PHE B 340 7.50 -4.38 14.24
N ALA C 1 -2.63 -16.46 10.92
CA ALA C 1 -2.71 -16.65 12.39
C ALA C 1 -2.13 -15.43 13.12
N GLU C 2 -2.65 -15.16 14.31
CA GLU C 2 -2.17 -14.04 15.11
C GLU C 2 -0.90 -14.49 15.80
N ILE C 3 0.22 -13.86 15.47
CA ILE C 3 1.50 -14.27 16.04
C ILE C 3 1.94 -13.31 17.14
N TYR C 4 1.61 -12.03 17.01
CA TYR C 4 1.99 -11.04 18.01
C TYR C 4 0.79 -10.19 18.36
N ASN C 5 0.35 -10.24 19.62
CA ASN C 5 -0.76 -9.42 20.11
C ASN C 5 -0.36 -8.87 21.48
N LYS C 6 0.42 -7.79 21.45
CA LYS C 6 0.95 -7.22 22.67
C LYS C 6 1.09 -5.71 22.48
N ASP C 7 1.20 -5.02 23.61
CA ASP C 7 1.42 -3.57 23.59
C ASP C 7 0.35 -2.87 22.77
N GLY C 8 -0.89 -3.33 22.87
CA GLY C 8 -1.96 -2.74 22.10
C GLY C 8 -1.74 -2.80 20.61
N ASN C 9 -0.91 -3.75 20.15
CA ASN C 9 -0.60 -3.93 18.74
C ASN C 9 -0.75 -5.42 18.44
N LYS C 10 -1.30 -5.74 17.27
CA LYS C 10 -1.53 -7.12 16.92
C LYS C 10 -1.10 -7.39 15.49
N VAL C 11 -0.41 -8.52 15.30
CA VAL C 11 0.12 -8.91 14.01
C VAL C 11 -0.46 -10.27 13.65
N ASP C 12 -0.97 -10.39 12.43
CA ASP C 12 -1.59 -11.60 11.90
C ASP C 12 -0.83 -12.03 10.65
N LEU C 13 0.07 -12.99 10.79
CA LEU C 13 0.70 -13.58 9.62
C LEU C 13 -0.29 -14.54 9.00
N TYR C 14 -0.61 -14.35 7.74
CA TYR C 14 -1.54 -15.22 7.03
C TYR C 14 -0.88 -15.71 5.76
N GLY C 15 -0.81 -17.02 5.61
CA GLY C 15 -0.19 -17.60 4.44
C GLY C 15 -0.76 -18.98 4.18
N LYS C 16 -0.64 -19.39 2.93
CA LYS C 16 -1.21 -20.65 2.49
C LYS C 16 -0.39 -21.20 1.35
N ALA C 17 -0.59 -22.48 1.08
CA ALA C 17 0.04 -23.21 0.00
C ALA C 17 -1.04 -23.96 -0.74
N VAL C 18 -0.89 -24.06 -2.06
CA VAL C 18 -1.93 -24.60 -2.92
C VAL C 18 -1.23 -25.48 -3.94
N GLY C 19 -1.49 -26.78 -3.87
CA GLY C 19 -1.08 -27.69 -4.92
C GLY C 19 -2.19 -27.79 -5.93
N LEU C 20 -1.93 -27.32 -7.16
CA LEU C 20 -2.98 -27.08 -8.13
C LEU C 20 -2.58 -27.71 -9.45
N HIS C 21 -3.59 -28.10 -10.22
CA HIS C 21 -3.32 -28.58 -11.56
C HIS C 21 -4.49 -28.26 -12.48
N TYR C 22 -4.15 -28.00 -13.73
CA TYR C 22 -5.11 -27.68 -14.78
C TYR C 22 -5.05 -28.76 -15.85
N PHE C 23 -6.22 -29.26 -16.25
CA PHE C 23 -6.29 -30.21 -17.34
C PHE C 23 -7.15 -29.62 -18.46
N SER C 24 -6.92 -30.12 -19.66
CA SER C 24 -7.55 -29.60 -20.87
C SER C 24 -7.03 -30.38 -22.05
N LYS C 25 -7.79 -30.34 -23.14
CA LYS C 25 -7.37 -31.00 -24.36
C LYS C 25 -6.18 -30.29 -24.97
N GLY C 26 -5.25 -31.06 -25.53
CA GLY C 26 -4.08 -30.51 -26.18
C GLY C 26 -3.04 -30.01 -25.19
N ASN C 27 -2.08 -29.25 -25.75
CA ASN C 27 -1.01 -28.70 -24.93
C ASN C 27 -1.54 -27.71 -23.91
N GLY C 28 -2.67 -27.08 -24.21
CA GLY C 28 -3.27 -26.10 -23.33
C GLY C 28 -3.19 -24.68 -23.83
N GLU C 29 -2.78 -24.46 -25.08
CA GLU C 29 -2.79 -23.10 -25.62
C GLU C 29 -4.21 -22.58 -25.74
N ASN C 30 -5.14 -23.41 -26.20
CA ASN C 30 -6.51 -23.00 -26.43
C ASN C 30 -7.42 -23.21 -25.22
N SER C 31 -6.90 -23.83 -24.16
CA SER C 31 -7.71 -24.06 -22.97
C SER C 31 -8.10 -22.74 -22.31
N TYR C 32 -9.30 -22.71 -21.73
CA TYR C 32 -9.76 -21.52 -21.03
C TYR C 32 -8.73 -21.02 -20.05
N GLY C 33 -8.37 -21.87 -19.08
CA GLY C 33 -7.49 -21.49 -18.01
C GLY C 33 -6.05 -21.80 -18.33
N GLY C 34 -5.82 -23.00 -18.83
CA GLY C 34 -4.50 -23.49 -19.15
C GLY C 34 -4.45 -25.00 -18.93
N ASN C 35 -3.27 -25.48 -18.56
CA ASN C 35 -3.10 -26.91 -18.29
C ASN C 35 -1.79 -27.11 -17.54
N GLY C 36 -1.77 -28.11 -16.70
CA GLY C 36 -0.59 -28.49 -15.96
C GLY C 36 -0.71 -28.20 -14.48
N ASP C 37 0.44 -28.12 -13.83
CA ASP C 37 0.52 -27.83 -12.40
C ASP C 37 0.59 -26.33 -12.19
N MET C 38 -0.31 -25.81 -11.37
CA MET C 38 -0.38 -24.38 -11.09
C MET C 38 -0.24 -24.12 -9.59
N THR C 39 0.54 -24.93 -8.90
CA THR C 39 0.70 -24.77 -7.46
C THR C 39 1.35 -23.44 -7.14
N TYR C 40 0.86 -22.79 -6.09
CA TYR C 40 1.40 -21.50 -5.68
C TYR C 40 1.17 -21.33 -4.19
N ALA C 41 2.06 -20.57 -3.55
CA ALA C 41 1.97 -20.27 -2.12
C ALA C 41 1.97 -18.77 -1.92
N ARG C 42 1.08 -18.28 -1.06
CA ARG C 42 1.00 -16.87 -0.76
C ARG C 42 1.35 -16.65 0.70
N LEU C 43 2.09 -15.57 0.96
CA LEU C 43 2.46 -15.17 2.31
C LEU C 43 2.12 -13.70 2.49
N GLY C 44 1.65 -13.34 3.69
CA GLY C 44 1.30 -11.96 3.93
C GLY C 44 1.21 -11.67 5.40
N PHE C 45 1.27 -10.39 5.72
CA PHE C 45 1.20 -9.94 7.09
C PHE C 45 0.23 -8.78 7.18
N LYS C 46 -0.62 -8.85 8.21
CA LYS C 46 -1.53 -7.78 8.55
C LYS C 46 -1.17 -7.28 9.95
N GLY C 47 -1.29 -5.98 10.16
CA GLY C 47 -0.92 -5.42 11.44
C GLY C 47 -1.83 -4.29 11.84
N GLU C 48 -2.20 -4.24 13.11
CA GLU C 48 -3.03 -3.17 13.64
C GLU C 48 -2.42 -2.65 14.93
N THR C 49 -2.82 -1.44 15.30
CA THR C 49 -2.41 -0.86 16.56
C THR C 49 -3.38 0.26 16.91
N GLN C 50 -4.02 0.16 18.07
CA GLN C 50 -4.97 1.18 18.51
C GLN C 50 -4.19 2.32 19.16
N ILE C 51 -3.90 3.36 18.36
CA ILE C 51 -3.19 4.51 18.91
C ILE C 51 -4.01 5.16 20.02
N ASN C 52 -5.30 5.32 19.78
CA ASN C 52 -6.24 5.84 20.76
C ASN C 52 -7.48 4.96 20.72
N SER C 53 -8.37 5.18 21.68
CA SER C 53 -9.62 4.44 21.68
C SER C 53 -10.38 4.65 20.37
N ASP C 54 -10.40 5.89 19.87
CA ASP C 54 -11.16 6.22 18.66
C ASP C 54 -10.34 6.19 17.38
N LEU C 55 -9.01 6.00 17.46
CA LEU C 55 -8.15 6.04 16.29
C LEU C 55 -7.18 4.87 16.34
N THR C 56 -7.16 4.06 15.28
CA THR C 56 -6.23 2.95 15.13
C THR C 56 -5.62 2.97 13.74
N GLY C 57 -4.38 2.51 13.65
CA GLY C 57 -3.66 2.44 12.39
C GLY C 57 -3.34 1.01 12.00
N TYR C 58 -3.47 0.71 10.70
CA TYR C 58 -3.25 -0.64 10.18
C TYR C 58 -2.42 -0.63 8.92
N GLY C 59 -1.64 -1.70 8.76
CA GLY C 59 -0.85 -1.96 7.56
C GLY C 59 -0.90 -3.40 7.10
N GLN C 60 -1.12 -3.65 5.81
CA GLN C 60 -1.21 -5.01 5.29
C GLN C 60 -0.40 -5.15 4.01
N TRP C 61 0.22 -6.31 3.86
CA TRP C 61 1.01 -6.64 2.67
C TRP C 61 0.85 -8.11 2.35
N GLU C 62 0.80 -8.42 1.05
CA GLU C 62 0.69 -9.79 0.59
C GLU C 62 1.56 -10.04 -0.63
N TYR C 63 2.15 -11.23 -0.70
CA TYR C 63 2.92 -11.63 -1.86
C TYR C 63 2.50 -13.03 -2.27
N ASN C 64 2.69 -13.32 -3.55
CA ASN C 64 2.34 -14.59 -4.15
C ASN C 64 3.58 -15.12 -4.85
N PHE C 65 3.94 -16.37 -4.56
CA PHE C 65 5.06 -17.05 -5.17
C PHE C 65 4.52 -18.27 -5.90
N GLN C 66 4.93 -18.45 -7.14
CA GLN C 66 4.48 -19.57 -7.95
C GLN C 66 5.51 -20.69 -7.90
N GLY C 67 5.03 -21.92 -7.80
CA GLY C 67 5.89 -23.08 -7.76
C GLY C 67 6.03 -23.78 -9.10
N ASN C 68 5.14 -23.48 -10.04
CA ASN C 68 5.19 -24.14 -11.33
C ASN C 68 6.49 -23.83 -12.06
N ASN C 69 7.12 -22.70 -11.76
CA ASN C 69 8.32 -22.32 -12.47
C ASN C 69 9.48 -23.24 -12.09
N SER C 70 10.50 -23.24 -12.93
CA SER C 70 11.70 -24.04 -12.67
C SER C 70 12.67 -23.24 -11.81
N GLU C 71 13.85 -23.83 -11.58
CA GLU C 71 14.89 -23.18 -10.79
C GLU C 71 15.89 -22.42 -11.65
N GLY C 72 15.66 -22.33 -12.96
CA GLY C 72 16.56 -21.59 -13.82
C GLY C 72 16.22 -20.11 -13.87
N ALA C 73 16.44 -19.50 -15.04
CA ALA C 73 16.20 -18.07 -15.17
C ALA C 73 14.74 -17.70 -14.94
N ASP C 74 13.82 -18.66 -15.08
CA ASP C 74 12.39 -18.39 -14.99
C ASP C 74 11.83 -18.62 -13.60
N ALA C 75 12.68 -18.68 -12.58
CA ALA C 75 12.18 -18.93 -11.23
C ALA C 75 11.20 -17.84 -10.80
N GLN C 76 11.51 -16.59 -11.10
CA GLN C 76 10.70 -15.48 -10.62
C GLN C 76 9.44 -15.23 -11.44
N THR C 77 9.27 -15.93 -12.55
CA THR C 77 8.11 -15.69 -13.40
C THR C 77 6.82 -15.92 -12.62
N GLY C 78 5.93 -14.93 -12.66
CA GLY C 78 4.65 -15.04 -11.99
C GLY C 78 4.69 -14.75 -10.50
N ASN C 79 5.82 -14.29 -9.99
CA ASN C 79 5.98 -13.97 -8.58
C ASN C 79 5.74 -12.48 -8.42
N LYS C 80 4.92 -12.09 -7.44
CA LYS C 80 4.57 -10.68 -7.33
C LYS C 80 4.03 -10.38 -5.95
N THR C 81 3.83 -9.09 -5.68
CA THR C 81 3.18 -8.62 -4.46
C THR C 81 1.78 -8.15 -4.82
N ARG C 82 0.77 -8.81 -4.27
CA ARG C 82 -0.60 -8.45 -4.59
C ARG C 82 -1.02 -7.15 -3.89
N LEU C 83 -0.98 -7.15 -2.55
CA LEU C 83 -1.44 -6.04 -1.74
C LEU C 83 -0.32 -5.53 -0.86
N ALA C 84 -0.21 -4.21 -0.75
CA ALA C 84 0.73 -3.62 0.19
C ALA C 84 0.25 -2.20 0.50
N PHE C 85 -0.40 -2.01 1.64
CA PHE C 85 -0.96 -0.70 1.94
C PHE C 85 -0.98 -0.49 3.45
N ALA C 86 -1.42 0.70 3.86
CA ALA C 86 -1.63 1.01 5.26
C ALA C 86 -2.79 1.98 5.37
N GLY C 87 -3.13 2.34 6.61
CA GLY C 87 -4.25 3.24 6.82
C GLY C 87 -4.71 3.20 8.25
N LEU C 88 -5.65 4.10 8.55
CA LEU C 88 -6.12 4.29 9.91
C LEU C 88 -7.64 4.26 9.91
N LYS C 89 -8.21 3.69 10.95
CA LYS C 89 -9.66 3.60 11.16
C LYS C 89 -10.04 4.46 12.34
N TYR C 90 -10.70 5.59 12.08
CA TYR C 90 -11.29 6.30 13.21
C TYR C 90 -12.56 5.60 13.66
N ALA C 91 -13.03 5.97 14.85
CA ALA C 91 -14.17 5.29 15.46
C ALA C 91 -15.39 5.34 14.56
N ASP C 92 -15.86 6.54 14.23
CA ASP C 92 -17.12 6.67 13.51
C ASP C 92 -17.01 7.47 12.22
N VAL C 93 -16.19 8.53 12.20
CA VAL C 93 -16.15 9.37 11.01
C VAL C 93 -15.81 8.52 9.79
N GLY C 94 -14.94 7.53 9.98
CA GLY C 94 -14.58 6.62 8.93
C GLY C 94 -13.12 6.21 8.98
N SER C 95 -12.54 5.93 7.81
CA SER C 95 -11.17 5.46 7.77
C SER C 95 -10.52 5.82 6.45
N PHE C 96 -9.21 6.03 6.48
CA PHE C 96 -8.49 6.44 5.29
C PHE C 96 -7.24 5.60 5.16
N ASP C 97 -7.00 5.07 3.96
CA ASP C 97 -5.86 4.21 3.71
C ASP C 97 -5.24 4.58 2.36
N TYR C 98 -4.02 4.11 2.16
CA TYR C 98 -3.26 4.37 0.95
C TYR C 98 -2.26 3.24 0.72
N GLY C 99 -2.01 2.96 -0.56
CA GLY C 99 -1.03 1.98 -0.95
C GLY C 99 -1.37 1.22 -2.21
N ARG C 100 -1.24 -0.10 -2.16
CA ARG C 100 -1.59 -0.98 -3.27
C ARG C 100 -2.71 -1.88 -2.78
N ASN C 101 -3.91 -1.69 -3.32
CA ASN C 101 -5.12 -2.30 -2.79
C ASN C 101 -6.13 -2.46 -3.91
N TYR C 102 -7.22 -3.12 -3.58
CA TYR C 102 -8.30 -3.33 -4.54
C TYR C 102 -8.99 -2.03 -4.86
N GLY C 103 -9.42 -1.89 -6.11
CA GLY C 103 -10.18 -0.73 -6.51
C GLY C 103 -11.64 -0.84 -6.09
N VAL C 104 -12.27 0.32 -5.89
CA VAL C 104 -13.64 0.34 -5.40
C VAL C 104 -14.49 -0.64 -6.20
N VAL C 105 -14.26 -0.72 -7.51
CA VAL C 105 -15.13 -1.55 -8.33
C VAL C 105 -14.98 -3.00 -7.91
N TYR C 106 -13.82 -3.36 -7.37
CA TYR C 106 -13.67 -4.70 -6.84
C TYR C 106 -14.69 -4.96 -5.74
N ASP C 107 -15.06 -3.93 -4.98
CA ASP C 107 -16.06 -4.14 -3.96
C ASP C 107 -17.34 -4.70 -4.58
N ALA C 108 -17.77 -4.12 -5.69
CA ALA C 108 -18.95 -4.65 -6.38
C ALA C 108 -18.68 -6.02 -6.97
N LEU C 109 -17.51 -6.22 -7.56
CA LEU C 109 -17.22 -7.46 -8.25
C LEU C 109 -16.85 -8.59 -7.30
N GLY C 110 -16.77 -8.30 -6.00
CA GLY C 110 -16.46 -9.34 -5.04
C GLY C 110 -17.52 -10.41 -4.95
N TYR C 111 -18.78 -10.04 -5.21
CA TYR C 111 -19.85 -11.02 -5.06
C TYR C 111 -19.62 -12.21 -5.98
N THR C 112 -19.27 -11.96 -7.24
CA THR C 112 -19.06 -13.08 -8.15
C THR C 112 -17.75 -13.81 -7.91
N ASP C 113 -16.71 -13.12 -7.44
CA ASP C 113 -15.41 -13.75 -7.27
C ASP C 113 -15.38 -14.55 -5.96
N MET C 114 -16.24 -15.57 -5.91
CA MET C 114 -16.27 -16.49 -4.79
C MET C 114 -15.86 -17.90 -5.20
N LEU C 115 -15.42 -18.08 -6.45
CA LEU C 115 -15.12 -19.41 -6.92
C LEU C 115 -13.81 -19.90 -6.30
N PRO C 116 -13.59 -21.21 -6.29
CA PRO C 116 -12.35 -21.72 -5.67
C PRO C 116 -11.09 -21.26 -6.37
N GLU C 117 -11.00 -21.44 -7.69
CA GLU C 117 -9.82 -21.05 -8.45
C GLU C 117 -10.15 -20.04 -9.54
N PHE C 118 -11.10 -20.35 -10.41
CA PHE C 118 -11.48 -19.46 -11.48
C PHE C 118 -12.43 -18.39 -10.93
N GLY C 119 -12.93 -17.53 -11.81
CA GLY C 119 -13.85 -16.50 -11.40
C GLY C 119 -13.20 -15.12 -11.37
N GLY C 120 -14.04 -14.11 -11.49
CA GLY C 120 -13.57 -12.73 -11.51
C GLY C 120 -12.67 -12.43 -12.69
N ASP C 121 -12.93 -13.05 -13.84
CA ASP C 121 -12.09 -12.81 -15.01
C ASP C 121 -12.17 -11.36 -15.45
N THR C 122 -13.36 -10.77 -15.37
CA THR C 122 -13.52 -9.37 -15.74
C THR C 122 -12.66 -8.47 -14.86
N ALA C 123 -12.48 -8.85 -13.59
CA ALA C 123 -11.72 -8.04 -12.64
C ALA C 123 -10.23 -8.29 -12.90
N TYR C 124 -9.74 -7.68 -13.96
CA TYR C 124 -8.34 -7.81 -14.30
C TYR C 124 -7.50 -7.03 -13.30
N SER C 125 -6.24 -7.44 -13.18
CA SER C 125 -5.34 -6.76 -12.26
C SER C 125 -4.61 -5.64 -12.98
N ASP C 126 -4.10 -4.70 -12.20
CA ASP C 126 -3.46 -3.51 -12.76
C ASP C 126 -4.38 -2.80 -13.74
N ASP C 127 -5.69 -3.01 -13.61
CA ASP C 127 -6.70 -2.28 -14.35
C ASP C 127 -7.30 -1.19 -13.46
N PHE C 128 -8.00 -0.25 -14.11
CA PHE C 128 -8.26 1.04 -13.50
C PHE C 128 -8.83 0.92 -12.10
N PHE C 129 -10.03 0.32 -11.97
CA PHE C 129 -10.69 0.23 -10.68
C PHE C 129 -11.19 -1.17 -10.35
N VAL C 130 -11.12 -2.12 -11.28
CA VAL C 130 -11.74 -3.43 -11.05
C VAL C 130 -10.85 -4.31 -10.19
N GLY C 131 -9.52 -4.18 -10.31
CA GLY C 131 -8.59 -5.05 -9.61
C GLY C 131 -7.62 -4.28 -8.74
N ARG C 132 -6.74 -5.04 -8.11
CA ARG C 132 -5.77 -4.48 -7.17
C ARG C 132 -4.70 -3.71 -7.93
N VAL C 133 -4.45 -2.48 -7.49
CA VAL C 133 -3.51 -1.58 -8.17
C VAL C 133 -2.76 -0.79 -7.10
N GLY C 134 -1.66 -0.19 -7.52
CA GLY C 134 -0.80 0.59 -6.63
C GLY C 134 -0.97 2.07 -6.88
N GLY C 135 -1.02 2.85 -5.81
CA GLY C 135 -1.15 4.27 -5.88
C GLY C 135 -2.57 4.76 -5.65
N VAL C 136 -3.32 4.09 -4.78
CA VAL C 136 -4.70 4.44 -4.49
C VAL C 136 -4.79 4.99 -3.08
N ALA C 137 -5.66 5.98 -2.90
CA ALA C 137 -6.00 6.52 -1.59
C ALA C 137 -7.50 6.35 -1.42
N THR C 138 -7.90 5.61 -0.40
CA THR C 138 -9.29 5.22 -0.21
C THR C 138 -9.81 5.69 1.14
N TYR C 139 -11.04 6.17 1.15
CA TYR C 139 -11.78 6.50 2.36
C TYR C 139 -13.01 5.61 2.41
N ARG C 140 -13.33 5.13 3.60
CA ARG C 140 -14.48 4.25 3.77
C ARG C 140 -15.27 4.66 5.00
N ASN C 141 -16.58 4.56 4.88
CA ASN C 141 -17.53 4.82 5.96
C ASN C 141 -18.32 3.54 6.17
N SER C 142 -18.47 3.14 7.42
CA SER C 142 -19.22 1.95 7.79
C SER C 142 -20.53 2.37 8.42
N ASN C 143 -21.65 1.91 7.85
CA ASN C 143 -22.97 2.19 8.38
C ASN C 143 -23.25 3.70 8.47
N PHE C 144 -22.64 4.47 7.56
CA PHE C 144 -22.82 5.91 7.46
C PHE C 144 -22.63 6.61 8.81
N PHE C 145 -21.42 6.45 9.36
CA PHE C 145 -21.07 7.03 10.66
C PHE C 145 -21.88 6.40 11.78
N GLY C 146 -22.31 5.16 11.57
CA GLY C 146 -23.16 4.51 12.53
C GLY C 146 -24.57 5.03 12.52
N LEU C 147 -24.95 5.80 11.50
CA LEU C 147 -26.29 6.35 11.42
C LEU C 147 -27.26 5.28 10.93
N VAL C 148 -26.93 4.65 9.80
CA VAL C 148 -27.78 3.64 9.19
C VAL C 148 -26.96 2.35 9.14
N ASP C 149 -27.45 1.32 9.82
CA ASP C 149 -26.73 0.06 9.87
C ASP C 149 -26.79 -0.65 8.53
N GLY C 150 -25.65 -1.22 8.12
CA GLY C 150 -25.58 -2.00 6.92
C GLY C 150 -25.32 -1.23 5.65
N LEU C 151 -25.39 0.09 5.70
CA LEU C 151 -25.13 0.94 4.54
C LEU C 151 -23.78 1.60 4.74
N ASN C 152 -22.82 1.26 3.87
CA ASN C 152 -21.47 1.78 3.95
C ASN C 152 -21.03 2.23 2.56
N PHE C 153 -20.17 3.25 2.54
CA PHE C 153 -19.74 3.81 1.27
C PHE C 153 -18.23 4.06 1.27
N ALA C 154 -17.65 4.06 0.08
CA ALA C 154 -16.22 4.28 -0.06
C ALA C 154 -15.93 5.14 -1.29
N VAL C 155 -14.83 5.88 -1.22
CA VAL C 155 -14.36 6.74 -2.30
C VAL C 155 -12.88 6.48 -2.46
N GLN C 156 -12.39 6.58 -3.70
CA GLN C 156 -11.01 6.21 -3.99
C GLN C 156 -10.44 7.12 -5.07
N TYR C 157 -9.25 7.64 -4.83
CA TYR C 157 -8.50 8.42 -5.80
C TYR C 157 -7.34 7.56 -6.30
N LEU C 158 -7.05 7.65 -7.59
CA LEU C 158 -6.04 6.83 -8.25
C LEU C 158 -4.99 7.72 -8.89
N GLY C 159 -3.79 7.72 -8.29
CA GLY C 159 -2.69 8.46 -8.89
C GLY C 159 -2.31 7.86 -10.23
N LYS C 160 -1.91 8.74 -11.16
CA LYS C 160 -1.56 8.30 -12.50
C LYS C 160 -0.35 7.39 -12.45
N ASN C 161 -0.34 6.37 -13.31
CA ASN C 161 0.79 5.46 -13.44
C ASN C 161 1.19 5.38 -14.90
N GLU C 162 2.38 5.86 -15.22
CA GLU C 162 2.92 5.81 -16.57
C GLU C 162 3.91 4.66 -16.62
N ARG C 163 3.45 3.49 -17.07
CA ARG C 163 4.30 2.32 -17.16
C ARG C 163 4.71 2.06 -18.60
N ASP C 164 5.52 1.03 -18.79
CA ASP C 164 6.00 0.71 -20.13
C ASP C 164 4.89 0.23 -21.04
N THR C 165 3.89 -0.46 -20.49
CA THR C 165 2.84 -1.06 -21.28
C THR C 165 1.51 -0.38 -20.95
N ALA C 166 0.68 -0.21 -21.98
CA ALA C 166 -0.63 0.37 -21.75
C ALA C 166 -1.46 -0.55 -20.88
N ARG C 167 -1.19 -1.85 -20.93
CA ARG C 167 -1.95 -2.80 -20.14
C ARG C 167 -1.77 -2.52 -18.66
N ARG C 168 -0.58 -2.09 -18.25
CA ARG C 168 -0.28 -1.85 -16.85
C ARG C 168 -0.28 -0.37 -16.47
N SER C 169 -0.54 0.54 -17.40
CA SER C 169 -0.47 1.96 -17.13
C SER C 169 -1.86 2.53 -16.92
N ASN C 170 -1.90 3.76 -16.41
CA ASN C 170 -3.19 4.42 -16.13
C ASN C 170 -2.95 5.93 -16.06
N GLY C 171 -3.91 6.65 -15.50
CA GLY C 171 -3.76 8.06 -15.23
C GLY C 171 -4.57 8.49 -14.03
N ASP C 172 -4.75 9.79 -13.84
CA ASP C 172 -5.56 10.26 -12.72
C ASP C 172 -6.95 9.63 -12.80
N GLY C 173 -7.43 9.13 -11.68
CA GLY C 173 -8.75 8.52 -11.65
C GLY C 173 -9.45 8.73 -10.33
N VAL C 174 -10.76 8.51 -10.35
CA VAL C 174 -11.61 8.66 -9.17
C VAL C 174 -12.66 7.56 -9.23
N GLY C 175 -13.22 7.25 -8.07
CA GLY C 175 -14.29 6.27 -8.03
C GLY C 175 -14.97 6.25 -6.68
N GLY C 176 -16.15 5.64 -6.67
CA GLY C 176 -16.95 5.52 -5.47
C GLY C 176 -17.77 4.26 -5.53
N SER C 177 -18.22 3.83 -4.36
CA SER C 177 -18.99 2.61 -4.24
C SER C 177 -19.88 2.70 -3.00
N ILE C 178 -21.08 2.14 -3.11
CA ILE C 178 -22.02 2.11 -2.00
C ILE C 178 -22.55 0.69 -1.87
N SER C 179 -22.73 0.25 -0.63
CA SER C 179 -23.16 -1.12 -0.36
C SER C 179 -24.12 -1.09 0.82
N TYR C 180 -25.33 -1.60 0.63
CA TYR C 180 -26.29 -1.72 1.71
C TYR C 180 -26.56 -3.20 1.97
N GLU C 181 -26.19 -3.65 3.17
CA GLU C 181 -26.43 -5.01 3.64
C GLU C 181 -27.52 -4.97 4.69
N TYR C 182 -28.61 -5.71 4.47
CA TYR C 182 -29.71 -5.74 5.42
C TYR C 182 -30.17 -7.17 5.61
N GLU C 183 -30.05 -7.67 6.83
CA GLU C 183 -30.64 -8.94 7.23
C GLU C 183 -30.12 -10.09 6.36
N GLY C 184 -28.91 -9.94 5.83
CA GLY C 184 -28.34 -10.96 4.98
C GLY C 184 -28.35 -10.57 3.51
N PHE C 185 -29.44 -9.93 3.07
CA PHE C 185 -29.49 -9.46 1.69
C PHE C 185 -28.44 -8.38 1.46
N GLY C 186 -27.97 -8.26 0.22
CA GLY C 186 -26.99 -7.25 -0.10
C GLY C 186 -27.11 -6.59 -1.47
N ILE C 187 -26.90 -5.27 -1.52
CA ILE C 187 -26.96 -4.52 -2.77
C ILE C 187 -25.73 -3.62 -2.82
N VAL C 188 -25.19 -3.41 -4.02
CA VAL C 188 -23.99 -2.59 -4.18
C VAL C 188 -24.01 -1.91 -5.54
N GLY C 189 -23.37 -0.75 -5.60
CA GLY C 189 -23.17 -0.02 -6.83
C GLY C 189 -21.87 0.76 -6.83
N ALA C 190 -21.05 0.60 -7.87
CA ALA C 190 -19.76 1.27 -7.93
C ALA C 190 -19.53 1.89 -9.29
N TYR C 191 -18.79 3.01 -9.30
CA TYR C 191 -18.49 3.75 -10.51
C TYR C 191 -17.07 4.28 -10.42
N GLY C 192 -16.33 4.20 -11.52
CA GLY C 192 -14.98 4.74 -11.59
C GLY C 192 -14.68 5.35 -12.93
N ALA C 193 -13.92 6.44 -12.95
CA ALA C 193 -13.58 7.13 -14.18
C ALA C 193 -12.15 7.66 -14.11
N ALA C 194 -11.43 7.55 -15.22
CA ALA C 194 -10.04 7.97 -15.27
C ALA C 194 -9.68 8.33 -16.70
N ASP C 195 -8.50 8.91 -16.88
CA ASP C 195 -8.00 9.31 -18.18
C ASP C 195 -6.92 8.35 -18.67
N ARG C 196 -6.98 7.99 -19.95
CA ARG C 196 -5.99 7.10 -20.52
C ARG C 196 -4.74 7.87 -20.91
N THR C 197 -3.58 7.24 -20.70
CA THR C 197 -2.30 7.84 -21.03
C THR C 197 -2.04 7.78 -22.53
N ASN C 198 -1.00 8.51 -22.95
CA ASN C 198 -0.66 8.54 -24.37
C ASN C 198 -0.38 7.14 -24.89
N LEU C 199 0.33 6.34 -24.11
CA LEU C 199 0.62 4.98 -24.54
C LEU C 199 -0.66 4.20 -24.79
N GLN C 200 -1.67 4.39 -23.94
CA GLN C 200 -2.92 3.68 -24.13
C GLN C 200 -3.62 4.15 -25.39
N GLU C 201 -3.70 5.47 -25.58
CA GLU C 201 -4.31 6.00 -26.78
C GLU C 201 -3.51 5.57 -28.00
N ALA C 202 -2.18 5.59 -27.89
CA ALA C 202 -1.31 5.22 -28.98
C ALA C 202 -1.51 3.77 -29.41
N GLN C 203 -2.11 2.95 -28.54
CA GLN C 203 -2.32 1.55 -28.88
C GLN C 203 -3.17 1.44 -30.15
N PRO C 204 -2.93 0.42 -30.97
CA PRO C 204 -3.72 0.31 -32.20
C PRO C 204 -5.20 0.12 -31.90
N LEU C 205 -5.53 -0.72 -30.94
CA LEU C 205 -6.92 -0.86 -30.54
C LEU C 205 -7.22 0.16 -29.45
N GLY C 206 -8.50 0.45 -29.28
CA GLY C 206 -8.90 1.43 -28.28
C GLY C 206 -8.91 2.83 -28.85
N ASN C 207 -9.85 3.65 -28.40
CA ASN C 207 -9.92 5.03 -28.86
C ASN C 207 -10.66 5.86 -27.83
N GLY C 208 -10.19 7.08 -27.60
CA GLY C 208 -10.72 7.95 -26.58
C GLY C 208 -9.83 8.01 -25.36
N LYS C 209 -10.16 8.96 -24.48
CA LYS C 209 -9.38 9.21 -23.28
C LYS C 209 -10.06 8.77 -22.00
N LYS C 210 -11.36 8.99 -21.87
CA LYS C 210 -12.10 8.66 -20.65
C LYS C 210 -12.33 7.16 -20.54
N ALA C 211 -11.51 6.50 -19.72
CA ALA C 211 -11.70 5.10 -19.40
C ALA C 211 -12.65 5.01 -18.21
N GLU C 212 -13.79 4.37 -18.41
CA GLU C 212 -14.89 4.37 -17.46
C GLU C 212 -15.28 2.95 -17.12
N GLN C 213 -15.53 2.68 -15.84
CA GLN C 213 -16.03 1.38 -15.40
C GLN C 213 -17.16 1.61 -14.41
N TRP C 214 -18.14 0.71 -14.41
CA TRP C 214 -19.14 0.75 -13.35
C TRP C 214 -19.86 -0.59 -13.28
N ALA C 215 -20.45 -0.84 -12.12
CA ALA C 215 -20.97 -2.17 -11.84
C ALA C 215 -22.04 -2.07 -10.76
N THR C 216 -22.95 -3.04 -10.78
CA THR C 216 -24.04 -3.14 -9.82
C THR C 216 -24.11 -4.59 -9.40
N GLY C 217 -24.29 -4.83 -8.12
CA GLY C 217 -24.27 -6.18 -7.58
C GLY C 217 -25.40 -6.43 -6.62
N LEU C 218 -25.92 -7.65 -6.66
CA LEU C 218 -27.00 -8.06 -5.78
C LEU C 218 -26.65 -9.43 -5.24
N LYS C 219 -27.10 -9.72 -4.02
CA LYS C 219 -26.79 -11.02 -3.47
C LYS C 219 -27.71 -11.35 -2.29
N TYR C 220 -27.74 -12.64 -1.99
CA TYR C 220 -28.32 -13.16 -0.76
C TYR C 220 -27.49 -14.34 -0.29
N ASP C 221 -26.99 -14.26 0.94
CA ASP C 221 -26.16 -15.31 1.51
C ASP C 221 -26.71 -15.63 2.88
N ALA C 222 -27.10 -16.89 3.07
CA ALA C 222 -27.65 -17.37 4.34
C ALA C 222 -27.99 -18.84 4.17
N ASN C 223 -28.26 -19.50 5.28
CA ASN C 223 -28.76 -20.87 5.27
C ASN C 223 -27.84 -21.79 4.45
N ASN C 224 -26.55 -21.47 4.46
CA ASN C 224 -25.54 -22.21 3.72
C ASN C 224 -25.70 -22.04 2.22
N ILE C 225 -26.15 -20.87 1.81
CA ILE C 225 -26.49 -20.56 0.43
C ILE C 225 -25.85 -19.22 0.10
N TYR C 226 -25.52 -19.03 -1.18
CA TYR C 226 -24.93 -17.78 -1.64
C TYR C 226 -25.35 -17.58 -3.08
N LEU C 227 -26.21 -16.61 -3.34
CA LEU C 227 -26.62 -16.22 -4.67
C LEU C 227 -26.09 -14.82 -4.94
N ALA C 228 -25.66 -14.57 -6.18
CA ALA C 228 -25.06 -13.28 -6.52
C ALA C 228 -25.19 -13.01 -8.00
N ALA C 229 -25.36 -11.73 -8.33
CA ALA C 229 -25.53 -11.29 -9.72
C ALA C 229 -24.95 -9.89 -9.86
N ASN C 230 -23.82 -9.80 -10.57
CA ASN C 230 -23.15 -8.53 -10.84
C ASN C 230 -23.17 -8.20 -12.33
N TYR C 231 -23.66 -7.01 -12.67
CA TYR C 231 -23.67 -6.50 -14.04
C TYR C 231 -22.82 -5.25 -14.10
N GLY C 232 -21.79 -5.27 -14.92
CA GLY C 232 -20.90 -4.13 -15.05
C GLY C 232 -20.64 -3.76 -16.49
N GLU C 233 -20.58 -2.46 -16.75
CA GLU C 233 -20.31 -1.95 -18.09
C GLU C 233 -19.14 -0.98 -18.01
N THR C 234 -18.30 -0.99 -19.05
CA THR C 234 -17.11 -0.16 -19.07
C THR C 234 -16.87 0.33 -20.50
N ARG C 235 -16.12 1.43 -20.59
CA ARG C 235 -15.70 2.00 -21.85
C ARG C 235 -14.19 2.20 -21.79
N ASN C 236 -13.49 1.77 -22.85
CA ASN C 236 -12.05 1.99 -22.97
C ASN C 236 -11.31 1.62 -21.68
N ALA C 237 -11.73 0.51 -21.06
CA ALA C 237 -11.16 0.12 -19.77
C ALA C 237 -10.64 -1.31 -19.78
N THR C 238 -11.29 -2.20 -20.51
CA THR C 238 -10.89 -3.60 -20.46
C THR C 238 -9.78 -3.87 -21.45
N PRO C 239 -8.74 -4.61 -21.07
CA PRO C 239 -7.67 -4.90 -22.02
C PRO C 239 -8.08 -6.03 -22.95
N ILE C 240 -7.55 -5.97 -24.17
CA ILE C 240 -7.90 -6.95 -25.18
C ILE C 240 -6.68 -7.21 -26.06
N THR C 241 -6.50 -8.47 -26.44
CA THR C 241 -5.38 -8.92 -27.26
C THR C 241 -5.91 -9.77 -28.41
N ASN C 242 -5.31 -9.60 -29.59
CA ASN C 242 -5.69 -10.33 -30.79
C ASN C 242 -4.53 -11.22 -31.18
N LYS C 243 -4.71 -12.53 -31.01
CA LYS C 243 -3.69 -13.49 -31.39
C LYS C 243 -3.48 -13.49 -32.90
N PHE C 244 -4.56 -13.35 -33.67
CA PHE C 244 -4.40 -13.35 -35.12
C PHE C 244 -3.49 -12.21 -35.53
N THR C 245 -3.72 -11.03 -34.95
CA THR C 245 -2.90 -9.86 -35.23
C THR C 245 -1.77 -9.74 -34.22
N ASN C 246 -1.85 -10.45 -33.10
CA ASN C 246 -0.85 -10.35 -32.05
C ASN C 246 -0.72 -8.90 -31.62
N THR C 247 -1.84 -8.21 -31.51
CA THR C 247 -1.86 -6.81 -31.15
C THR C 247 -2.85 -6.58 -30.03
N SER C 248 -2.54 -5.65 -29.14
CA SER C 248 -3.38 -5.43 -27.98
C SER C 248 -3.88 -3.99 -27.94
N GLY C 249 -4.63 -3.70 -26.89
CA GLY C 249 -5.19 -2.39 -26.63
C GLY C 249 -6.32 -2.52 -25.65
N PHE C 250 -7.25 -1.57 -25.72
CA PHE C 250 -8.38 -1.57 -24.80
C PHE C 250 -9.68 -1.63 -25.61
N ALA C 251 -10.76 -1.94 -24.90
CA ALA C 251 -12.06 -2.14 -25.52
C ALA C 251 -12.85 -0.84 -25.49
N ASN C 252 -13.29 -0.37 -26.65
CA ASN C 252 -14.09 0.84 -26.69
C ASN C 252 -15.32 0.71 -25.80
N LYS C 253 -15.94 -0.48 -25.79
CA LYS C 253 -17.08 -0.71 -24.92
C LYS C 253 -17.07 -2.15 -24.48
N THR C 254 -17.57 -2.41 -23.28
CA THR C 254 -17.65 -3.76 -22.75
C THR C 254 -18.83 -3.89 -21.80
N GLN C 255 -19.56 -4.99 -21.93
CA GLN C 255 -20.58 -5.40 -20.99
C GLN C 255 -20.17 -6.73 -20.37
N ASP C 256 -20.34 -6.85 -19.06
CA ASP C 256 -19.96 -8.05 -18.33
C ASP C 256 -21.12 -8.43 -17.41
N VAL C 257 -21.41 -9.72 -17.38
CA VAL C 257 -22.47 -10.27 -16.56
C VAL C 257 -21.93 -11.47 -15.82
N LEU C 258 -22.14 -11.50 -14.51
CA LEU C 258 -21.66 -12.56 -13.66
C LEU C 258 -22.79 -13.02 -12.75
N LEU C 259 -22.89 -14.34 -12.59
CA LEU C 259 -23.94 -14.93 -11.78
C LEU C 259 -23.32 -16.11 -11.04
N VAL C 260 -23.61 -16.22 -9.75
CA VAL C 260 -23.03 -17.27 -8.92
C VAL C 260 -24.11 -17.84 -8.03
N ALA C 261 -24.05 -19.16 -7.83
CA ALA C 261 -24.96 -19.87 -6.92
C ALA C 261 -24.16 -20.99 -6.29
N GLN C 262 -23.90 -20.86 -5.00
CA GLN C 262 -23.13 -21.83 -4.26
C GLN C 262 -23.88 -22.28 -3.03
N TYR C 263 -23.87 -23.58 -2.75
CA TYR C 263 -24.44 -24.10 -1.53
C TYR C 263 -23.31 -24.65 -0.66
N GLN C 264 -23.51 -24.61 0.64
CA GLN C 264 -22.52 -25.07 1.61
C GLN C 264 -23.18 -26.09 2.53
N PHE C 265 -22.39 -27.08 2.95
CA PHE C 265 -22.89 -28.12 3.84
C PHE C 265 -22.18 -28.06 5.18
N ASP C 266 -22.85 -28.62 6.20
CA ASP C 266 -22.27 -28.65 7.54
C ASP C 266 -20.98 -29.46 7.54
N PHE C 267 -20.92 -30.51 6.71
CA PHE C 267 -19.78 -31.41 6.68
C PHE C 267 -18.76 -30.92 5.65
N GLY C 268 -18.35 -29.67 5.82
CA GLY C 268 -17.26 -29.11 5.04
C GLY C 268 -17.37 -29.31 3.55
N LEU C 269 -18.53 -29.05 2.97
CA LEU C 269 -18.70 -29.16 1.53
C LEU C 269 -19.42 -27.93 1.00
N ARG C 270 -19.06 -27.53 -0.22
CA ARG C 270 -19.64 -26.34 -0.85
C ARG C 270 -19.62 -26.49 -2.37
N PRO C 271 -20.64 -27.11 -2.95
CA PRO C 271 -20.74 -27.15 -4.41
C PRO C 271 -21.05 -25.78 -4.97
N SER C 272 -20.53 -25.50 -6.17
CA SER C 272 -20.69 -24.17 -6.76
C SER C 272 -21.02 -24.25 -8.24
N ILE C 273 -21.77 -23.26 -8.70
CA ILE C 273 -22.11 -23.07 -10.10
C ILE C 273 -22.00 -21.58 -10.40
N ALA C 274 -21.50 -21.25 -11.58
CA ALA C 274 -21.33 -19.85 -11.95
C ALA C 274 -21.49 -19.69 -13.45
N TYR C 275 -22.29 -18.73 -13.85
CA TYR C 275 -22.33 -18.29 -15.24
C TYR C 275 -21.61 -16.96 -15.39
N THR C 276 -21.02 -16.75 -16.57
CA THR C 276 -20.22 -15.57 -16.85
C THR C 276 -20.33 -15.22 -18.33
N LYS C 277 -20.17 -13.94 -18.62
CA LYS C 277 -20.16 -13.48 -20.00
C LYS C 277 -19.58 -12.08 -20.06
N SER C 278 -18.86 -11.80 -21.15
CA SER C 278 -18.32 -10.47 -21.40
C SER C 278 -18.30 -10.25 -22.91
N LYS C 279 -18.96 -9.19 -23.36
CA LYS C 279 -19.03 -8.84 -24.77
C LYS C 279 -18.46 -7.45 -24.97
N ALA C 280 -17.47 -7.33 -25.84
CA ALA C 280 -16.86 -6.06 -26.20
C ALA C 280 -17.52 -5.52 -27.45
N LYS C 281 -17.67 -4.20 -27.51
CA LYS C 281 -18.30 -3.51 -28.61
C LYS C 281 -17.40 -2.39 -29.10
N ASP C 282 -17.64 -2.02 -30.36
CA ASP C 282 -16.88 -0.97 -31.04
C ASP C 282 -15.39 -1.31 -31.06
N VAL C 283 -15.09 -2.59 -31.20
CA VAL C 283 -13.71 -3.03 -31.33
C VAL C 283 -13.17 -2.61 -32.69
N GLU C 284 -11.92 -2.20 -32.73
CA GLU C 284 -11.33 -1.68 -33.97
C GLU C 284 -11.09 -2.82 -34.94
N GLY C 285 -11.96 -2.93 -35.95
CA GLY C 285 -11.85 -3.93 -36.99
C GLY C 285 -12.52 -5.25 -36.70
N ILE C 286 -13.08 -5.42 -35.49
CA ILE C 286 -13.73 -6.67 -35.13
C ILE C 286 -15.15 -6.39 -34.66
N GLY C 287 -15.59 -5.14 -34.78
CA GLY C 287 -16.95 -4.82 -34.35
C GLY C 287 -17.18 -5.25 -32.92
N ASP C 288 -18.24 -6.01 -32.71
CA ASP C 288 -18.59 -6.53 -31.41
C ASP C 288 -18.28 -8.02 -31.38
N VAL C 289 -17.73 -8.48 -30.26
CA VAL C 289 -17.27 -9.85 -30.12
C VAL C 289 -17.38 -10.24 -28.66
N ASP C 290 -17.37 -11.53 -28.39
CA ASP C 290 -17.45 -12.05 -27.04
C ASP C 290 -16.07 -12.46 -26.58
N LEU C 291 -15.60 -11.86 -25.49
CA LEU C 291 -14.29 -12.22 -24.96
C LEU C 291 -14.34 -13.54 -24.18
N VAL C 292 -15.35 -13.70 -23.32
CA VAL C 292 -15.48 -14.89 -22.49
C VAL C 292 -16.96 -15.21 -22.36
N ASN C 293 -17.29 -16.50 -22.47
CA ASN C 293 -18.67 -16.95 -22.33
C ASN C 293 -18.60 -18.42 -21.93
N TYR C 294 -18.87 -18.69 -20.66
CA TYR C 294 -18.66 -20.02 -20.12
C TYR C 294 -19.60 -20.28 -18.95
N PHE C 295 -19.73 -21.56 -18.63
CA PHE C 295 -20.38 -22.03 -17.43
C PHE C 295 -19.32 -22.50 -16.44
N GLU C 296 -19.67 -22.47 -15.16
CA GLU C 296 -18.88 -23.12 -14.12
C GLU C 296 -19.68 -24.23 -13.47
N VAL C 297 -18.99 -25.33 -13.12
CA VAL C 297 -19.54 -26.36 -12.26
C VAL C 297 -18.40 -26.86 -11.39
N GLY C 298 -18.47 -26.63 -10.09
CA GLY C 298 -17.37 -27.00 -9.24
C GLY C 298 -17.81 -27.29 -7.82
N ALA C 299 -16.82 -27.56 -6.98
CA ALA C 299 -17.09 -27.92 -5.59
C ALA C 299 -15.84 -27.70 -4.76
N THR C 300 -16.04 -27.68 -3.45
CA THR C 300 -14.96 -27.49 -2.50
C THR C 300 -15.34 -28.20 -1.21
N TYR C 301 -14.46 -29.10 -0.77
CA TYR C 301 -14.59 -29.78 0.51
C TYR C 301 -13.68 -29.06 1.49
N TYR C 302 -14.23 -28.64 2.62
CA TYR C 302 -13.48 -27.96 3.65
C TYR C 302 -13.22 -28.93 4.80
N PHE C 303 -12.04 -29.55 4.77
CA PHE C 303 -11.63 -30.39 5.89
C PHE C 303 -11.65 -29.60 7.19
N ASN C 304 -11.17 -28.37 7.13
CA ASN C 304 -11.19 -27.45 8.25
C ASN C 304 -10.86 -26.07 7.69
N LYS C 305 -10.74 -25.09 8.57
CA LYS C 305 -10.38 -23.77 8.09
C LYS C 305 -9.01 -23.78 7.44
N ASN C 306 -8.09 -24.57 7.98
CA ASN C 306 -6.72 -24.59 7.49
C ASN C 306 -6.46 -25.59 6.36
N MET C 307 -7.41 -26.48 6.06
CA MET C 307 -7.20 -27.50 5.03
C MET C 307 -8.45 -27.61 4.16
N SER C 308 -8.25 -27.66 2.85
CA SER C 308 -9.39 -27.76 1.94
C SER C 308 -8.94 -28.34 0.61
N THR C 309 -9.91 -28.87 -0.13
CA THR C 309 -9.68 -29.40 -1.47
C THR C 309 -10.80 -28.90 -2.36
N TYR C 310 -10.54 -28.79 -3.66
CA TYR C 310 -11.57 -28.26 -4.53
C TYR C 310 -11.32 -28.63 -5.99
N VAL C 311 -12.37 -28.47 -6.78
CA VAL C 311 -12.36 -28.82 -8.19
C VAL C 311 -13.26 -27.82 -8.91
N ASP C 312 -12.92 -27.50 -10.15
CA ASP C 312 -13.73 -26.58 -10.94
C ASP C 312 -13.65 -26.95 -12.41
N TYR C 313 -14.80 -27.14 -13.03
CA TYR C 313 -14.87 -27.46 -14.45
C TYR C 313 -15.53 -26.31 -15.18
N ILE C 314 -14.78 -25.72 -16.11
CA ILE C 314 -15.19 -24.53 -16.84
C ILE C 314 -15.60 -24.97 -18.23
N ILE C 315 -16.88 -24.79 -18.54
CA ILE C 315 -17.43 -25.12 -19.85
C ILE C 315 -17.30 -23.84 -20.67
N ASN C 316 -16.19 -23.72 -21.39
CA ASN C 316 -15.98 -22.57 -22.25
C ASN C 316 -16.89 -22.67 -23.46
N GLN C 317 -17.84 -21.76 -23.58
CA GLN C 317 -18.76 -21.76 -24.71
C GLN C 317 -18.20 -20.97 -25.88
N ILE C 318 -17.05 -20.33 -25.73
CA ILE C 318 -16.49 -19.56 -26.82
C ILE C 318 -16.23 -20.48 -28.01
N ASP C 319 -16.56 -20.00 -29.20
CA ASP C 319 -16.37 -20.77 -30.41
C ASP C 319 -14.97 -20.56 -30.97
N SER C 320 -14.51 -21.55 -31.75
CA SER C 320 -13.19 -21.47 -32.36
C SER C 320 -13.08 -20.32 -33.35
N ASP C 321 -14.16 -20.03 -34.07
CA ASP C 321 -14.15 -18.97 -35.08
C ASP C 321 -14.08 -17.58 -34.47
N ASN C 322 -14.00 -17.47 -33.14
CA ASN C 322 -13.91 -16.16 -32.50
C ASN C 322 -12.82 -15.32 -33.15
N LYS C 323 -13.14 -14.04 -33.32
CA LYS C 323 -12.31 -13.13 -34.10
C LYS C 323 -11.20 -12.49 -33.28
N LEU C 324 -10.70 -13.19 -32.25
CA LEU C 324 -9.58 -12.67 -31.47
C LEU C 324 -8.64 -13.78 -31.04
N GLY C 325 -8.69 -14.94 -31.68
CA GLY C 325 -7.82 -16.04 -31.31
C GLY C 325 -8.02 -16.53 -29.90
N VAL C 326 -9.18 -16.24 -29.30
CA VAL C 326 -9.46 -16.64 -27.93
C VAL C 326 -9.56 -18.15 -27.83
N GLY C 327 -9.19 -18.68 -26.66
CA GLY C 327 -9.28 -20.11 -26.43
C GLY C 327 -10.72 -20.60 -26.39
N SER C 328 -11.09 -21.44 -27.37
CA SER C 328 -12.44 -22.00 -27.44
C SER C 328 -12.53 -23.40 -26.86
N ASP C 329 -11.71 -23.71 -25.87
CA ASP C 329 -11.66 -25.03 -25.27
C ASP C 329 -12.15 -24.98 -23.82
N ASP C 330 -12.73 -26.09 -23.37
CA ASP C 330 -13.11 -26.21 -21.97
C ASP C 330 -11.85 -26.30 -21.12
N THR C 331 -12.04 -26.48 -19.81
CA THR C 331 -10.88 -26.63 -18.94
C THR C 331 -11.36 -27.17 -17.61
N VAL C 332 -10.42 -27.67 -16.81
CA VAL C 332 -10.75 -28.09 -15.45
C VAL C 332 -9.53 -27.86 -14.58
N ALA C 333 -9.77 -27.69 -13.28
CA ALA C 333 -8.72 -27.49 -12.31
C ALA C 333 -9.02 -28.26 -11.04
N VAL C 334 -7.98 -28.81 -10.41
CA VAL C 334 -8.09 -29.57 -9.18
C VAL C 334 -7.02 -29.05 -8.23
N GLY C 335 -7.42 -28.69 -7.03
CA GLY C 335 -6.55 -28.01 -6.09
C GLY C 335 -6.68 -28.54 -4.68
N ILE C 336 -5.59 -28.43 -3.94
CA ILE C 336 -5.56 -28.77 -2.53
C ILE C 336 -4.86 -27.62 -1.82
N VAL C 337 -5.34 -27.27 -0.63
CA VAL C 337 -4.95 -26.02 0.03
C VAL C 337 -4.70 -26.28 1.51
N TYR C 338 -3.58 -25.77 2.00
CA TYR C 338 -3.33 -25.60 3.43
C TYR C 338 -3.18 -24.12 3.70
N GLN C 339 -3.72 -23.65 4.82
CA GLN C 339 -3.65 -22.22 5.11
C GLN C 339 -3.70 -22.02 6.62
N PHE C 340 -2.84 -21.13 7.10
CA PHE C 340 -2.78 -20.81 8.52
C PHE C 340 -3.32 -19.42 8.78
N GLY D 3 25.62 -28.80 0.44
CA GLY D 3 25.94 -29.71 1.52
C GLY D 3 25.18 -29.38 2.79
N GLY D 4 25.07 -30.36 3.67
CA GLY D 4 24.36 -30.22 4.92
C GLY D 4 22.87 -30.50 4.81
N ASP D 5 22.39 -30.88 3.64
CA ASP D 5 20.96 -31.12 3.47
C ASP D 5 20.51 -32.33 4.27
N GLY D 6 21.36 -33.36 4.39
CA GLY D 6 20.96 -34.57 5.08
C GLY D 6 20.54 -34.38 6.53
N ARG D 7 21.13 -33.42 7.24
CA ARG D 7 20.83 -33.28 8.66
C ARG D 7 19.32 -33.21 8.87
N GLY D 8 18.84 -33.94 9.86
CA GLY D 8 17.42 -34.08 10.04
C GLY D 8 16.91 -34.76 8.79
N HIS D 9 15.93 -34.14 8.13
CA HIS D 9 15.43 -34.62 6.85
C HIS D 9 15.03 -36.10 6.98
N ASN D 10 13.99 -36.33 7.78
CA ASN D 10 13.51 -37.69 7.94
C ASN D 10 12.96 -38.19 6.62
N THR D 11 13.19 -39.48 6.34
CA THR D 11 12.53 -40.13 5.23
C THR D 11 11.18 -40.66 5.68
N GLY D 12 10.50 -41.37 4.80
CA GLY D 12 9.15 -41.72 5.19
C GLY D 12 8.33 -40.47 5.44
N ALA D 13 7.20 -40.67 6.09
CA ALA D 13 6.29 -39.58 6.41
C ALA D 13 7.00 -38.53 7.27
N HIS D 14 6.34 -37.38 7.45
CA HIS D 14 6.95 -36.19 8.01
C HIS D 14 6.04 -35.63 9.08
N SER D 15 6.53 -35.62 10.32
CA SER D 15 5.82 -35.02 11.45
C SER D 15 6.80 -34.92 12.61
N THR D 16 6.55 -33.98 13.52
CA THR D 16 7.50 -33.66 14.57
C THR D 16 6.97 -33.95 15.96
N SER D 17 5.89 -33.30 16.42
CA SER D 17 5.48 -33.44 17.80
C SER D 17 3.97 -33.25 17.94
N GLY D 18 3.49 -33.49 19.16
CA GLY D 18 2.10 -33.31 19.53
C GLY D 18 1.61 -31.87 19.48
N ASN D 19 0.44 -31.62 18.92
CA ASN D 19 -0.08 -30.27 18.92
C ASN D 19 -0.62 -29.92 20.31
N ILE D 20 -0.74 -28.61 20.58
CA ILE D 20 -1.14 -28.19 21.92
C ILE D 20 -2.52 -28.73 22.26
N ASN D 21 -3.46 -28.57 21.32
CA ASN D 21 -4.85 -28.93 21.54
C ASN D 21 -5.27 -30.07 20.61
N GLY D 22 -6.39 -30.68 20.96
CA GLY D 22 -7.03 -31.69 20.14
C GLY D 22 -7.66 -31.18 18.85
N GLY D 23 -8.68 -30.34 19.01
CA GLY D 23 -9.56 -29.91 17.94
C GLY D 23 -8.92 -29.31 16.69
N PRO D 24 -9.42 -29.72 15.51
CA PRO D 24 -8.96 -29.10 14.25
C PRO D 24 -9.29 -27.62 14.14
N THR D 25 -10.51 -27.22 14.52
CA THR D 25 -10.91 -25.82 14.43
C THR D 25 -11.45 -25.23 15.72
N GLY D 26 -11.62 -26.01 16.79
CA GLY D 26 -12.17 -25.46 18.01
C GLY D 26 -11.31 -25.78 19.21
N ILE D 27 -10.28 -24.98 19.42
CA ILE D 27 -9.37 -25.11 20.57
C ILE D 27 -9.37 -23.80 21.33
N GLY D 28 -9.64 -23.89 22.61
CA GLY D 28 -9.69 -22.72 23.46
C GLY D 28 -9.58 -23.21 24.87
N VAL D 29 -10.25 -22.53 25.78
CA VAL D 29 -10.23 -22.93 27.18
C VAL D 29 -11.64 -23.42 27.46
N SER D 30 -12.50 -22.60 28.04
CA SER D 30 -13.82 -23.15 28.34
C SER D 30 -14.83 -22.07 28.65
N GLY D 31 -16.07 -22.52 28.66
CA GLY D 31 -17.32 -21.85 28.93
C GLY D 31 -18.09 -21.56 27.67
N GLY D 32 -19.41 -21.61 27.79
CA GLY D 32 -20.34 -21.34 26.70
C GLY D 32 -21.30 -20.33 27.28
N CYS D 33 -22.45 -20.84 27.75
CA CYS D 33 -23.59 -20.02 28.06
C CYS D 33 -23.17 -18.66 28.59
N SER D 34 -23.51 -17.59 27.87
CA SER D 34 -22.90 -16.30 28.15
C SER D 34 -23.83 -15.36 28.90
N ASP D 35 -23.27 -14.62 29.85
CA ASP D 35 -23.96 -13.58 30.59
C ASP D 35 -23.95 -12.25 29.86
N GLY D 36 -23.37 -12.20 28.66
CA GLY D 36 -23.17 -10.97 27.92
C GLY D 36 -22.18 -10.01 28.55
N SER D 37 -21.55 -10.38 29.68
CA SER D 37 -20.70 -9.44 30.39
C SER D 37 -19.43 -9.13 29.60
N GLY D 38 -18.97 -10.04 28.76
CA GLY D 38 -17.68 -9.89 28.10
C GLY D 38 -16.46 -10.25 28.93
N TRP D 39 -16.62 -10.55 30.22
CA TRP D 39 -15.44 -10.78 31.06
C TRP D 39 -15.62 -11.80 32.18
N SER D 40 -16.85 -12.04 32.64
CA SER D 40 -17.06 -12.85 33.82
C SER D 40 -16.81 -14.33 33.54
N SER D 41 -17.01 -15.15 34.59
CA SER D 41 -16.88 -16.60 34.49
C SER D 41 -18.00 -17.23 33.66
N GLU D 42 -19.10 -16.52 33.45
CA GLU D 42 -20.18 -16.98 32.60
C GLU D 42 -20.14 -16.32 31.24
N ASN D 43 -19.05 -15.62 30.91
CA ASN D 43 -18.80 -15.06 29.59
C ASN D 43 -18.20 -16.10 28.66
N ASN D 44 -18.78 -16.24 27.46
CA ASN D 44 -18.31 -17.24 26.51
C ASN D 44 -17.14 -16.77 25.66
N PRO D 45 -17.22 -15.62 25.00
CA PRO D 45 -16.21 -15.32 23.97
C PRO D 45 -14.78 -15.32 24.47
N TRP D 46 -14.49 -14.53 25.51
CA TRP D 46 -13.12 -14.41 26.02
C TRP D 46 -12.24 -13.90 24.88
N GLY D 47 -12.82 -13.01 24.11
CA GLY D 47 -12.17 -12.44 22.95
C GLY D 47 -12.45 -10.95 22.87
N GLY D 48 -11.58 -10.25 22.15
CA GLY D 48 -11.72 -8.82 21.99
C GLY D 48 -10.88 -8.38 20.82
N GLY D 49 -11.03 -7.12 20.47
CA GLY D 49 -10.32 -6.58 19.33
C GLY D 49 -10.62 -7.54 18.19
N SER D 50 -11.90 -7.72 17.92
CA SER D 50 -12.40 -8.79 17.04
C SER D 50 -11.88 -8.55 15.64
N GLY D 51 -12.33 -7.46 15.04
CA GLY D 51 -12.00 -7.12 13.68
C GLY D 51 -11.83 -5.62 13.61
N SER D 52 -10.99 -5.11 14.52
CA SER D 52 -10.75 -3.67 14.56
C SER D 52 -10.18 -3.19 13.25
N GLY D 53 -9.31 -3.97 12.63
CA GLY D 53 -8.74 -3.56 11.36
C GLY D 53 -9.80 -3.59 10.26
N ILE D 54 -9.57 -2.76 9.25
CA ILE D 54 -10.49 -2.67 8.12
C ILE D 54 -10.35 -3.89 7.19
N HIS D 55 -11.39 -4.10 6.40
CA HIS D 55 -11.39 -5.20 5.44
C HIS D 55 -10.26 -4.97 4.44
N TRP D 56 -9.68 -6.06 3.96
CA TRP D 56 -8.56 -6.02 3.01
C TRP D 56 -8.85 -6.86 1.78
N GLY D 57 -9.66 -6.31 0.88
CA GLY D 57 -10.03 -7.06 -0.31
C GLY D 57 -10.80 -8.31 0.00
N GLY D 58 -11.95 -8.20 0.67
CA GLY D 58 -12.72 -9.40 0.93
C GLY D 58 -13.09 -10.07 -0.38
N GLY D 59 -13.11 -11.39 -0.36
CA GLY D 59 -13.31 -12.18 -1.56
C GLY D 59 -12.12 -13.07 -1.84
N SER D 60 -12.34 -14.00 -2.77
CA SER D 60 -11.28 -14.96 -3.09
C SER D 60 -10.03 -14.25 -3.60
N GLY D 61 -10.19 -13.27 -4.49
CA GLY D 61 -9.08 -12.48 -4.98
C GLY D 61 -8.27 -13.10 -6.10
N ARG D 62 -8.66 -14.28 -6.58
CA ARG D 62 -7.95 -14.93 -7.69
C ARG D 62 -8.51 -14.36 -8.99
N GLY D 63 -8.04 -13.16 -9.34
CA GLY D 63 -8.67 -12.42 -10.42
C GLY D 63 -8.61 -13.14 -11.74
N ASN D 64 -7.44 -13.66 -12.11
CA ASN D 64 -7.29 -14.32 -13.40
C ASN D 64 -6.79 -15.75 -13.26
N GLY D 65 -5.62 -15.96 -12.68
CA GLY D 65 -5.05 -17.29 -12.53
C GLY D 65 -3.54 -17.21 -12.50
N GLY D 66 -2.94 -18.10 -11.72
CA GLY D 66 -1.49 -18.16 -11.65
C GLY D 66 -0.90 -18.54 -12.99
N ALA D 85 14.34 -14.72 -30.95
CA ALA D 85 15.04 -14.92 -32.22
C ALA D 85 14.27 -14.30 -33.37
N ALA D 86 13.94 -13.01 -33.22
CA ALA D 86 13.16 -12.32 -34.23
C ALA D 86 13.76 -12.54 -35.62
N PRO D 87 12.98 -13.00 -36.59
CA PRO D 87 13.56 -13.33 -37.90
C PRO D 87 13.88 -12.10 -38.73
N VAL D 88 14.96 -12.21 -39.49
CA VAL D 88 15.39 -11.13 -40.38
C VAL D 88 14.75 -11.34 -41.74
N ALA D 89 14.17 -10.28 -42.29
CA ALA D 89 13.48 -10.37 -43.57
C ALA D 89 14.42 -10.89 -44.65
N PHE D 90 13.84 -11.60 -45.61
CA PHE D 90 14.63 -12.18 -46.70
C PHE D 90 15.14 -11.09 -47.64
N GLY D 91 16.42 -11.16 -47.98
CA GLY D 91 16.98 -10.23 -48.94
C GLY D 91 17.45 -8.91 -48.38
N PHE D 92 17.63 -8.80 -47.06
CA PHE D 92 18.00 -7.55 -46.41
C PHE D 92 19.28 -7.75 -45.62
N PRO D 93 20.46 -7.60 -46.25
CA PRO D 93 21.73 -7.82 -45.56
C PRO D 93 21.80 -7.19 -44.19
N ALA D 94 22.24 -7.94 -43.18
CA ALA D 94 22.30 -7.43 -41.82
C ALA D 94 23.54 -7.96 -41.13
N LEU D 95 23.99 -7.23 -40.11
CA LEU D 95 25.19 -7.63 -39.37
C LEU D 95 24.83 -8.75 -38.41
N SER D 96 25.65 -9.80 -38.41
CA SER D 96 25.68 -10.81 -37.34
C SER D 96 27.06 -10.88 -36.72
N THR D 97 27.15 -10.45 -35.47
CA THR D 97 28.37 -10.68 -34.70
C THR D 97 28.53 -12.19 -34.52
N PRO D 98 29.69 -12.77 -34.80
CA PRO D 98 29.86 -14.21 -34.58
C PRO D 98 30.00 -14.57 -33.12
N GLY D 99 29.77 -15.87 -32.85
CA GLY D 99 30.12 -16.49 -31.60
C GLY D 99 31.23 -17.52 -31.78
N ALA D 100 31.51 -18.22 -30.69
CA ALA D 100 32.34 -19.42 -30.81
C ALA D 100 31.58 -20.50 -31.57
N GLY D 101 30.30 -20.66 -31.29
CA GLY D 101 29.45 -21.58 -32.02
C GLY D 101 29.09 -21.11 -33.42
N GLY D 102 29.75 -20.07 -33.92
CA GLY D 102 29.50 -19.56 -35.25
C GLY D 102 28.54 -18.39 -35.26
N LEU D 103 28.10 -18.05 -36.47
CA LEU D 103 27.08 -17.02 -36.64
C LEU D 103 25.71 -17.52 -36.20
N ALA D 104 24.86 -16.58 -35.78
CA ALA D 104 23.46 -16.86 -35.48
C ALA D 104 22.58 -16.15 -36.49
N VAL D 105 21.74 -16.91 -37.20
CA VAL D 105 20.75 -16.37 -38.13
C VAL D 105 19.43 -17.06 -37.86
N SER D 106 18.33 -16.31 -37.96
CA SER D 106 16.98 -16.86 -37.85
C SER D 106 16.16 -16.39 -39.04
N ILE D 107 15.79 -17.33 -39.91
CA ILE D 107 14.95 -17.03 -41.07
C ILE D 107 13.48 -17.14 -40.68
N SER D 108 12.60 -16.69 -41.57
CA SER D 108 11.16 -16.90 -41.45
C SER D 108 10.64 -17.71 -42.64
N ALA D 109 9.37 -18.10 -42.53
CA ALA D 109 8.66 -18.75 -43.64
C ALA D 109 8.01 -17.74 -44.57
N SER D 110 7.52 -16.63 -44.04
CA SER D 110 6.79 -15.64 -44.81
C SER D 110 7.59 -15.20 -46.04
N GLU D 111 6.94 -15.23 -47.20
CA GLU D 111 7.65 -15.04 -48.45
C GLU D 111 8.18 -13.60 -48.56
N LEU D 112 9.20 -13.46 -49.39
CA LEU D 112 10.02 -12.25 -49.38
C LEU D 112 9.21 -11.03 -49.82
N SER D 113 9.52 -9.88 -49.22
CA SER D 113 8.70 -8.70 -49.37
C SER D 113 8.65 -8.26 -50.83
N ALA D 114 7.73 -7.33 -51.12
CA ALA D 114 7.58 -6.80 -52.47
C ALA D 114 8.92 -6.31 -53.01
N ALA D 115 9.72 -5.65 -52.17
CA ALA D 115 11.01 -5.11 -52.59
C ALA D 115 11.81 -6.13 -53.38
N ILE D 116 12.15 -7.25 -52.74
CA ILE D 116 13.10 -8.20 -53.32
C ILE D 116 12.50 -8.89 -54.53
N ALA D 117 11.22 -9.24 -54.47
CA ALA D 117 10.56 -9.81 -55.64
C ALA D 117 10.66 -8.86 -56.83
N GLY D 118 10.30 -7.60 -56.63
CA GLY D 118 10.52 -6.55 -57.60
C GLY D 118 11.90 -6.54 -58.21
N ILE D 119 12.91 -6.38 -57.35
CA ILE D 119 14.30 -6.31 -57.80
C ILE D 119 14.66 -7.51 -58.65
N ILE D 120 14.33 -8.72 -58.18
CA ILE D 120 14.77 -9.92 -58.88
C ILE D 120 14.00 -10.10 -60.19
N ALA D 121 12.73 -9.70 -60.23
CA ALA D 121 11.98 -9.76 -61.49
C ALA D 121 12.57 -8.79 -62.51
N LYS D 122 12.69 -7.52 -62.13
CA LYS D 122 13.40 -6.56 -62.98
C LYS D 122 14.70 -7.17 -63.49
N LEU D 123 15.50 -7.71 -62.57
CA LEU D 123 16.84 -8.18 -62.92
C LEU D 123 16.81 -9.39 -63.84
N LYS D 124 15.73 -10.18 -63.82
CA LYS D 124 15.69 -11.35 -64.69
C LYS D 124 15.70 -10.93 -66.16
N LYS D 125 15.00 -9.85 -66.48
CA LYS D 125 14.87 -9.42 -67.87
C LYS D 125 15.65 -8.13 -68.11
N PRO D 132 28.45 -8.53 -66.44
CA PRO D 132 27.75 -8.77 -65.17
C PRO D 132 27.26 -7.48 -64.50
N PHE D 133 25.96 -7.36 -64.32
CA PHE D 133 25.32 -6.20 -63.71
C PHE D 133 24.60 -6.62 -62.45
N GLY D 134 24.05 -5.64 -61.74
CA GLY D 134 23.43 -5.93 -60.46
C GLY D 134 22.86 -4.69 -59.84
N VAL D 135 22.20 -4.88 -58.69
CA VAL D 135 21.44 -3.86 -58.00
C VAL D 135 21.87 -3.85 -56.55
N VAL D 136 22.12 -2.67 -56.00
CA VAL D 136 22.73 -2.54 -54.68
C VAL D 136 21.64 -2.59 -53.62
N LEU D 137 21.72 -3.58 -52.73
CA LEU D 137 20.83 -3.61 -51.58
C LEU D 137 21.32 -2.70 -50.47
N SER D 138 22.59 -2.83 -50.08
CA SER D 138 23.08 -2.12 -48.91
C SER D 138 24.52 -1.71 -49.11
N SER D 139 24.97 -0.76 -48.31
CA SER D 139 26.33 -0.24 -48.32
C SER D 139 26.92 -0.32 -46.93
N LEU D 140 28.22 -0.57 -46.85
CA LEU D 140 28.93 -0.80 -45.60
C LEU D 140 29.89 0.33 -45.31
N ILE D 141 30.04 0.62 -44.01
CA ILE D 141 30.81 1.77 -43.54
C ILE D 141 31.63 1.29 -42.34
N PRO D 142 32.90 0.90 -42.53
CA PRO D 142 33.66 0.37 -41.38
C PRO D 142 33.72 1.33 -40.20
N SER D 143 33.91 2.63 -40.48
CA SER D 143 33.89 3.66 -39.45
C SER D 143 32.79 3.40 -38.44
N GLU D 144 31.60 3.05 -38.93
CA GLU D 144 30.44 2.85 -38.06
C GLU D 144 30.37 1.43 -37.54
N ILE D 145 30.64 0.45 -38.40
CA ILE D 145 30.51 -0.95 -38.00
C ILE D 145 31.41 -1.25 -36.82
N ALA D 146 32.56 -0.56 -36.73
CA ALA D 146 33.48 -0.80 -35.63
C ALA D 146 33.02 -0.17 -34.32
N LYS D 147 32.24 0.91 -34.39
CA LYS D 147 31.68 1.51 -33.18
C LYS D 147 31.01 0.48 -32.28
N ASP D 148 30.27 -0.46 -32.88
CA ASP D 148 29.65 -1.55 -32.13
C ASP D 148 30.48 -2.83 -32.11
N ASP D 149 31.16 -3.15 -33.20
CA ASP D 149 31.98 -4.35 -33.30
C ASP D 149 33.44 -3.91 -33.47
N PRO D 150 34.09 -3.48 -32.38
CA PRO D 150 35.46 -2.94 -32.54
C PRO D 150 36.42 -3.95 -33.12
N ASN D 151 36.30 -5.23 -32.74
CA ASN D 151 37.21 -6.25 -33.24
C ASN D 151 37.05 -6.48 -34.73
N MET D 152 35.96 -5.99 -35.32
CA MET D 152 35.65 -6.21 -36.74
C MET D 152 35.48 -7.70 -37.02
N MET D 153 34.86 -8.41 -36.08
CA MET D 153 34.50 -9.81 -36.26
C MET D 153 33.16 -9.99 -36.94
N SER D 154 32.30 -8.96 -36.91
CA SER D 154 30.93 -9.11 -37.40
C SER D 154 30.93 -9.41 -38.90
N LYS D 155 30.04 -10.30 -39.31
CA LYS D 155 29.82 -10.58 -40.72
C LYS D 155 28.49 -9.97 -41.15
N ILE D 156 28.14 -10.17 -42.42
CA ILE D 156 26.90 -9.66 -42.97
C ILE D 156 26.18 -10.82 -43.62
N VAL D 157 25.07 -11.23 -43.01
CA VAL D 157 24.29 -12.37 -43.47
C VAL D 157 23.09 -11.85 -44.26
N THR D 158 22.70 -12.62 -45.26
CA THR D 158 21.57 -12.32 -46.12
C THR D 158 20.96 -13.65 -46.52
N SER D 159 19.63 -13.69 -46.65
CA SER D 159 18.96 -14.94 -46.94
C SER D 159 17.76 -14.71 -47.84
N LEU D 160 17.55 -15.65 -48.76
CA LEU D 160 16.46 -15.67 -49.71
C LEU D 160 15.82 -17.05 -49.71
N PRO D 161 14.57 -17.16 -50.14
CA PRO D 161 13.95 -18.48 -50.27
C PRO D 161 14.41 -19.15 -51.56
N ALA D 162 14.96 -20.35 -51.43
CA ALA D 162 15.70 -20.99 -52.53
C ALA D 162 14.93 -20.98 -53.84
N ASP D 163 13.60 -21.12 -53.78
CA ASP D 163 12.83 -21.27 -55.00
C ASP D 163 12.87 -20.02 -55.88
N ASP D 164 12.94 -18.84 -55.27
CA ASP D 164 13.07 -17.62 -56.06
C ASP D 164 14.42 -17.48 -56.74
N ILE D 165 15.45 -18.14 -56.24
CA ILE D 165 16.78 -18.08 -56.87
C ILE D 165 16.94 -19.19 -57.91
N THR D 166 16.63 -20.43 -57.55
CA THR D 166 17.04 -21.58 -58.35
C THR D 166 15.95 -21.99 -59.31
N GLU D 167 16.35 -22.28 -60.55
CA GLU D 167 15.39 -22.72 -61.56
C GLU D 167 14.85 -24.11 -61.22
N SER D 168 15.74 -25.02 -60.82
CA SER D 168 15.33 -26.36 -60.39
C SER D 168 15.15 -26.36 -58.89
N PRO D 169 13.91 -26.52 -58.36
CA PRO D 169 13.72 -26.57 -56.90
C PRO D 169 14.76 -27.41 -56.19
N VAL D 170 15.20 -26.94 -55.01
CA VAL D 170 16.27 -27.63 -54.29
C VAL D 170 15.79 -29.00 -53.83
N SER D 171 14.51 -29.11 -53.50
CA SER D 171 13.94 -30.42 -53.18
C SER D 171 14.24 -31.42 -54.28
N SER D 172 13.76 -31.14 -55.49
CA SER D 172 13.95 -32.02 -56.64
C SER D 172 15.38 -31.88 -57.18
N LEU D 173 16.34 -32.27 -56.34
CA LEU D 173 17.76 -32.16 -56.68
C LEU D 173 18.46 -33.38 -56.07
N PRO D 174 19.35 -34.04 -56.82
CA PRO D 174 20.15 -35.11 -56.22
C PRO D 174 20.84 -34.65 -54.94
N LEU D 175 20.98 -35.58 -54.00
CA LEU D 175 21.76 -35.35 -52.79
C LEU D 175 23.25 -35.36 -53.05
N ASP D 176 23.69 -35.88 -54.20
CA ASP D 176 25.10 -35.92 -54.54
C ASP D 176 25.63 -34.56 -54.99
N LYS D 177 24.77 -33.73 -55.59
CA LYS D 177 25.20 -32.42 -56.07
C LYS D 177 25.67 -31.55 -54.91
N ALA D 178 26.85 -30.96 -55.08
CA ALA D 178 27.39 -30.03 -54.09
C ALA D 178 27.22 -28.57 -54.51
N THR D 179 26.94 -28.30 -55.78
CA THR D 179 26.88 -26.94 -56.31
C THR D 179 25.63 -26.87 -57.19
N VAL D 180 24.60 -26.17 -56.71
CA VAL D 180 23.39 -25.94 -57.50
C VAL D 180 23.51 -24.64 -58.28
N ASN D 181 22.94 -24.63 -59.48
CA ASN D 181 22.95 -23.44 -60.30
C ASN D 181 21.95 -22.43 -59.74
N VAL D 182 22.27 -21.15 -59.90
CA VAL D 182 21.42 -20.08 -59.38
C VAL D 182 21.25 -18.98 -60.43
N ASN D 183 20.08 -18.34 -60.38
CA ASN D 183 19.77 -17.25 -61.30
C ASN D 183 20.22 -15.89 -60.79
N VAL D 184 20.41 -15.76 -59.48
CA VAL D 184 20.89 -14.52 -58.86
C VAL D 184 21.64 -14.93 -57.60
N ARG D 185 22.48 -14.02 -57.11
CA ARG D 185 23.20 -14.22 -55.87
C ARG D 185 23.32 -12.92 -55.10
N VAL D 186 23.58 -13.03 -53.79
CA VAL D 186 23.87 -11.88 -52.95
C VAL D 186 25.37 -11.86 -52.67
N VAL D 187 26.03 -10.77 -53.03
CA VAL D 187 27.48 -10.76 -53.20
C VAL D 187 28.03 -9.42 -52.72
N ASP D 188 29.21 -9.45 -52.10
CA ASP D 188 29.93 -8.24 -51.74
C ASP D 188 30.68 -7.69 -52.94
N ASP D 189 30.57 -6.39 -53.15
CA ASP D 189 31.21 -5.68 -54.25
C ASP D 189 31.89 -4.45 -53.66
N VAL D 190 32.81 -3.87 -54.43
CA VAL D 190 33.47 -2.62 -54.05
C VAL D 190 33.21 -1.60 -55.14
N LYS D 191 32.41 -0.58 -54.82
CA LYS D 191 32.04 0.45 -55.78
C LYS D 191 31.94 1.78 -55.05
N ASP D 192 32.28 2.85 -55.77
CA ASP D 192 32.29 4.20 -55.24
C ASP D 192 32.91 4.22 -53.86
N GLU D 193 34.08 3.60 -53.76
CA GLU D 193 34.96 3.70 -52.60
C GLU D 193 34.33 3.11 -51.34
N ARG D 194 33.21 2.39 -51.47
CA ARG D 194 32.68 1.60 -50.37
C ARG D 194 32.43 0.17 -50.81
N GLN D 195 32.63 -0.75 -49.86
CA GLN D 195 32.10 -2.10 -50.03
C GLN D 195 30.59 -2.06 -49.88
N ASN D 196 29.89 -2.86 -50.65
CA ASN D 196 28.43 -2.92 -50.55
C ASN D 196 27.90 -4.28 -50.95
N ILE D 197 26.82 -4.69 -50.28
CA ILE D 197 26.17 -5.96 -50.55
C ILE D 197 25.11 -5.72 -51.62
N SER D 198 25.04 -6.61 -52.61
CA SER D 198 24.15 -6.36 -53.74
C SER D 198 23.78 -7.66 -54.45
N VAL D 199 22.67 -7.58 -55.20
CA VAL D 199 22.08 -8.73 -55.87
C VAL D 199 22.57 -8.77 -57.31
N VAL D 200 23.28 -9.84 -57.66
CA VAL D 200 23.93 -9.96 -58.95
C VAL D 200 23.18 -11.05 -59.72
N SER D 201 23.40 -11.10 -61.03
CA SER D 201 22.68 -12.03 -61.89
C SER D 201 23.19 -11.94 -63.32
N GLY D 202 22.55 -12.65 -64.25
CA GLY D 202 22.78 -12.44 -65.66
C GLY D 202 23.80 -13.35 -66.31
N VAL D 203 24.50 -14.19 -65.55
CA VAL D 203 25.42 -15.16 -66.14
C VAL D 203 25.19 -16.54 -65.54
N PRO D 204 25.85 -17.58 -66.07
CA PRO D 204 25.92 -18.86 -65.33
C PRO D 204 26.59 -18.70 -63.98
N MET D 205 25.84 -18.99 -62.93
CA MET D 205 26.34 -18.95 -61.56
C MET D 205 25.87 -20.19 -60.82
N SER D 206 26.55 -20.49 -59.72
CA SER D 206 26.29 -21.74 -59.03
C SER D 206 26.97 -21.70 -57.67
N VAL D 207 26.28 -22.21 -56.66
CA VAL D 207 26.73 -22.04 -55.27
C VAL D 207 26.73 -23.39 -54.56
N PRO D 208 27.57 -23.56 -53.53
CA PRO D 208 27.48 -24.72 -52.64
C PRO D 208 26.08 -25.12 -52.22
N VAL D 209 25.86 -26.42 -52.05
CA VAL D 209 24.62 -26.97 -51.54
C VAL D 209 24.98 -27.85 -50.35
N VAL D 210 24.45 -27.52 -49.18
CA VAL D 210 24.82 -28.20 -47.94
C VAL D 210 23.59 -28.53 -47.12
N ASP D 211 23.61 -29.68 -46.45
CA ASP D 211 22.47 -30.14 -45.67
C ASP D 211 22.59 -29.55 -44.27
N ALA D 212 21.44 -29.31 -43.64
CA ALA D 212 21.38 -28.61 -42.36
C ALA D 212 21.13 -29.60 -41.23
N LYS D 213 22.18 -29.95 -40.50
CA LYS D 213 22.02 -30.77 -39.31
C LYS D 213 21.15 -30.02 -38.30
N PRO D 214 20.28 -30.70 -37.57
CA PRO D 214 19.45 -30.03 -36.56
C PRO D 214 20.24 -29.77 -35.27
N THR D 215 19.56 -29.14 -34.31
CA THR D 215 20.16 -28.84 -33.02
C THR D 215 19.07 -28.91 -31.95
N GLU D 216 19.52 -28.90 -30.70
CA GLU D 216 18.61 -28.89 -29.55
C GLU D 216 17.38 -28.03 -29.75
N ARG D 217 17.55 -26.81 -30.22
CA ARG D 217 16.43 -25.90 -30.30
C ARG D 217 15.47 -26.35 -31.40
N PRO D 218 14.17 -26.08 -31.25
CA PRO D 218 13.18 -26.61 -32.19
C PRO D 218 13.06 -25.75 -33.44
N GLY D 219 13.44 -26.32 -34.57
CA GLY D 219 13.52 -25.58 -35.81
C GLY D 219 14.78 -24.74 -35.86
N VAL D 220 15.93 -25.40 -35.69
CA VAL D 220 17.22 -24.73 -35.57
C VAL D 220 18.30 -25.71 -35.97
N PHE D 221 19.02 -25.38 -37.03
CA PHE D 221 19.95 -26.29 -37.70
C PHE D 221 21.33 -25.65 -37.76
N THR D 222 22.32 -26.43 -38.18
CA THR D 222 23.70 -25.94 -38.36
C THR D 222 24.15 -26.25 -39.79
N ALA D 223 24.14 -25.23 -40.65
CA ALA D 223 24.82 -25.31 -41.94
C ALA D 223 26.27 -24.91 -41.77
N SER D 224 27.17 -25.61 -42.47
CA SER D 224 28.58 -25.27 -42.48
C SER D 224 29.02 -25.05 -43.93
N ILE D 225 29.20 -23.79 -44.30
CA ILE D 225 29.63 -23.42 -45.65
C ILE D 225 31.16 -23.40 -45.68
N PRO D 226 31.81 -24.09 -46.62
CA PRO D 226 33.27 -24.02 -46.71
C PRO D 226 33.74 -22.57 -46.68
N GLY D 227 34.65 -22.26 -45.76
CA GLY D 227 35.31 -20.98 -45.75
C GLY D 227 34.58 -19.89 -45.00
N ALA D 228 33.39 -20.19 -44.47
CA ALA D 228 32.68 -19.29 -43.57
C ALA D 228 32.65 -19.88 -42.17
N PRO D 229 32.12 -19.17 -41.17
CA PRO D 229 31.88 -19.79 -39.86
C PRO D 229 30.64 -20.67 -39.86
N VAL D 230 30.47 -21.38 -38.75
CA VAL D 230 29.27 -22.19 -38.55
C VAL D 230 28.04 -21.31 -38.61
N LEU D 231 27.17 -21.56 -39.58
CA LEU D 231 25.97 -20.78 -39.83
C LEU D 231 24.80 -21.54 -39.21
N ASN D 232 24.49 -21.24 -37.96
CA ASN D 232 23.39 -21.90 -37.28
C ASN D 232 22.09 -21.13 -37.51
N ILE D 233 21.15 -21.77 -38.19
CA ILE D 233 19.93 -21.15 -38.64
C ILE D 233 18.83 -21.50 -37.66
N SER D 234 17.71 -20.78 -37.72
CA SER D 234 16.58 -21.04 -36.83
C SER D 234 15.32 -20.50 -37.49
N VAL D 235 14.45 -21.39 -37.95
CA VAL D 235 13.22 -20.97 -38.60
C VAL D 235 12.23 -20.46 -37.55
N ASN D 236 11.43 -19.48 -37.95
CA ASN D 236 10.49 -18.84 -37.04
C ASN D 236 9.43 -18.15 -37.88
N ASP D 237 8.22 -18.70 -37.90
CA ASP D 237 7.09 -18.11 -38.61
C ASP D 237 6.00 -17.64 -37.66
N SER D 238 6.34 -17.45 -36.39
CA SER D 238 5.38 -16.98 -35.38
C SER D 238 5.37 -15.47 -35.28
N THR D 239 6.55 -14.87 -35.06
CA THR D 239 6.68 -13.43 -34.97
C THR D 239 6.67 -12.81 -36.37
N PRO D 240 6.05 -11.64 -36.55
CA PRO D 240 6.11 -10.99 -37.86
C PRO D 240 7.52 -10.50 -38.18
N ALA D 241 7.88 -10.63 -39.45
CA ALA D 241 9.28 -10.44 -39.85
C ALA D 241 9.73 -9.01 -39.58
N VAL D 242 11.02 -8.85 -39.35
CA VAL D 242 11.61 -7.56 -38.99
C VAL D 242 12.79 -7.31 -39.93
N GLN D 243 13.14 -6.03 -40.07
CA GLN D 243 14.33 -5.60 -40.79
C GLN D 243 15.24 -4.85 -39.82
N THR D 244 16.43 -5.38 -39.60
CA THR D 244 17.35 -4.81 -38.63
C THR D 244 18.09 -3.63 -39.23
N LEU D 245 18.43 -2.66 -38.37
CA LEU D 245 18.95 -1.37 -38.81
C LEU D 245 20.20 -1.05 -38.00
N SER D 246 21.35 -0.99 -38.69
CA SER D 246 22.65 -0.88 -38.06
C SER D 246 23.38 0.31 -38.68
N PRO D 247 24.05 1.14 -37.88
CA PRO D 247 24.59 2.40 -38.42
C PRO D 247 25.57 2.18 -39.57
N GLY D 248 26.20 1.02 -39.65
CA GLY D 248 27.14 0.75 -40.73
C GLY D 248 26.43 0.39 -42.02
N VAL D 249 25.37 -0.40 -41.92
CA VAL D 249 24.70 -0.97 -43.08
C VAL D 249 23.56 -0.05 -43.50
N THR D 250 23.64 0.47 -44.71
CA THR D 250 22.62 1.36 -45.25
C THR D 250 21.73 0.58 -46.22
N ASN D 251 20.61 1.21 -46.59
CA ASN D 251 19.62 0.61 -47.47
C ASN D 251 19.55 1.48 -48.73
N ASN D 252 20.52 1.30 -49.62
CA ASN D 252 20.65 2.16 -50.78
C ASN D 252 19.35 2.22 -51.59
N THR D 253 18.67 3.36 -51.50
CA THR D 253 17.38 3.50 -52.19
C THR D 253 17.54 3.26 -53.69
N ASP D 254 18.58 3.85 -54.28
CA ASP D 254 18.83 3.70 -55.72
C ASP D 254 18.95 2.23 -56.08
N LYS D 255 17.93 1.68 -56.74
CA LYS D 255 17.97 0.29 -57.18
C LYS D 255 18.04 0.24 -58.70
N ASP D 256 18.98 1.00 -59.26
CA ASP D 256 19.27 0.95 -60.69
C ASP D 256 20.21 -0.21 -60.99
N VAL D 257 20.06 -0.76 -62.19
CA VAL D 257 20.95 -1.82 -62.65
C VAL D 257 22.26 -1.18 -63.12
N ARG D 258 23.36 -1.59 -62.52
CA ARG D 258 24.70 -1.10 -62.83
C ARG D 258 25.58 -2.28 -63.18
N PRO D 259 26.67 -2.07 -63.90
CA PRO D 259 27.66 -3.15 -64.06
C PRO D 259 28.21 -3.55 -62.69
N ALA D 260 28.68 -4.79 -62.61
CA ALA D 260 29.11 -5.35 -61.33
C ALA D 260 30.61 -5.55 -61.32
N GLY D 261 31.11 -5.87 -60.12
CA GLY D 261 32.54 -6.05 -59.96
C GLY D 261 33.05 -7.24 -60.75
N PHE D 262 34.21 -7.08 -61.37
CA PHE D 262 34.94 -8.25 -61.84
C PHE D 262 35.36 -9.13 -60.68
N THR D 263 35.73 -8.50 -59.56
CA THR D 263 36.16 -9.19 -58.36
C THR D 263 35.00 -9.51 -57.41
N GLN D 264 33.75 -9.37 -57.88
CA GLN D 264 32.60 -9.55 -57.00
C GLN D 264 32.70 -10.88 -56.27
N GLY D 265 32.51 -10.82 -54.95
CA GLY D 265 32.41 -12.00 -54.13
C GLY D 265 33.69 -12.36 -53.42
N GLY D 266 34.78 -11.66 -53.71
CA GLY D 266 36.09 -11.97 -53.16
C GLY D 266 36.15 -12.02 -51.65
N ASN D 267 35.10 -11.56 -50.98
CA ASN D 267 34.97 -11.70 -49.53
C ASN D 267 33.56 -12.12 -49.17
N THR D 268 33.01 -13.09 -49.91
CA THR D 268 31.67 -13.59 -49.69
C THR D 268 31.70 -15.11 -49.76
N ARG D 269 30.88 -15.75 -48.92
CA ARG D 269 30.65 -17.19 -48.97
C ARG D 269 29.16 -17.42 -48.89
N ASP D 270 28.59 -18.03 -49.92
CA ASP D 270 27.16 -18.31 -49.94
C ASP D 270 26.94 -19.80 -50.16
N ALA D 271 25.69 -20.20 -49.99
CA ALA D 271 25.31 -21.60 -50.18
C ALA D 271 23.81 -21.75 -50.09
N VAL D 272 23.27 -22.63 -50.93
CA VAL D 272 21.93 -23.14 -50.72
C VAL D 272 22.01 -24.19 -49.61
N ILE D 273 21.18 -24.03 -48.59
CA ILE D 273 21.11 -24.93 -47.45
C ILE D 273 19.78 -25.65 -47.50
N ARG D 274 19.81 -26.97 -47.44
CA ARG D 274 18.62 -27.80 -47.42
C ARG D 274 18.45 -28.44 -46.04
N PHE D 275 17.20 -28.64 -45.66
CA PHE D 275 16.82 -29.18 -44.36
C PHE D 275 16.55 -30.67 -44.48
N PRO D 276 16.46 -31.38 -43.37
CA PRO D 276 16.15 -32.81 -43.45
C PRO D 276 14.67 -33.04 -43.73
N LYS D 277 14.40 -34.19 -44.36
CA LYS D 277 13.08 -34.40 -44.96
C LYS D 277 11.97 -34.26 -43.93
N ASP D 278 12.18 -34.75 -42.71
CA ASP D 278 11.19 -34.64 -41.65
C ASP D 278 11.36 -33.35 -40.84
N SER D 279 11.44 -32.22 -41.54
CA SER D 279 11.45 -30.92 -40.89
C SER D 279 10.41 -30.01 -41.52
N GLY D 280 10.14 -30.22 -42.81
CA GLY D 280 9.15 -29.42 -43.51
C GLY D 280 9.57 -28.00 -43.77
N HIS D 281 10.87 -27.72 -43.70
CA HIS D 281 11.40 -26.38 -43.94
C HIS D 281 11.92 -26.27 -45.36
N ASN D 282 11.47 -25.25 -46.08
CA ASN D 282 11.94 -25.05 -47.45
C ASN D 282 13.44 -24.76 -47.46
N ALA D 283 14.10 -25.18 -48.53
CA ALA D 283 15.51 -24.88 -48.69
C ALA D 283 15.71 -23.38 -48.85
N VAL D 284 16.78 -22.86 -48.23
CA VAL D 284 17.01 -21.42 -48.15
C VAL D 284 18.42 -21.12 -48.66
N TYR D 285 18.56 -20.02 -49.40
CA TYR D 285 19.86 -19.57 -49.87
C TYR D 285 20.37 -18.54 -48.87
N VAL D 286 21.65 -18.61 -48.53
CA VAL D 286 22.25 -17.66 -47.59
C VAL D 286 23.63 -17.26 -48.06
N SER D 287 23.88 -15.96 -48.15
CA SER D 287 25.21 -15.40 -48.35
C SER D 287 25.71 -14.75 -47.07
N VAL D 288 27.00 -14.90 -46.81
CA VAL D 288 27.67 -14.37 -45.63
C VAL D 288 28.93 -13.67 -46.11
N SER D 289 28.95 -12.34 -46.04
CA SER D 289 30.05 -11.55 -46.55
C SER D 289 30.84 -10.94 -45.40
N ASP D 290 32.15 -10.82 -45.60
CA ASP D 290 33.02 -10.17 -44.64
C ASP D 290 32.85 -8.65 -44.71
N VAL D 291 33.09 -7.99 -43.58
CA VAL D 291 33.13 -6.54 -43.54
C VAL D 291 34.58 -6.13 -43.77
N LEU D 292 34.84 -5.52 -44.92
CA LEU D 292 36.20 -5.08 -45.24
C LEU D 292 36.59 -3.84 -44.45
N SER D 293 37.86 -3.80 -44.04
CA SER D 293 38.45 -2.61 -43.45
C SER D 293 38.85 -1.66 -44.58
N PRO D 294 39.07 -0.37 -44.27
CA PRO D 294 39.26 0.59 -45.37
C PRO D 294 40.49 0.31 -46.20
N ASP D 295 41.56 -0.21 -45.60
CA ASP D 295 42.72 -0.61 -46.39
C ASP D 295 42.34 -1.69 -47.39
N GLN D 296 41.61 -2.71 -46.92
CA GLN D 296 41.18 -3.77 -47.80
C GLN D 296 40.22 -3.25 -48.87
N VAL D 297 39.59 -2.11 -48.62
CA VAL D 297 38.66 -1.56 -49.59
C VAL D 297 39.43 -0.81 -50.66
N LYS D 298 40.46 -0.07 -50.27
CA LYS D 298 41.34 0.52 -51.29
C LYS D 298 42.00 -0.56 -52.12
N GLN D 299 42.31 -1.71 -51.49
CA GLN D 299 42.90 -2.82 -52.22
C GLN D 299 41.93 -3.39 -53.25
N ARG D 300 40.69 -3.66 -52.83
CA ARG D 300 39.69 -4.16 -53.77
C ARG D 300 39.45 -3.16 -54.90
N GLN D 301 39.22 -1.89 -54.57
CA GLN D 301 39.06 -0.87 -55.61
C GLN D 301 40.21 -0.88 -56.59
N ASP D 302 41.45 -0.95 -56.09
CA ASP D 302 42.62 -0.93 -56.95
C ASP D 302 42.61 -2.12 -57.90
N GLU D 303 42.52 -3.33 -57.35
CA GLU D 303 42.47 -4.51 -58.20
C GLU D 303 41.33 -4.41 -59.20
N GLU D 304 40.21 -3.81 -58.80
CA GLU D 304 39.08 -3.68 -59.71
C GLU D 304 39.44 -2.75 -60.86
N ASN D 305 40.16 -1.68 -60.55
CA ASN D 305 40.55 -0.73 -61.60
C ASN D 305 41.54 -1.39 -62.55
N ARG D 306 42.45 -2.20 -62.00
CA ARG D 306 43.40 -2.91 -62.85
C ARG D 306 42.68 -3.89 -63.77
N ARG D 307 41.66 -4.57 -63.25
CA ARG D 307 40.94 -5.54 -64.07
C ARG D 307 40.08 -4.84 -65.12
N GLN D 308 39.50 -3.69 -64.77
CA GLN D 308 38.79 -2.90 -65.77
C GLN D 308 39.73 -2.44 -66.87
N GLN D 309 40.94 -2.01 -66.50
CA GLN D 309 41.95 -1.68 -67.49
C GLN D 309 42.20 -2.86 -68.41
N GLU D 310 42.54 -4.02 -67.83
CA GLU D 310 42.74 -5.22 -68.64
C GLU D 310 41.58 -5.41 -69.62
N TRP D 311 40.38 -5.65 -69.09
CA TRP D 311 39.21 -5.94 -69.94
C TRP D 311 39.00 -4.89 -71.01
N ASP D 312 39.35 -3.63 -70.72
CA ASP D 312 39.13 -2.51 -71.65
C ASP D 312 39.54 -2.84 -73.08
N ALA D 313 40.84 -2.94 -73.33
CA ALA D 313 41.35 -3.13 -74.68
C ALA D 313 41.25 -4.58 -75.15
N THR D 314 42.34 -5.11 -75.72
CA THR D 314 42.45 -6.46 -76.29
C THR D 314 41.42 -6.71 -77.41
N HIS D 315 40.56 -5.72 -77.69
CA HIS D 315 39.59 -5.76 -78.77
C HIS D 315 40.32 -5.34 -80.04
N PRO D 316 39.67 -4.75 -81.07
CA PRO D 316 40.50 -4.29 -82.21
C PRO D 316 41.41 -3.14 -81.84
N VAL D 317 40.93 -2.19 -81.04
CA VAL D 317 41.75 -1.05 -80.64
C VAL D 317 41.18 -0.48 -79.34
N GLU D 318 41.92 0.43 -78.70
CA GLU D 318 41.48 0.98 -77.42
C GLU D 318 40.21 1.82 -77.58
N ALA D 319 40.16 2.64 -78.62
CA ALA D 319 39.00 3.52 -78.82
C ALA D 319 37.71 2.72 -78.99
N ALA D 320 37.79 1.55 -79.63
CA ALA D 320 36.59 0.78 -79.91
C ALA D 320 35.87 0.36 -78.64
N GLU D 321 36.61 -0.02 -77.60
CA GLU D 321 36.02 -0.54 -76.36
C GLU D 321 36.07 0.44 -75.20
N ARG D 322 37.26 0.94 -74.86
CA ARG D 322 37.36 1.90 -73.77
C ARG D 322 36.26 2.95 -73.86
N ASN D 323 36.16 3.61 -75.02
CA ASN D 323 35.06 4.56 -75.25
C ASN D 323 33.70 3.95 -74.98
N TYR D 324 33.43 2.77 -75.53
CA TYR D 324 32.23 1.99 -75.22
C TYR D 324 31.87 2.05 -73.74
N GLU D 325 32.90 1.91 -72.92
CA GLU D 325 32.71 1.79 -71.48
C GLU D 325 32.57 3.16 -70.84
N ARG D 326 33.42 4.10 -71.22
CA ARG D 326 33.33 5.43 -70.65
C ARG D 326 31.99 6.05 -70.98
N ALA D 327 31.49 5.83 -72.20
CA ALA D 327 30.23 6.43 -72.60
C ALA D 327 29.03 5.71 -71.97
N ARG D 328 29.13 4.41 -71.69
CA ARG D 328 28.00 3.78 -71.01
C ARG D 328 27.97 4.19 -69.54
N ALA D 329 29.15 4.27 -68.91
CA ALA D 329 29.20 4.76 -67.53
C ALA D 329 28.71 6.20 -67.45
N GLU D 330 29.19 7.07 -68.35
CA GLU D 330 28.75 8.45 -68.37
C GLU D 330 27.24 8.54 -68.55
N LEU D 331 26.66 7.63 -69.36
CA LEU D 331 25.21 7.66 -69.54
C LEU D 331 24.53 7.28 -68.23
N ASN D 332 24.99 6.20 -67.60
CA ASN D 332 24.38 5.78 -66.34
C ASN D 332 24.49 6.86 -65.28
N GLN D 333 25.57 7.64 -65.32
CA GLN D 333 25.69 8.72 -64.36
C GLN D 333 24.72 9.84 -64.66
N ALA D 334 24.64 10.25 -65.93
CA ALA D 334 23.69 11.29 -66.29
C ALA D 334 22.28 10.87 -65.90
N ASN D 335 21.97 9.58 -66.06
CA ASN D 335 20.69 9.04 -65.59
C ASN D 335 20.52 9.27 -64.09
N GLU D 336 21.56 8.97 -63.30
CA GLU D 336 21.46 9.24 -61.86
C GLU D 336 21.22 10.72 -61.60
N ASP D 337 21.89 11.58 -62.37
CA ASP D 337 21.70 13.03 -62.24
C ASP D 337 20.26 13.42 -62.50
N VAL D 338 19.67 12.87 -63.57
CA VAL D 338 18.26 13.13 -63.87
C VAL D 338 17.39 12.69 -62.71
N ALA D 339 17.60 11.47 -62.21
CA ALA D 339 16.79 10.96 -61.11
C ALA D 339 16.85 11.89 -59.90
N ARG D 340 18.07 12.29 -59.49
CA ARG D 340 18.20 13.20 -58.35
C ARG D 340 17.60 14.57 -58.63
N ASN D 341 17.68 15.05 -59.87
CA ASN D 341 17.06 16.32 -60.20
C ASN D 341 15.54 16.24 -60.09
N GLN D 342 14.94 15.22 -60.68
CA GLN D 342 13.51 14.97 -60.52
C GLN D 342 13.12 14.91 -59.05
N GLU D 343 13.90 14.20 -58.24
CA GLU D 343 13.67 14.17 -56.80
C GLU D 343 13.64 15.59 -56.23
N ARG D 344 14.61 16.42 -56.62
CA ARG D 344 14.68 17.78 -56.12
C ARG D 344 13.46 18.57 -56.54
N GLN D 345 12.92 18.29 -57.73
CA GLN D 345 11.81 19.06 -58.28
C GLN D 345 10.49 18.65 -57.67
N ALA D 346 10.31 17.36 -57.39
CA ALA D 346 9.12 16.95 -56.67
C ALA D 346 9.14 17.44 -55.24
N LYS D 347 10.33 17.54 -54.62
CA LYS D 347 10.38 18.14 -53.28
C LYS D 347 10.17 19.66 -53.34
N ALA D 348 10.63 20.31 -54.40
CA ALA D 348 10.50 21.76 -54.46
C ALA D 348 9.07 22.17 -54.82
N VAL D 349 8.34 21.31 -55.53
CA VAL D 349 6.94 21.62 -55.82
C VAL D 349 6.13 21.62 -54.53
N GLN D 350 6.37 20.63 -53.66
CA GLN D 350 5.65 20.60 -52.39
C GLN D 350 6.07 21.76 -51.50
N VAL D 351 7.38 22.02 -51.38
CA VAL D 351 7.81 23.19 -50.60
C VAL D 351 7.14 24.46 -51.11
N TYR D 352 7.03 24.61 -52.43
CA TYR D 352 6.40 25.78 -53.01
C TYR D 352 4.94 25.87 -52.61
N ASN D 353 4.18 24.79 -52.85
CA ASN D 353 2.75 24.80 -52.55
C ASN D 353 2.51 25.06 -51.07
N SER D 354 3.31 24.43 -50.21
CA SER D 354 3.18 24.61 -48.78
C SER D 354 3.37 26.07 -48.41
N ARG D 355 4.51 26.66 -48.81
CA ARG D 355 4.74 28.07 -48.46
C ARG D 355 3.64 28.96 -49.03
N LYS D 356 3.11 28.62 -50.21
CA LYS D 356 2.03 29.41 -50.78
C LYS D 356 0.82 29.39 -49.88
N SER D 357 0.47 28.21 -49.36
CA SER D 357 -0.72 28.12 -48.52
C SER D 357 -0.47 28.73 -47.15
N GLU D 358 0.74 28.62 -46.62
CA GLU D 358 1.10 29.37 -45.42
C GLU D 358 0.83 30.86 -45.64
N LEU D 359 1.23 31.36 -46.81
CA LEU D 359 0.98 32.77 -47.12
C LEU D 359 -0.51 33.06 -47.13
N ASP D 360 -1.27 32.30 -47.91
CA ASP D 360 -2.72 32.46 -47.97
C ASP D 360 -3.33 32.53 -46.58
N ALA D 361 -3.08 31.50 -45.77
CA ALA D 361 -3.53 31.48 -44.38
C ALA D 361 -3.21 32.78 -43.65
N ALA D 362 -1.94 33.18 -43.65
CA ALA D 362 -1.57 34.40 -42.93
C ALA D 362 -2.27 35.62 -43.49
N ASN D 363 -2.67 35.59 -44.77
CA ASN D 363 -3.34 36.74 -45.35
C ASN D 363 -4.80 36.76 -44.95
N LYS D 364 -5.39 35.58 -44.75
CA LYS D 364 -6.73 35.53 -44.17
C LYS D 364 -6.71 36.02 -42.72
N THR D 365 -5.75 35.55 -41.93
CA THR D 365 -5.57 36.07 -40.58
C THR D 365 -5.42 37.60 -40.57
N LEU D 366 -4.73 38.15 -41.58
CA LEU D 366 -4.58 39.60 -41.66
C LEU D 366 -5.92 40.26 -41.96
N ALA D 367 -6.65 39.73 -42.95
CA ALA D 367 -7.97 40.27 -43.26
C ALA D 367 -8.85 40.23 -42.02
N ASP D 368 -8.71 39.18 -41.22
CA ASP D 368 -9.49 39.05 -39.99
C ASP D 368 -9.15 40.17 -39.01
N ALA D 369 -7.88 40.29 -38.63
CA ALA D 369 -7.50 41.37 -37.71
C ALA D 369 -7.87 42.75 -38.24
N ILE D 370 -7.83 42.95 -39.57
CA ILE D 370 -8.14 44.29 -40.06
C ILE D 370 -9.65 44.49 -40.13
N ALA D 371 -10.41 43.40 -40.13
CA ALA D 371 -11.85 43.54 -39.97
C ALA D 371 -12.17 43.86 -38.52
N GLU D 372 -11.46 43.22 -37.58
CA GLU D 372 -11.67 43.54 -36.19
C GLU D 372 -11.29 44.99 -35.88
N ILE D 373 -10.39 45.58 -36.68
CA ILE D 373 -10.03 46.96 -36.41
C ILE D 373 -11.08 47.86 -37.03
N LYS D 374 -11.66 47.47 -38.16
CA LYS D 374 -12.78 48.25 -38.67
C LYS D 374 -13.95 48.16 -37.69
N GLN D 375 -14.16 46.97 -37.13
CA GLN D 375 -15.16 46.71 -36.10
C GLN D 375 -15.08 47.75 -35.00
N PHE D 376 -13.95 47.75 -34.29
CA PHE D 376 -13.82 48.62 -33.11
C PHE D 376 -13.29 50.00 -33.43
N ASN D 377 -13.23 50.39 -34.72
CA ASN D 377 -12.78 51.73 -35.05
C ASN D 377 -13.62 52.79 -34.34
N ARG D 378 -14.94 52.56 -34.26
CA ARG D 378 -15.84 53.45 -33.55
C ARG D 378 -15.23 53.97 -32.25
N PHE D 379 -14.74 53.06 -31.42
CA PHE D 379 -14.26 53.38 -30.08
C PHE D 379 -12.83 53.90 -30.05
N ALA D 380 -12.25 54.21 -31.22
CA ALA D 380 -10.84 54.59 -31.28
C ALA D 380 -10.59 55.87 -30.47
N HIS D 381 -11.53 56.80 -30.52
CA HIS D 381 -11.48 58.05 -29.79
C HIS D 381 -12.45 58.09 -28.61
N ASP D 382 -13.01 56.94 -28.23
CA ASP D 382 -13.89 56.77 -27.06
C ASP D 382 -13.12 56.08 -25.95
N PRO D 383 -12.40 56.83 -25.09
CA PRO D 383 -11.53 56.22 -24.07
C PRO D 383 -12.25 55.52 -22.96
N MET D 384 -13.57 55.68 -22.82
CA MET D 384 -14.23 55.07 -21.68
C MET D 384 -15.29 54.08 -22.11
N ALA D 385 -14.96 53.21 -23.06
CA ALA D 385 -15.89 52.18 -23.48
C ALA D 385 -15.18 50.83 -23.49
N GLY D 386 -15.99 49.78 -23.32
CA GLY D 386 -15.47 48.44 -23.46
C GLY D 386 -14.76 48.25 -24.78
N GLY D 387 -15.47 48.56 -25.87
CA GLY D 387 -14.93 48.33 -27.20
C GLY D 387 -13.58 48.98 -27.40
N HIS D 388 -13.35 50.15 -26.78
CA HIS D 388 -12.08 50.80 -27.04
C HIS D 388 -10.93 50.07 -26.38
N ARG D 389 -11.18 49.01 -25.63
CA ARG D 389 -10.08 48.13 -25.24
C ARG D 389 -9.77 47.18 -26.39
N MET D 390 -10.80 46.44 -26.80
CA MET D 390 -10.69 45.49 -27.88
C MET D 390 -10.10 46.14 -29.12
N TRP D 391 -10.18 47.47 -29.22
CA TRP D 391 -9.63 48.16 -30.38
C TRP D 391 -8.11 48.08 -30.42
N GLN D 392 -7.42 48.67 -29.44
CA GLN D 392 -5.97 48.48 -29.39
C GLN D 392 -5.60 47.01 -29.45
N MET D 393 -6.37 46.16 -28.76
CA MET D 393 -6.07 44.73 -28.85
C MET D 393 -6.06 44.25 -30.30
N ALA D 394 -7.05 44.69 -31.10
CA ALA D 394 -7.09 44.33 -32.51
C ALA D 394 -5.93 44.95 -33.27
N GLY D 395 -5.49 46.12 -32.83
CA GLY D 395 -4.30 46.77 -33.33
C GLY D 395 -3.12 45.82 -33.24
N LEU D 396 -2.85 45.39 -32.01
CA LEU D 396 -1.80 44.39 -31.76
C LEU D 396 -1.97 43.18 -32.66
N LYS D 397 -3.18 42.63 -32.69
CA LYS D 397 -3.44 41.44 -33.52
C LYS D 397 -3.07 41.70 -34.98
N ALA D 398 -3.52 42.82 -35.53
CA ALA D 398 -3.28 43.14 -36.93
C ALA D 398 -1.80 43.33 -37.23
N GLN D 399 -1.11 44.12 -36.40
CA GLN D 399 0.31 44.36 -36.64
C GLN D 399 1.10 43.05 -36.57
N ARG D 400 0.75 42.18 -35.62
CA ARG D 400 1.37 40.87 -35.58
C ARG D 400 1.08 40.09 -36.86
N ALA D 401 -0.20 39.81 -37.13
CA ALA D 401 -0.57 39.06 -38.33
C ALA D 401 0.09 39.65 -39.57
N GLN D 402 0.39 40.95 -39.58
CA GLN D 402 1.02 41.56 -40.74
C GLN D 402 2.49 41.16 -40.80
N THR D 403 3.20 41.30 -39.67
CA THR D 403 4.58 40.84 -39.62
C THR D 403 4.65 39.37 -40.06
N ASP D 404 3.74 38.56 -39.53
CA ASP D 404 3.62 37.15 -39.93
C ASP D 404 3.51 37.02 -41.45
N VAL D 405 2.57 37.75 -42.05
CA VAL D 405 2.39 37.71 -43.50
C VAL D 405 3.69 38.04 -44.21
N ASN D 406 4.35 39.12 -43.79
CA ASN D 406 5.66 39.46 -44.35
C ASN D 406 6.64 38.29 -44.29
N ASN D 407 6.68 37.59 -43.15
CA ASN D 407 7.57 36.43 -43.04
C ASN D 407 7.15 35.30 -43.98
N LYS D 408 5.85 35.07 -44.12
CA LYS D 408 5.38 34.04 -45.04
C LYS D 408 5.69 34.45 -46.47
N GLN D 409 5.74 35.75 -46.74
CA GLN D 409 6.02 36.22 -48.09
C GLN D 409 7.49 35.98 -48.41
N ALA D 410 8.38 36.42 -47.52
CA ALA D 410 9.79 36.10 -47.65
C ALA D 410 9.99 34.61 -47.92
N ALA D 411 9.42 33.76 -47.06
CA ALA D 411 9.61 32.32 -47.19
C ALA D 411 9.05 31.78 -48.51
N PHE D 412 7.90 32.32 -48.94
CA PHE D 412 7.30 31.90 -50.21
C PHE D 412 8.15 32.32 -51.39
N ASP D 413 8.64 33.56 -51.38
CA ASP D 413 9.54 34.01 -52.42
C ASP D 413 10.73 33.05 -52.52
N ALA D 414 11.41 32.84 -51.39
CA ALA D 414 12.54 31.89 -51.35
C ALA D 414 12.16 30.55 -51.96
N ALA D 415 10.99 30.01 -51.59
CA ALA D 415 10.57 28.72 -52.11
C ALA D 415 10.32 28.78 -53.61
N ALA D 416 9.78 29.90 -54.10
CA ALA D 416 9.53 30.06 -55.53
C ALA D 416 10.85 30.10 -56.29
N LYS D 417 11.85 30.76 -55.71
CA LYS D 417 13.20 30.77 -56.27
C LYS D 417 13.74 29.36 -56.38
N GLU D 418 13.82 28.65 -55.25
CA GLU D 418 14.27 27.27 -55.26
C GLU D 418 13.51 26.44 -56.30
N LYS D 419 12.19 26.62 -56.39
CA LYS D 419 11.36 25.83 -57.31
C LYS D 419 11.70 26.13 -58.76
N SER D 420 11.88 27.41 -59.10
CA SER D 420 12.26 27.77 -60.46
C SER D 420 13.61 27.19 -60.80
N ASP D 421 14.56 27.35 -59.88
CA ASP D 421 15.89 26.76 -60.08
C ASP D 421 15.75 25.28 -60.39
N ALA D 422 14.97 24.55 -59.59
CA ALA D 422 14.75 23.13 -59.85
C ALA D 422 14.17 22.91 -61.24
N ASP D 423 13.18 23.75 -61.62
CA ASP D 423 12.53 23.57 -62.90
C ASP D 423 13.51 23.70 -64.04
N ALA D 424 14.53 24.54 -63.87
CA ALA D 424 15.55 24.67 -64.91
C ALA D 424 16.54 23.51 -64.83
N ALA D 425 16.90 23.14 -63.59
CA ALA D 425 17.75 21.99 -63.34
C ALA D 425 17.27 20.75 -64.09
N LEU D 426 15.96 20.52 -64.11
CA LEU D 426 15.41 19.38 -64.85
C LEU D 426 15.65 19.51 -66.35
N SER D 427 15.30 20.66 -66.92
CA SER D 427 15.55 20.87 -68.35
C SER D 427 17.00 20.53 -68.68
N ALA D 428 17.93 21.12 -67.93
CA ALA D 428 19.35 20.91 -68.19
C ALA D 428 19.74 19.45 -68.01
N ALA D 429 19.33 18.83 -66.90
CA ALA D 429 19.75 17.46 -66.64
C ALA D 429 19.20 16.49 -67.67
N GLN D 430 18.01 16.76 -68.22
CA GLN D 430 17.43 15.82 -69.17
C GLN D 430 17.93 16.08 -70.58
N GLU D 431 18.38 17.31 -70.86
CA GLU D 431 19.17 17.53 -72.06
C GLU D 431 20.49 16.77 -71.96
N ARG D 432 21.11 16.79 -70.76
CA ARG D 432 22.34 16.04 -70.58
C ARG D 432 22.10 14.55 -70.78
N ARG D 433 20.99 14.03 -70.25
CA ARG D 433 20.68 12.61 -70.45
C ARG D 433 20.49 12.31 -71.93
N LYS D 434 19.89 13.24 -72.67
CA LYS D 434 19.67 13.01 -74.10
C LYS D 434 21.00 12.98 -74.84
N GLN D 435 21.90 13.91 -74.53
CA GLN D 435 23.23 13.92 -75.13
C GLN D 435 24.02 12.68 -74.77
N LYS D 436 24.03 12.30 -73.49
CA LYS D 436 24.76 11.11 -73.08
C LYS D 436 24.16 9.84 -73.67
N GLU D 437 22.85 9.84 -73.95
CA GLU D 437 22.25 8.66 -74.55
C GLU D 437 22.53 8.59 -76.04
N ASN D 438 22.73 9.76 -76.67
CA ASN D 438 23.14 9.76 -78.07
C ASN D 438 24.60 9.34 -78.18
N LYS D 439 25.45 9.88 -77.29
CA LYS D 439 26.83 9.41 -77.23
C LYS D 439 26.85 7.90 -77.05
N GLU D 440 26.08 7.38 -76.10
CA GLU D 440 26.10 5.96 -75.79
C GLU D 440 25.55 5.12 -76.94
N LYS D 441 24.74 5.72 -77.82
CA LYS D 441 24.33 5.03 -79.03
C LYS D 441 25.48 5.01 -80.04
N ASP D 442 25.94 6.19 -80.45
CA ASP D 442 27.06 6.26 -81.38
C ASP D 442 28.15 5.28 -80.95
N ALA D 443 28.54 5.34 -79.67
CA ALA D 443 29.55 4.43 -79.14
C ALA D 443 29.17 2.97 -79.36
N LYS D 444 27.98 2.56 -78.90
CA LYS D 444 27.60 1.17 -79.02
C LYS D 444 27.56 0.70 -80.48
N ASP D 445 27.37 1.62 -81.42
CA ASP D 445 27.43 1.26 -82.83
C ASP D 445 28.85 0.96 -83.26
N LYS D 446 29.79 1.83 -82.93
CA LYS D 446 31.20 1.59 -83.23
C LYS D 446 31.69 0.34 -82.50
N SER E 33 -4.32 -20.54 64.51
CA SER E 33 -5.23 -20.55 65.66
C SER E 33 -6.22 -21.70 65.52
N GLY E 34 -7.32 -21.65 66.27
CA GLY E 34 -8.19 -22.79 66.43
C GLY E 34 -7.86 -23.60 67.67
N ARG E 35 -8.85 -24.38 68.09
CA ARG E 35 -8.68 -25.22 69.27
C ARG E 35 -7.68 -26.32 68.99
N PRO E 36 -6.60 -26.47 69.76
CA PRO E 36 -5.65 -27.56 69.50
C PRO E 36 -6.27 -28.91 69.86
N ILE E 37 -5.97 -29.93 69.06
CA ILE E 37 -6.51 -31.26 69.29
C ILE E 37 -5.49 -32.29 68.84
N GLY E 38 -5.47 -33.43 69.53
CA GLY E 38 -4.64 -34.55 69.17
C GLY E 38 -5.39 -35.57 68.35
N VAL E 39 -4.85 -35.88 67.17
CA VAL E 39 -5.40 -36.90 66.28
C VAL E 39 -4.31 -37.95 66.09
N VAL E 40 -4.54 -39.15 66.62
CA VAL E 40 -3.51 -40.19 66.65
C VAL E 40 -3.70 -41.12 65.47
N PRO E 41 -2.62 -41.53 64.79
CA PRO E 41 -2.73 -42.61 63.81
C PRO E 41 -3.53 -43.79 64.35
N PHE E 42 -4.38 -44.36 63.51
CA PHE E 42 -5.28 -45.41 63.93
C PHE E 42 -4.54 -46.74 64.03
N GLN E 43 -5.00 -47.59 64.93
CA GLN E 43 -4.41 -48.91 65.08
C GLN E 43 -4.74 -49.79 63.88
N TRP E 44 -3.72 -50.43 63.33
CA TRP E 44 -3.89 -51.31 62.18
C TRP E 44 -3.89 -52.78 62.59
N ALA E 49 0.70 -52.13 55.51
CA ALA E 49 0.17 -50.79 55.66
C ALA E 49 -1.36 -50.80 55.63
N ALA E 50 -1.96 -49.81 56.27
CA ALA E 50 -3.41 -49.73 56.31
C ALA E 50 -3.95 -49.38 54.92
N PRO E 51 -5.16 -49.86 54.57
CA PRO E 51 -5.72 -49.54 53.26
C PRO E 51 -5.99 -48.06 53.04
N GLU E 52 -6.21 -47.30 54.12
CA GLU E 52 -6.44 -45.87 54.03
CA GLU E 52 -6.45 -45.87 54.03
C GLU E 52 -6.01 -45.27 55.35
N ASP E 53 -5.62 -44.01 55.34
CA ASP E 53 -5.16 -43.33 56.57
C ASP E 53 -6.31 -42.55 57.20
N ILE E 54 -7.05 -43.21 58.09
CA ILE E 54 -8.29 -42.63 58.60
C ILE E 54 -7.97 -41.48 59.54
N GLY E 55 -6.96 -41.66 60.39
CA GLY E 55 -6.56 -40.59 61.29
C GLY E 55 -6.16 -39.34 60.53
N GLY E 56 -5.44 -39.52 59.42
CA GLY E 56 -5.09 -38.38 58.60
C GLY E 56 -6.32 -37.72 58.00
N ILE E 57 -7.34 -38.51 57.69
CA ILE E 57 -8.57 -37.94 57.17
C ILE E 57 -9.28 -37.14 58.25
N VAL E 58 -9.28 -37.65 59.49
CA VAL E 58 -9.92 -36.96 60.60
C VAL E 58 -9.22 -35.63 60.87
N ALA E 59 -7.89 -35.67 60.95
CA ALA E 59 -7.11 -34.44 61.08
C ALA E 59 -7.43 -33.45 59.97
N ALA E 60 -7.46 -33.92 58.72
CA ALA E 60 -7.71 -33.02 57.61
C ALA E 60 -9.11 -32.44 57.68
N ASP E 61 -10.10 -33.24 58.07
CA ASP E 61 -11.46 -32.74 58.21
C ASP E 61 -11.53 -31.67 59.29
N LEU E 62 -11.05 -31.98 60.49
CA LEU E 62 -11.09 -31.01 61.58
C LEU E 62 -10.37 -29.74 61.18
N ARG E 63 -9.26 -29.88 60.47
CA ARG E 63 -8.51 -28.71 60.03
CA ARG E 63 -8.48 -28.73 60.00
C ARG E 63 -9.27 -27.88 59.01
N ASN E 64 -9.90 -28.54 58.04
CA ASN E 64 -10.63 -27.83 56.98
C ASN E 64 -11.73 -26.93 57.54
N SER E 65 -12.31 -27.29 58.68
CA SER E 65 -13.38 -26.48 59.25
C SER E 65 -12.90 -25.13 59.75
N GLY E 66 -11.59 -24.98 59.98
CA GLY E 66 -11.07 -23.80 60.64
C GLY E 66 -11.17 -23.83 62.14
N LYS E 67 -11.99 -24.73 62.69
CA LYS E 67 -12.34 -24.73 64.10
C LYS E 67 -11.37 -25.55 64.93
N PHE E 68 -10.49 -26.31 64.30
CA PHE E 68 -9.62 -27.25 64.98
C PHE E 68 -8.21 -27.14 64.42
N ASN E 69 -7.24 -27.55 65.25
CA ASN E 69 -5.84 -27.63 64.88
C ASN E 69 -5.28 -28.97 65.32
N PRO E 70 -5.39 -30.00 64.48
CA PRO E 70 -4.85 -31.31 64.87
C PRO E 70 -3.35 -31.23 65.08
N LEU E 71 -2.86 -31.84 66.16
CA LEU E 71 -1.45 -31.77 66.48
C LEU E 71 -0.62 -32.44 65.40
N ASP E 72 0.41 -31.74 64.93
CA ASP E 72 1.37 -32.31 64.00
CA ASP E 72 1.37 -32.31 64.00
C ASP E 72 1.77 -33.72 64.42
N ARG E 73 1.68 -34.65 63.48
CA ARG E 73 1.97 -36.05 63.78
C ARG E 73 3.36 -36.23 64.38
N ALA E 74 4.34 -35.46 63.89
CA ALA E 74 5.70 -35.55 64.42
C ALA E 74 5.86 -35.05 65.85
N ARG E 75 4.88 -34.31 66.38
CA ARG E 75 4.97 -33.77 67.73
C ARG E 75 4.01 -34.44 68.71
N LEU E 76 3.38 -35.54 68.31
CA LEU E 76 2.49 -36.25 69.23
C LEU E 76 3.29 -36.78 70.42
N PRO E 77 2.82 -36.60 71.65
CA PRO E 77 3.57 -37.15 72.80
C PRO E 77 3.55 -38.65 72.87
N GLN E 78 2.56 -39.31 72.26
CA GLN E 78 2.49 -40.76 72.20
C GLN E 78 1.55 -41.14 71.08
N GLN E 79 1.53 -42.43 70.75
CA GLN E 79 0.58 -43.01 69.80
C GLN E 79 -0.22 -44.10 70.50
N PRO E 80 -1.05 -43.74 71.48
CA PRO E 80 -1.91 -44.75 72.12
C PRO E 80 -2.84 -45.40 71.11
N GLY E 81 -2.97 -46.71 71.19
CA GLY E 81 -3.92 -47.44 70.37
C GLY E 81 -5.28 -47.62 71.00
N SER E 82 -5.51 -47.07 72.19
CA SER E 82 -6.77 -47.27 72.89
C SER E 82 -6.92 -46.18 73.94
N ALA E 83 -8.16 -46.01 74.41
CA ALA E 83 -8.44 -45.00 75.42
C ALA E 83 -7.67 -45.27 76.71
N GLN E 84 -7.65 -46.54 77.15
CA GLN E 84 -6.83 -46.92 78.29
C GLN E 84 -5.37 -46.49 78.11
N GLU E 85 -4.85 -46.58 76.90
CA GLU E 85 -3.46 -46.21 76.66
C GLU E 85 -3.23 -44.70 76.64
N VAL E 86 -4.29 -43.90 76.68
CA VAL E 86 -4.13 -42.45 76.62
C VAL E 86 -3.57 -41.96 77.96
N GLN E 87 -2.53 -41.13 77.89
CA GLN E 87 -1.98 -40.51 79.09
C GLN E 87 -2.38 -39.03 79.13
N PRO E 88 -3.44 -38.66 79.85
CA PRO E 88 -4.00 -37.31 79.68
C PRO E 88 -3.01 -36.20 79.98
N ALA E 89 -2.20 -36.37 81.02
CA ALA E 89 -1.28 -35.30 81.44
C ALA E 89 -0.36 -34.89 80.29
N ALA E 90 0.05 -35.85 79.46
CA ALA E 90 0.98 -35.55 78.38
C ALA E 90 0.34 -34.73 77.27
N TRP E 91 -0.98 -34.79 77.15
CA TRP E 91 -1.70 -33.98 76.17
C TRP E 91 -2.10 -32.62 76.74
N SER E 92 -2.61 -32.61 77.97
CA SER E 92 -2.87 -31.35 78.66
C SER E 92 -1.63 -30.48 78.78
N ALA E 93 -0.45 -31.08 78.96
CA ALA E 93 0.78 -30.30 78.96
C ALA E 93 0.96 -29.51 77.66
N LEU E 94 0.52 -30.07 76.53
CA LEU E 94 0.61 -29.40 75.25
C LEU E 94 -0.62 -28.56 74.93
N GLY E 95 -1.54 -28.40 75.87
CA GLY E 95 -2.73 -27.62 75.64
C GLY E 95 -3.83 -28.35 74.92
N ILE E 96 -3.76 -29.68 74.87
CA ILE E 96 -4.77 -30.51 74.23
C ILE E 96 -5.64 -31.13 75.33
N ASP E 97 -6.94 -30.88 75.26
CA ASP E 97 -7.89 -31.42 76.22
C ASP E 97 -8.76 -32.53 75.65
N ALA E 98 -8.54 -32.95 74.41
CA ALA E 98 -9.22 -34.11 73.86
C ALA E 98 -8.33 -34.79 72.84
N VAL E 99 -8.46 -36.10 72.73
CA VAL E 99 -7.62 -36.92 71.86
C VAL E 99 -8.50 -37.92 71.12
N VAL E 100 -8.33 -38.01 69.80
CA VAL E 100 -9.03 -38.99 68.98
C VAL E 100 -8.11 -40.17 68.77
N VAL E 101 -8.55 -41.36 69.18
CA VAL E 101 -7.88 -42.61 68.88
C VAL E 101 -8.85 -43.52 68.16
N GLY E 102 -8.33 -44.58 67.55
CA GLY E 102 -9.21 -45.55 66.92
C GLY E 102 -8.47 -46.76 66.40
N GLN E 103 -9.24 -47.64 65.78
CA GLN E 103 -8.79 -48.95 65.33
C GLN E 103 -9.39 -49.26 63.97
N VAL E 104 -8.56 -49.81 63.08
CA VAL E 104 -9.02 -50.40 61.83
C VAL E 104 -8.64 -51.88 61.85
N THR E 105 -9.63 -52.75 61.71
CA THR E 105 -9.36 -54.19 61.67
C THR E 105 -9.95 -54.83 60.41
N PRO E 106 -9.25 -55.79 59.81
CA PRO E 106 -9.81 -56.47 58.63
C PRO E 106 -10.86 -57.51 59.01
N ASN E 107 -11.94 -57.59 58.19
CA ASN E 107 -12.92 -58.64 58.41
C ASN E 107 -12.67 -59.82 57.48
N PRO E 108 -13.01 -61.04 57.91
CA PRO E 108 -12.74 -62.21 57.06
C PRO E 108 -13.37 -62.13 55.67
N ASP E 109 -14.50 -61.45 55.53
CA ASP E 109 -15.13 -61.26 54.22
C ASP E 109 -14.51 -60.12 53.41
N GLY E 110 -13.37 -59.58 53.85
CA GLY E 110 -12.67 -58.57 53.10
C GLY E 110 -13.11 -57.15 53.38
N SER E 111 -14.20 -56.98 54.13
CA SER E 111 -14.60 -55.66 54.61
C SER E 111 -13.74 -55.28 55.81
N TYR E 112 -13.92 -54.06 56.31
CA TYR E 112 -13.11 -53.56 57.41
C TYR E 112 -14.00 -52.94 58.47
N ASN E 113 -13.58 -53.08 59.71
CA ASN E 113 -14.21 -52.40 60.84
C ASN E 113 -13.37 -51.19 61.20
N VAL E 114 -14.02 -50.03 61.30
CA VAL E 114 -13.39 -48.78 61.68
C VAL E 114 -14.09 -48.29 62.93
N ALA E 115 -13.32 -48.04 63.99
CA ALA E 115 -13.86 -47.55 65.25
C ALA E 115 -13.01 -46.41 65.74
N TYR E 116 -13.66 -45.47 66.42
CA TYR E 116 -12.99 -44.33 67.03
C TYR E 116 -13.53 -44.08 68.43
N GLN E 117 -12.66 -43.55 69.28
CA GLN E 117 -13.05 -43.00 70.57
C GLN E 117 -12.41 -41.64 70.78
N LEU E 118 -13.17 -40.73 71.39
CA LEU E 118 -12.72 -39.40 71.76
C LEU E 118 -12.53 -39.37 73.27
N VAL E 119 -11.30 -39.16 73.72
CA VAL E 119 -10.93 -39.28 75.12
C VAL E 119 -10.65 -37.88 75.66
N ASP E 120 -11.37 -37.52 76.73
CA ASP E 120 -11.09 -36.27 77.44
C ASP E 120 -9.71 -36.30 78.07
N THR E 121 -8.93 -35.23 77.83
CA THR E 121 -7.65 -35.03 78.48
C THR E 121 -7.58 -33.65 79.11
N GLY E 122 -8.72 -33.17 79.60
CA GLY E 122 -8.84 -31.86 80.21
C GLY E 122 -9.42 -31.94 81.60
N GLY E 123 -10.69 -31.55 81.75
CA GLY E 123 -11.32 -31.45 83.05
C GLY E 123 -11.75 -32.78 83.63
N ALA E 124 -11.83 -33.82 82.81
CA ALA E 124 -12.32 -35.14 83.23
C ALA E 124 -11.39 -36.21 82.67
N PRO E 125 -10.11 -36.13 83.00
CA PRO E 125 -9.09 -36.84 82.20
C PRO E 125 -9.35 -38.34 82.16
N GLY E 126 -9.21 -38.91 80.95
CA GLY E 126 -9.46 -40.31 80.73
C GLY E 126 -10.90 -40.69 80.47
N THR E 127 -11.85 -39.79 80.73
CA THR E 127 -13.24 -40.07 80.38
C THR E 127 -13.40 -40.12 78.87
N VAL E 128 -14.25 -41.04 78.41
CA VAL E 128 -14.57 -41.16 76.99
C VAL E 128 -15.82 -40.34 76.73
N LEU E 129 -15.69 -39.30 75.90
CA LEU E 129 -16.81 -38.40 75.65
C LEU E 129 -17.73 -38.93 74.55
N ALA E 130 -17.18 -39.70 73.62
CA ALA E 130 -17.93 -40.20 72.48
C ALA E 130 -17.13 -41.33 71.85
N GLN E 131 -17.83 -42.23 71.16
CA GLN E 131 -17.17 -43.33 70.48
C GLN E 131 -18.15 -43.99 69.54
N ASN E 132 -17.61 -44.76 68.59
CA ASN E 132 -18.43 -45.44 67.61
C ASN E 132 -17.58 -46.46 66.87
N SER E 133 -18.26 -47.36 66.18
CA SER E 133 -17.61 -48.41 65.40
C SER E 133 -18.57 -48.87 64.32
N TYR E 134 -18.04 -49.15 63.13
CA TYR E 134 -18.90 -49.44 61.99
C TYR E 134 -18.10 -50.13 60.90
N LYS E 135 -18.83 -50.85 60.04
CA LYS E 135 -18.25 -51.75 59.06
C LYS E 135 -18.42 -51.14 57.68
N VAL E 136 -17.32 -51.02 56.93
CA VAL E 136 -17.36 -50.49 55.58
C VAL E 136 -16.51 -51.34 54.65
N ASN E 137 -16.92 -51.38 53.38
CA ASN E 137 -16.07 -51.90 52.33
C ASN E 137 -14.95 -50.92 52.03
N LYS E 138 -13.81 -51.45 51.58
CA LYS E 138 -12.62 -50.65 51.30
C LYS E 138 -12.92 -49.33 50.60
N GLN E 139 -13.86 -49.33 49.66
CA GLN E 139 -14.15 -48.11 48.92
C GLN E 139 -14.91 -47.10 49.75
N TRP E 140 -15.33 -47.47 50.96
CA TRP E 140 -16.02 -46.57 51.87
C TRP E 140 -15.18 -46.31 53.11
N LEU E 141 -13.87 -46.60 53.04
CA LEU E 141 -13.02 -46.31 54.20
C LEU E 141 -13.00 -44.83 54.49
N ARG E 142 -12.95 -44.00 53.45
CA ARG E 142 -12.94 -42.57 53.69
C ARG E 142 -14.25 -42.17 54.33
N TYR E 143 -15.35 -42.75 53.86
CA TYR E 143 -16.63 -42.44 54.46
C TYR E 143 -16.64 -42.82 55.93
N ALA E 144 -16.10 -44.00 56.27
CA ALA E 144 -15.95 -44.34 57.68
C ALA E 144 -15.18 -43.26 58.42
N GLY E 145 -14.06 -42.82 57.84
CA GLY E 145 -13.35 -41.72 58.46
C GLY E 145 -14.23 -40.49 58.52
N HIS E 146 -14.94 -40.21 57.42
CA HIS E 146 -15.79 -39.04 57.42
C HIS E 146 -16.88 -39.19 58.46
N THR E 147 -17.35 -40.42 58.69
CA THR E 147 -18.34 -40.61 59.74
C THR E 147 -17.76 -40.20 61.08
N ALA E 148 -16.56 -40.69 61.39
CA ALA E 148 -15.95 -40.30 62.65
C ALA E 148 -15.82 -38.79 62.71
N SER E 149 -15.38 -38.19 61.61
CA SER E 149 -15.17 -36.74 61.59
C SER E 149 -16.46 -36.02 61.92
N ASP E 150 -17.58 -36.48 61.38
CA ASP E 150 -18.83 -35.76 61.60
C ASP E 150 -19.19 -35.72 63.08
N GLU E 151 -19.01 -36.84 63.79
CA GLU E 151 -19.48 -36.86 65.18
C GLU E 151 -18.57 -36.11 66.16
N VAL E 152 -17.25 -36.28 66.04
CA VAL E 152 -16.36 -35.57 66.96
C VAL E 152 -16.52 -34.07 66.80
N PHE E 153 -16.60 -33.60 65.56
CA PHE E 153 -16.75 -32.18 65.34
C PHE E 153 -18.00 -31.69 66.06
N GLU E 154 -19.09 -32.43 65.91
CA GLU E 154 -20.32 -31.97 66.51
C GLU E 154 -20.21 -32.05 68.02
N LYS E 155 -19.63 -33.14 68.51
CA LYS E 155 -19.41 -33.26 69.95
C LYS E 155 -18.67 -32.04 70.47
N LEU E 156 -17.59 -31.66 69.79
CA LEU E 156 -16.81 -30.52 70.26
C LEU E 156 -17.40 -29.17 69.87
N THR E 157 -18.24 -29.10 68.84
CA THR E 157 -18.86 -27.83 68.48
C THR E 157 -20.36 -27.77 68.70
N GLY E 158 -21.03 -28.90 68.79
CA GLY E 158 -22.47 -28.83 68.76
C GLY E 158 -23.00 -28.55 67.37
N ILE E 159 -22.12 -28.55 66.37
CA ILE E 159 -22.47 -28.28 64.98
C ILE E 159 -22.48 -29.61 64.23
N LYS E 160 -23.53 -29.84 63.44
CA LYS E 160 -23.57 -31.01 62.59
C LYS E 160 -22.35 -31.01 61.66
N GLY E 161 -21.75 -32.18 61.48
CA GLY E 161 -20.60 -32.26 60.62
C GLY E 161 -20.99 -32.26 59.15
N ALA E 162 -20.11 -31.72 58.32
CA ALA E 162 -20.36 -31.66 56.88
C ALA E 162 -19.25 -32.33 56.06
N PHE E 163 -18.47 -33.22 56.67
CA PHE E 163 -17.34 -33.82 55.96
C PHE E 163 -17.78 -34.97 55.05
N ARG E 164 -18.99 -35.49 55.23
CA ARG E 164 -19.56 -36.49 54.34
C ARG E 164 -20.37 -35.87 53.20
N THR E 165 -20.24 -34.57 52.98
CA THR E 165 -21.02 -33.90 51.94
C THR E 165 -20.23 -33.94 50.63
N ARG E 166 -20.83 -33.41 49.58
CA ARG E 166 -20.25 -33.46 48.25
C ARG E 166 -20.25 -32.07 47.63
N ILE E 167 -19.40 -31.90 46.63
CA ILE E 167 -19.41 -30.72 45.77
C ILE E 167 -19.69 -31.14 44.33
N ALA E 168 -20.35 -30.26 43.60
CA ALA E 168 -20.57 -30.41 42.17
C ALA E 168 -19.78 -29.33 41.44
N TYR E 169 -19.37 -29.62 40.21
CA TYR E 169 -18.58 -28.67 39.44
C TYR E 169 -18.49 -29.13 37.99
N VAL E 170 -17.96 -28.26 37.13
CA VAL E 170 -17.84 -28.53 35.71
C VAL E 170 -16.35 -28.63 35.40
N VAL E 171 -15.96 -29.71 34.72
CA VAL E 171 -14.58 -29.95 34.31
C VAL E 171 -14.49 -29.97 32.79
N GLN E 172 -13.54 -29.22 32.26
CA GLN E 172 -13.14 -29.31 30.86
C GLN E 172 -11.89 -30.16 30.74
N THR E 173 -12.04 -31.34 30.15
CA THR E 173 -10.94 -32.28 29.93
C THR E 173 -10.32 -31.94 28.58
N ASN E 174 -9.33 -32.73 28.16
CA ASN E 174 -8.69 -32.51 26.87
C ASN E 174 -9.27 -33.42 25.78
N GLY E 175 -10.38 -34.09 26.06
CA GLY E 175 -11.09 -34.82 25.03
C GLY E 175 -11.78 -33.88 24.05
N GLY E 176 -11.85 -34.31 22.80
CA GLY E 176 -12.35 -33.47 21.72
C GLY E 176 -13.86 -33.43 21.62
N GLN E 177 -14.49 -34.61 21.64
CA GLN E 177 -15.90 -34.73 21.27
C GLN E 177 -16.83 -34.22 22.38
N PHE E 178 -16.50 -34.49 23.64
CA PHE E 178 -17.33 -34.09 24.78
C PHE E 178 -16.47 -33.30 25.77
N PRO E 179 -16.05 -32.09 25.39
CA PRO E 179 -15.14 -31.32 26.26
C PRO E 179 -15.74 -30.93 27.61
N TYR E 180 -17.05 -31.01 27.82
CA TYR E 180 -17.67 -30.49 29.03
C TYR E 180 -18.19 -31.65 29.85
N GLU E 181 -17.82 -31.71 31.13
CA GLU E 181 -18.34 -32.73 32.03
C GLU E 181 -18.90 -32.08 33.29
N LEU E 182 -20.11 -32.46 33.68
CA LEU E 182 -20.62 -32.14 35.00
C LEU E 182 -20.25 -33.30 35.90
N ARG E 183 -19.51 -33.01 36.97
CA ARG E 183 -19.00 -34.00 37.90
C ARG E 183 -19.37 -33.64 39.33
N VAL E 184 -19.31 -34.66 40.19
CA VAL E 184 -19.49 -34.53 41.63
C VAL E 184 -18.32 -35.24 42.29
N SER E 185 -17.83 -34.71 43.41
CA SER E 185 -16.87 -35.42 44.23
C SER E 185 -17.11 -35.14 45.71
N ASP E 186 -16.34 -35.84 46.55
CA ASP E 186 -16.24 -35.45 47.95
C ASP E 186 -15.70 -34.04 48.08
N TYR E 187 -15.99 -33.41 49.22
CA TYR E 187 -15.57 -32.03 49.44
C TYR E 187 -14.06 -31.87 49.35
N ASP E 188 -13.29 -32.90 49.72
CA ASP E 188 -11.84 -32.79 49.78
C ASP E 188 -11.14 -33.28 48.52
N GLY E 189 -11.89 -33.56 47.46
CA GLY E 189 -11.31 -33.85 46.17
C GLY E 189 -11.17 -35.32 45.85
N TYR E 190 -11.35 -36.19 46.83
CA TYR E 190 -11.31 -37.62 46.60
C TYR E 190 -12.66 -38.12 46.09
N ASN E 191 -12.64 -39.30 45.48
CA ASN E 191 -13.85 -40.00 45.06
C ASN E 191 -14.58 -39.21 43.98
N GLN E 192 -13.82 -38.69 43.01
CA GLN E 192 -14.45 -37.98 41.92
C GLN E 192 -15.20 -38.95 41.03
N PHE E 193 -16.32 -38.50 40.47
CA PHE E 193 -16.98 -39.25 39.40
C PHE E 193 -17.66 -38.30 38.45
N VAL E 194 -17.94 -38.80 37.24
CA VAL E 194 -18.55 -38.02 36.19
C VAL E 194 -20.05 -38.25 36.24
N VAL E 195 -20.83 -37.17 36.19
CA VAL E 195 -22.28 -37.27 36.23
C VAL E 195 -22.88 -37.18 34.83
N HIS E 196 -22.34 -36.32 33.98
CA HIS E 196 -22.83 -36.23 32.61
C HIS E 196 -21.75 -35.61 31.74
N ARG E 197 -21.61 -36.11 30.52
CA ARG E 197 -20.75 -35.44 29.56
C ARG E 197 -21.61 -34.81 28.47
N SER E 198 -21.14 -33.65 28.00
CA SER E 198 -21.84 -32.82 27.04
C SER E 198 -20.81 -32.15 26.16
N PRO E 199 -21.13 -31.91 24.87
CA PRO E 199 -20.23 -31.13 24.03
C PRO E 199 -20.31 -29.63 24.27
N GLN E 200 -21.27 -29.15 25.07
CA GLN E 200 -21.44 -27.72 25.27
C GLN E 200 -21.48 -27.35 26.74
N CYS E 201 -21.32 -26.04 26.96
CA CYS E 201 -21.30 -25.39 28.27
C CYS E 201 -22.33 -25.90 29.27
N LEU E 202 -21.83 -26.22 30.47
CA LEU E 202 -22.67 -26.34 31.65
C LEU E 202 -22.18 -25.28 32.64
N MET E 203 -23.10 -24.74 33.44
CA MET E 203 -22.72 -23.78 34.47
C MET E 203 -23.61 -23.91 35.69
N SER E 204 -23.07 -23.45 36.82
CA SER E 204 -23.85 -23.03 37.97
C SER E 204 -24.82 -24.12 38.44
N PRO E 205 -24.30 -25.31 38.76
CA PRO E 205 -25.17 -26.36 39.28
C PRO E 205 -25.75 -25.97 40.64
N ALA E 206 -26.86 -26.61 40.97
CA ALA E 206 -27.50 -26.36 42.25
C ALA E 206 -28.19 -27.64 42.70
N TRP E 207 -28.01 -27.98 43.98
CA TRP E 207 -28.53 -29.23 44.52
C TRP E 207 -29.98 -29.06 44.95
N SER E 208 -30.78 -30.08 44.68
CA SER E 208 -32.07 -30.20 45.34
C SER E 208 -31.85 -30.45 46.84
N PRO E 209 -32.80 -30.06 47.69
CA PRO E 209 -32.56 -30.23 49.13
C PRO E 209 -32.42 -31.68 49.54
N ASP E 210 -32.90 -32.62 48.72
CA ASP E 210 -32.77 -34.04 48.99
C ASP E 210 -31.50 -34.64 48.39
N GLY E 211 -30.71 -33.85 47.66
CA GLY E 211 -29.47 -34.35 47.09
C GLY E 211 -29.61 -35.24 45.88
N SER E 212 -30.81 -35.36 45.30
CA SER E 212 -31.05 -36.32 44.23
C SER E 212 -30.95 -35.74 42.83
N LYS E 213 -31.00 -34.41 42.66
CA LYS E 213 -30.98 -33.82 41.33
C LYS E 213 -29.99 -32.67 41.27
N LEU E 214 -29.49 -32.42 40.06
CA LEU E 214 -28.69 -31.25 39.73
C LEU E 214 -29.40 -30.46 38.63
N ALA E 215 -29.66 -29.18 38.87
CA ALA E 215 -30.03 -28.30 37.77
C ALA E 215 -28.78 -27.77 37.07
N TYR E 216 -28.90 -27.52 35.77
CA TYR E 216 -27.80 -26.98 34.99
C TYR E 216 -28.28 -26.45 33.64
N VAL E 217 -27.42 -25.62 33.03
CA VAL E 217 -27.62 -25.10 31.68
C VAL E 217 -27.01 -26.08 30.67
N THR E 218 -27.80 -26.46 29.67
CA THR E 218 -27.31 -27.27 28.55
C THR E 218 -27.59 -26.65 27.19
N PHE E 219 -26.59 -26.74 26.32
CA PHE E 219 -26.65 -26.34 24.92
C PHE E 219 -26.66 -27.56 24.00
N GLU E 220 -26.92 -28.74 24.55
CA GLU E 220 -26.98 -29.94 23.73
C GLU E 220 -27.99 -29.79 22.62
N SER E 221 -29.06 -29.02 22.86
CA SER E 221 -30.06 -28.74 21.84
C SER E 221 -29.60 -27.72 20.79
N GLY E 222 -28.46 -27.07 20.97
CA GLY E 222 -28.02 -26.02 20.07
C GLY E 222 -28.19 -24.60 20.60
N ARG E 223 -28.92 -24.41 21.70
CA ARG E 223 -28.98 -23.12 22.38
C ARG E 223 -29.23 -23.36 23.85
N SER E 224 -29.31 -22.29 24.63
CA SER E 224 -29.30 -22.47 26.08
C SER E 224 -30.63 -23.05 26.54
N ALA E 225 -30.55 -23.93 27.53
CA ALA E 225 -31.72 -24.49 28.19
C ALA E 225 -31.38 -24.73 29.64
N LEU E 226 -32.39 -24.67 30.50
CA LEU E 226 -32.28 -25.01 31.90
C LEU E 226 -32.93 -26.37 32.07
N VAL E 227 -32.21 -27.30 32.71
CA VAL E 227 -32.68 -28.67 32.87
C VAL E 227 -32.38 -29.11 34.30
N ILE E 228 -33.16 -30.08 34.79
CA ILE E 228 -32.91 -30.74 36.06
C ILE E 228 -32.70 -32.23 35.80
N GLN E 229 -31.53 -32.74 36.18
CA GLN E 229 -31.15 -34.13 35.94
C GLN E 229 -31.16 -34.87 37.28
N THR E 230 -31.82 -36.03 37.32
CA THR E 230 -31.82 -36.85 38.51
C THR E 230 -30.56 -37.71 38.54
N LEU E 231 -29.78 -37.58 39.60
CA LEU E 231 -28.46 -38.20 39.64
C LEU E 231 -28.56 -39.72 39.67
N ALA E 232 -29.55 -40.26 40.39
CA ALA E 232 -29.61 -41.70 40.62
C ALA E 232 -29.74 -42.48 39.31
N ASN E 233 -30.48 -41.95 38.35
CA ASN E 233 -30.70 -42.65 37.08
C ASN E 233 -30.24 -41.87 35.86
N GLY E 234 -29.65 -40.70 36.03
CA GLY E 234 -29.22 -39.91 34.89
C GLY E 234 -30.33 -39.33 34.05
N ALA E 235 -31.58 -39.44 34.49
CA ALA E 235 -32.68 -38.86 33.74
C ALA E 235 -32.56 -37.34 33.74
N VAL E 236 -32.87 -36.72 32.61
CA VAL E 236 -32.79 -35.28 32.46
C VAL E 236 -34.19 -34.72 32.29
N ARG E 237 -34.58 -33.82 33.19
CA ARG E 237 -35.81 -33.06 33.05
C ARG E 237 -35.49 -31.72 32.40
N GLN E 238 -36.22 -31.40 31.33
CA GLN E 238 -36.09 -30.11 30.68
C GLN E 238 -36.96 -29.09 31.40
N VAL E 239 -36.34 -27.99 31.82
CA VAL E 239 -37.00 -26.99 32.64
C VAL E 239 -37.43 -25.78 31.83
N ALA E 240 -36.59 -25.32 30.92
CA ALA E 240 -36.87 -24.05 30.23
C ALA E 240 -35.95 -23.92 29.03
N SER E 241 -36.50 -23.44 27.91
CA SER E 241 -35.67 -23.12 26.76
C SER E 241 -36.25 -21.87 26.07
N PHE E 242 -36.25 -20.76 26.81
CA PHE E 242 -36.80 -19.51 26.30
C PHE E 242 -35.80 -18.86 25.35
N PRO E 243 -36.23 -17.87 24.58
CA PRO E 243 -35.29 -17.13 23.73
C PRO E 243 -34.13 -16.53 24.54
N ARG E 244 -32.97 -16.48 23.90
CA ARG E 244 -31.75 -15.95 24.49
C ARG E 244 -31.27 -16.81 25.66
N HIS E 245 -30.89 -16.19 26.77
CA HIS E 245 -30.15 -16.86 27.83
C HIS E 245 -31.05 -17.53 28.87
N ASN E 246 -30.71 -18.77 29.20
CA ASN E 246 -31.34 -19.54 30.27
C ASN E 246 -30.21 -19.95 31.21
N GLY E 247 -30.19 -19.40 32.41
CA GLY E 247 -29.05 -19.63 33.29
C GLY E 247 -29.38 -19.54 34.77
N ALA E 248 -28.35 -19.82 35.57
CA ALA E 248 -28.29 -19.55 36.99
C ALA E 248 -29.44 -20.18 37.77
N PRO E 249 -29.67 -21.48 37.64
CA PRO E 249 -30.75 -22.11 38.39
C PRO E 249 -30.45 -22.13 39.89
N ALA E 250 -31.51 -22.15 40.70
CA ALA E 250 -31.36 -22.40 42.12
C ALA E 250 -32.61 -23.09 42.67
N PHE E 251 -32.41 -24.17 43.42
CA PHE E 251 -33.51 -24.84 44.09
C PHE E 251 -33.82 -24.15 45.41
N SER E 252 -35.12 -23.94 45.67
CA SER E 252 -35.54 -23.45 46.98
C SER E 252 -35.14 -24.46 48.05
N PRO E 253 -34.81 -23.99 49.27
CA PRO E 253 -34.48 -24.95 50.34
C PRO E 253 -35.59 -25.93 50.64
N ASP E 254 -36.84 -25.51 50.58
CA ASP E 254 -37.96 -26.41 50.84
C ASP E 254 -38.26 -27.35 49.68
N GLY E 255 -37.62 -27.19 48.54
CA GLY E 255 -37.71 -28.15 47.45
C GLY E 255 -38.85 -27.91 46.50
N SER E 256 -39.70 -26.91 46.75
CA SER E 256 -40.91 -26.70 45.96
C SER E 256 -40.67 -25.86 44.71
N LYS E 257 -39.63 -25.03 44.67
CA LYS E 257 -39.46 -24.07 43.60
C LYS E 257 -38.05 -24.12 43.05
N LEU E 258 -37.92 -23.68 41.80
CA LEU E 258 -36.63 -23.44 41.15
C LEU E 258 -36.55 -21.99 40.74
N ALA E 259 -35.56 -21.27 41.24
CA ALA E 259 -35.27 -19.93 40.74
C ALA E 259 -34.21 -20.00 39.65
N PHE E 260 -34.27 -19.03 38.74
CA PHE E 260 -33.29 -18.94 37.66
C PHE E 260 -33.45 -17.58 36.99
N ALA E 261 -32.57 -17.31 36.02
CA ALA E 261 -32.55 -16.03 35.32
C ALA E 261 -32.85 -16.24 33.84
N LEU E 262 -33.75 -15.42 33.31
CA LEU E 262 -34.02 -15.34 31.88
C LEU E 262 -33.74 -13.91 31.43
N SER E 263 -33.18 -13.76 30.23
CA SER E 263 -32.98 -12.45 29.63
C SER E 263 -33.94 -12.17 28.49
N LYS E 264 -35.02 -12.96 28.38
CA LYS E 264 -35.96 -12.78 27.28
C LYS E 264 -36.46 -11.33 27.20
N THR E 265 -36.61 -10.66 28.34
CA THR E 265 -37.13 -9.30 28.34
C THR E 265 -36.20 -8.29 27.69
N GLY E 266 -34.96 -8.68 27.35
CA GLY E 266 -33.94 -7.74 26.88
C GLY E 266 -32.74 -7.67 27.80
N SER E 267 -32.94 -7.97 29.08
CA SER E 267 -31.86 -8.04 30.04
C SER E 267 -32.19 -9.12 31.05
N LEU E 268 -31.19 -9.51 31.83
CA LEU E 268 -31.37 -10.63 32.75
C LEU E 268 -32.28 -10.23 33.90
N ASN E 269 -33.27 -11.07 34.17
CA ASN E 269 -34.19 -10.90 35.28
C ASN E 269 -34.51 -12.26 35.86
N LEU E 270 -35.00 -12.26 37.10
CA LEU E 270 -35.21 -13.50 37.82
C LEU E 270 -36.63 -14.00 37.62
N TYR E 271 -36.76 -15.33 37.59
CA TYR E 271 -38.02 -16.02 37.43
C TYR E 271 -38.00 -17.22 38.37
N VAL E 272 -39.19 -17.71 38.72
CA VAL E 272 -39.32 -18.88 39.58
CA VAL E 272 -39.32 -18.88 39.58
C VAL E 272 -40.35 -19.83 38.96
N MET E 273 -40.01 -21.12 38.98
CA MET E 273 -40.89 -22.19 38.53
CA MET E 273 -40.91 -22.18 38.53
C MET E 273 -41.37 -22.99 39.73
N ASP E 274 -42.67 -23.20 39.82
CA ASP E 274 -43.22 -24.18 40.76
C ASP E 274 -42.98 -25.57 40.19
N LEU E 275 -42.16 -26.36 40.87
CA LEU E 275 -41.72 -27.61 40.26
C LEU E 275 -42.86 -28.61 40.13
N ALA E 276 -43.83 -28.56 41.04
CA ALA E 276 -44.97 -29.49 40.96
C ALA E 276 -45.83 -29.18 39.73
N SER E 277 -46.18 -27.90 39.53
CA SER E 277 -47.04 -27.52 38.42
C SER E 277 -46.28 -27.18 37.15
N GLY E 278 -45.03 -26.75 37.25
CA GLY E 278 -44.29 -26.27 36.10
C GLY E 278 -44.57 -24.82 35.73
N GLN E 279 -45.39 -24.11 36.50
CA GLN E 279 -45.74 -22.74 36.17
C GLN E 279 -44.60 -21.79 36.55
N ILE E 280 -44.39 -20.77 35.71
CA ILE E 280 -43.29 -19.82 35.89
C ILE E 280 -43.90 -18.45 36.15
N ARG E 281 -43.45 -17.81 37.24
CA ARG E 281 -43.74 -16.41 37.52
C ARG E 281 -42.49 -15.54 37.40
N GLN E 282 -42.72 -14.29 37.02
CA GLN E 282 -41.67 -13.28 36.91
C GLN E 282 -41.55 -12.55 38.24
N VAL E 283 -40.32 -12.33 38.69
CA VAL E 283 -40.05 -11.68 39.96
C VAL E 283 -39.51 -10.27 39.78
N THR E 284 -38.60 -10.08 38.83
CA THR E 284 -38.06 -8.77 38.51
C THR E 284 -38.36 -8.41 37.05
N ASP E 285 -38.57 -7.10 36.81
CA ASP E 285 -38.83 -6.59 35.48
C ASP E 285 -38.15 -5.23 35.34
N GLY E 286 -37.22 -5.12 34.41
CA GLY E 286 -36.44 -3.90 34.29
C GLY E 286 -35.36 -4.05 33.24
N ARG E 287 -34.74 -2.90 32.92
CA ARG E 287 -33.73 -2.82 31.88
C ARG E 287 -32.36 -3.26 32.37
N SER E 288 -32.18 -3.38 33.69
CA SER E 288 -30.92 -3.76 34.29
C SER E 288 -30.65 -5.26 34.08
N ASN E 289 -29.44 -5.69 34.43
CA ASN E 289 -29.09 -7.10 34.41
C ASN E 289 -29.23 -7.68 35.80
N ASN E 290 -29.96 -8.80 35.90
CA ASN E 290 -30.29 -9.40 37.19
C ASN E 290 -30.09 -10.90 37.06
N THR E 291 -29.20 -11.46 37.87
CA THR E 291 -28.87 -12.88 37.77
C THR E 291 -28.26 -13.36 39.08
N GLU E 292 -27.81 -14.61 39.08
CA GLU E 292 -27.21 -15.28 40.22
C GLU E 292 -28.10 -15.25 41.46
N PRO E 293 -29.37 -15.65 41.34
CA PRO E 293 -30.23 -15.70 42.52
C PRO E 293 -29.77 -16.76 43.52
N THR E 294 -29.91 -16.45 44.80
CA THR E 294 -29.76 -17.41 45.87
C THR E 294 -30.91 -17.27 46.85
N TRP E 295 -31.34 -18.40 47.43
CA TRP E 295 -32.48 -18.42 48.33
C TRP E 295 -32.06 -18.09 49.75
N PHE E 296 -32.91 -17.32 50.44
CA PHE E 296 -32.86 -17.23 51.88
C PHE E 296 -33.50 -18.46 52.52
N PRO E 297 -33.17 -18.74 53.79
CA PRO E 297 -33.70 -19.94 54.44
C PRO E 297 -35.21 -20.05 54.40
N ASP E 298 -35.93 -18.91 54.34
CA ASP E 298 -37.38 -18.95 54.39
C ASP E 298 -38.03 -19.44 53.11
N SER E 299 -37.25 -19.71 52.06
CA SER E 299 -37.79 -20.11 50.76
C SER E 299 -38.79 -19.09 50.20
N GLN E 300 -38.68 -17.83 50.60
CA GLN E 300 -39.52 -16.76 50.08
C GLN E 300 -38.76 -15.56 49.56
N ASN E 301 -37.51 -15.35 49.96
CA ASN E 301 -36.71 -14.21 49.53
C ASN E 301 -35.47 -14.69 48.81
N LEU E 302 -35.06 -13.94 47.79
CA LEU E 302 -33.81 -14.18 47.07
C LEU E 302 -32.84 -13.03 47.31
N ALA E 303 -31.56 -13.36 47.44
CA ALA E 303 -30.48 -12.43 47.14
C ALA E 303 -29.98 -12.66 45.72
N PHE E 304 -29.49 -11.60 45.10
CA PHE E 304 -29.07 -11.67 43.71
C PHE E 304 -28.17 -10.49 43.38
N THR E 305 -27.50 -10.58 42.23
CA THR E 305 -26.58 -9.54 41.78
C THR E 305 -27.28 -8.64 40.78
N SER E 306 -27.16 -7.33 40.96
CA SER E 306 -27.75 -6.35 40.06
C SER E 306 -26.76 -5.25 39.72
N ASP E 307 -26.85 -4.77 38.48
CA ASP E 307 -26.17 -3.56 38.04
C ASP E 307 -27.10 -2.35 38.02
N GLN E 308 -28.27 -2.47 38.67
CA GLN E 308 -29.22 -1.35 38.72
C GLN E 308 -28.57 -0.06 39.20
N ALA E 309 -27.58 -0.15 40.09
CA ALA E 309 -26.94 1.02 40.67
C ALA E 309 -25.60 1.33 40.01
N GLY E 310 -25.30 0.70 38.87
CA GLY E 310 -24.01 0.85 38.24
C GLY E 310 -23.14 -0.37 38.37
N ARG E 311 -22.13 -0.30 39.22
CA ARG E 311 -21.29 -1.47 39.48
C ARG E 311 -22.10 -2.53 40.23
N PRO E 312 -21.75 -3.80 40.07
CA PRO E 312 -22.57 -4.86 40.68
C PRO E 312 -22.70 -4.68 42.18
N GLN E 313 -23.91 -4.96 42.67
CA GLN E 313 -24.18 -5.00 44.11
C GLN E 313 -25.17 -6.14 44.36
N VAL E 314 -25.31 -6.53 45.62
CA VAL E 314 -26.25 -7.59 45.99
C VAL E 314 -27.52 -6.96 46.51
N TYR E 315 -28.65 -7.48 46.06
CA TYR E 315 -29.97 -7.01 46.43
C TYR E 315 -30.78 -8.18 46.98
N LYS E 316 -31.79 -7.84 47.76
CA LYS E 316 -32.74 -8.82 48.29
C LYS E 316 -34.14 -8.46 47.81
N VAL E 317 -34.91 -9.47 47.41
CA VAL E 317 -36.28 -9.25 46.97
C VAL E 317 -37.14 -10.45 47.36
N ASN E 318 -38.39 -10.17 47.71
CA ASN E 318 -39.39 -11.21 47.87
C ASN E 318 -39.82 -11.73 46.51
N ILE E 319 -39.96 -13.06 46.39
CA ILE E 319 -40.39 -13.64 45.13
C ILE E 319 -41.82 -13.29 44.76
N ASN E 320 -42.59 -12.71 45.68
CA ASN E 320 -43.96 -12.32 45.37
C ASN E 320 -44.01 -10.81 45.12
N GLY E 321 -44.02 -10.02 46.20
CA GLY E 321 -43.91 -8.58 46.08
C GLY E 321 -42.53 -8.18 45.59
N GLY E 322 -42.42 -7.70 44.35
CA GLY E 322 -41.13 -7.48 43.74
C GLY E 322 -40.74 -6.02 43.78
N ALA E 323 -39.66 -5.72 44.51
CA ALA E 323 -39.08 -4.39 44.60
C ALA E 323 -37.73 -4.50 45.27
N PRO E 324 -36.61 -4.56 44.52
CA PRO E 324 -35.36 -4.99 45.15
C PRO E 324 -34.80 -3.94 46.09
N GLN E 325 -34.25 -4.40 47.20
CA GLN E 325 -33.60 -3.54 48.19
C GLN E 325 -32.09 -3.83 48.18
N ARG E 326 -31.29 -2.78 48.05
CA ARG E 326 -29.85 -2.95 48.13
C ARG E 326 -29.46 -3.25 49.57
N ILE E 327 -28.63 -4.27 49.75
CA ILE E 327 -28.16 -4.66 51.08
C ILE E 327 -26.66 -4.53 51.25
N THR E 328 -25.90 -4.23 50.18
CA THR E 328 -24.46 -4.07 50.28
C THR E 328 -24.10 -2.60 50.10
N TRP E 329 -23.47 -2.01 51.11
CA TRP E 329 -23.05 -0.61 51.06
C TRP E 329 -21.57 -0.40 51.38
N GLU E 330 -20.86 -1.43 51.79
CA GLU E 330 -19.43 -1.40 51.94
C GLU E 330 -18.73 -1.76 50.63
N GLY E 331 -17.48 -1.33 50.52
CA GLY E 331 -16.66 -1.68 49.37
C GLY E 331 -17.10 -0.91 48.14
N SER E 332 -16.74 -1.45 46.97
CA SER E 332 -17.27 -0.95 45.71
C SER E 332 -18.01 -1.97 44.87
N GLN E 333 -17.91 -3.27 45.16
CA GLN E 333 -18.64 -4.24 44.35
C GLN E 333 -18.93 -5.49 45.16
N ASN E 334 -20.10 -6.07 44.94
CA ASN E 334 -20.48 -7.32 45.60
C ASN E 334 -21.35 -8.12 44.66
N GLN E 335 -21.13 -9.43 44.60
CA GLN E 335 -21.78 -10.22 43.56
C GLN E 335 -21.75 -11.70 43.90
N ASP E 336 -22.60 -12.46 43.22
CA ASP E 336 -22.60 -13.92 43.25
C ASP E 336 -22.82 -14.44 44.67
N ALA E 337 -23.98 -14.14 45.22
CA ALA E 337 -24.19 -14.35 46.65
C ALA E 337 -24.80 -15.73 46.91
N ASP E 338 -24.52 -16.25 48.10
CA ASP E 338 -25.13 -17.46 48.63
C ASP E 338 -25.45 -17.21 50.09
N VAL E 339 -26.70 -17.33 50.47
CA VAL E 339 -27.12 -16.99 51.83
C VAL E 339 -26.92 -18.21 52.70
N SER E 340 -26.48 -17.97 53.94
CA SER E 340 -26.24 -19.05 54.89
C SER E 340 -27.53 -19.75 55.26
N SER E 341 -27.39 -20.93 55.87
CA SER E 341 -28.54 -21.77 56.13
C SER E 341 -29.39 -21.23 57.27
N ASP E 342 -28.81 -20.42 58.14
CA ASP E 342 -29.56 -19.68 59.15
C ASP E 342 -29.94 -18.29 58.69
N GLY E 343 -29.48 -17.86 57.51
CA GLY E 343 -29.83 -16.54 57.02
C GLY E 343 -29.14 -15.42 57.78
N LYS E 344 -28.26 -15.75 58.72
CA LYS E 344 -27.60 -14.74 59.53
C LYS E 344 -26.47 -14.02 58.79
N PHE E 345 -25.83 -14.68 57.83
CA PHE E 345 -24.80 -14.04 57.03
C PHE E 345 -24.87 -14.56 55.60
N MET E 346 -24.08 -13.94 54.72
CA MET E 346 -23.87 -14.46 53.38
C MET E 346 -22.39 -14.40 53.02
N VAL E 347 -22.00 -15.23 52.05
CA VAL E 347 -20.70 -15.11 51.41
C VAL E 347 -20.93 -14.65 49.98
N MET E 348 -19.89 -14.06 49.39
CA MET E 348 -20.04 -13.43 48.08
C MET E 348 -18.65 -13.07 47.56
N VAL E 349 -18.61 -12.57 46.33
CA VAL E 349 -17.39 -12.08 45.71
C VAL E 349 -17.44 -10.55 45.81
N SER E 350 -16.52 -9.97 46.57
CA SER E 350 -16.49 -8.54 46.85
C SER E 350 -15.23 -7.91 46.31
N SER E 351 -15.37 -6.71 45.76
CA SER E 351 -14.25 -5.93 45.23
C SER E 351 -14.19 -4.68 46.10
N ASN E 352 -13.05 -4.49 46.75
CA ASN E 352 -12.77 -3.24 47.46
C ASN E 352 -11.38 -2.74 47.09
N GLY E 353 -11.33 -1.64 46.35
CA GLY E 353 -10.09 -1.04 45.93
C GLY E 353 -9.26 -2.02 45.12
N GLY E 354 -9.79 -2.43 43.98
CA GLY E 354 -9.04 -3.19 42.99
C GLY E 354 -9.02 -4.68 43.28
N GLN E 355 -8.99 -5.06 44.56
CA GLN E 355 -8.88 -6.46 44.96
CA GLN E 355 -8.87 -6.46 44.94
C GLN E 355 -10.26 -7.10 45.05
N GLN E 356 -10.47 -8.14 44.25
CA GLN E 356 -11.65 -9.00 44.35
CA GLN E 356 -11.64 -9.01 44.34
C GLN E 356 -11.31 -10.23 45.19
N HIS E 357 -12.10 -10.48 46.22
CA HIS E 357 -11.88 -11.65 47.07
C HIS E 357 -13.22 -12.18 47.56
N ILE E 358 -13.19 -13.43 48.05
CA ILE E 358 -14.34 -13.97 48.75
C ILE E 358 -14.50 -13.22 50.07
N ALA E 359 -15.68 -12.65 50.29
CA ALA E 359 -15.98 -11.97 51.54
C ALA E 359 -17.26 -12.50 52.17
N LYS E 360 -17.42 -12.20 53.45
CA LYS E 360 -18.57 -12.56 54.25
C LYS E 360 -19.22 -11.28 54.76
N GLN E 361 -20.53 -11.16 54.56
CA GLN E 361 -21.28 -10.01 55.05
C GLN E 361 -22.37 -10.43 56.02
N ASP E 362 -22.28 -9.91 57.25
CA ASP E 362 -23.35 -10.06 58.24
CA ASP E 362 -23.34 -10.08 58.22
C ASP E 362 -24.55 -9.25 57.79
N LEU E 363 -25.71 -9.89 57.70
CA LEU E 363 -26.87 -9.22 57.14
C LEU E 363 -27.56 -8.23 58.08
N ALA E 364 -27.32 -8.29 59.39
CA ALA E 364 -27.92 -7.32 60.30
C ALA E 364 -27.00 -6.21 60.79
N THR E 365 -25.79 -6.07 60.24
CA THR E 365 -24.87 -5.03 60.69
CA THR E 365 -24.90 -5.00 60.68
C THR E 365 -24.13 -4.31 59.56
N GLY E 366 -23.92 -4.97 58.41
CA GLY E 366 -23.08 -4.43 57.35
C GLY E 366 -21.59 -4.68 57.50
N GLY E 367 -21.14 -5.26 58.61
CA GLY E 367 -19.74 -5.61 58.76
C GLY E 367 -19.25 -6.63 57.74
N VAL E 368 -18.21 -6.29 56.99
CA VAL E 368 -17.68 -7.14 55.94
C VAL E 368 -16.32 -7.67 56.38
N GLN E 369 -16.13 -8.98 56.26
CA GLN E 369 -14.82 -9.59 56.49
C GLN E 369 -14.36 -10.33 55.24
N VAL E 370 -13.15 -10.00 54.77
CA VAL E 370 -12.56 -10.70 53.63
C VAL E 370 -12.08 -12.06 54.07
N LEU E 371 -12.47 -13.11 53.34
CA LEU E 371 -12.09 -14.48 53.69
C LEU E 371 -10.95 -15.02 52.85
N SER E 372 -10.99 -14.83 51.54
CA SER E 372 -10.00 -15.41 50.64
C SER E 372 -8.91 -14.40 50.28
N SER E 373 -7.74 -14.93 49.91
CA SER E 373 -6.62 -14.11 49.48
C SER E 373 -6.04 -14.57 48.14
N THR E 374 -6.68 -15.53 47.48
CA THR E 374 -6.24 -15.98 46.17
C THR E 374 -6.63 -14.95 45.10
N PHE E 375 -6.29 -15.26 43.85
CA PHE E 375 -6.57 -14.39 42.72
C PHE E 375 -7.75 -14.92 41.91
N LEU E 376 -8.44 -14.01 41.24
CA LEU E 376 -9.62 -14.33 40.43
C LEU E 376 -10.62 -15.19 41.20
N ASP E 377 -10.90 -14.77 42.44
CA ASP E 377 -11.84 -15.51 43.27
C ASP E 377 -13.24 -15.45 42.67
N GLU E 378 -13.85 -16.62 42.47
CA GLU E 378 -15.12 -16.70 41.77
C GLU E 378 -15.97 -17.83 42.34
N THR E 379 -17.27 -17.75 42.06
CA THR E 379 -18.24 -18.83 42.29
C THR E 379 -18.08 -19.47 43.67
N PRO E 380 -18.35 -18.74 44.74
CA PRO E 380 -18.32 -19.35 46.08
C PRO E 380 -19.55 -20.19 46.35
N SER E 381 -19.38 -21.19 47.22
CA SER E 381 -20.49 -22.01 47.68
C SER E 381 -20.24 -22.43 49.12
N LEU E 382 -21.27 -22.31 49.95
CA LEU E 382 -21.14 -22.54 51.39
C LEU E 382 -21.48 -23.99 51.74
N ALA E 383 -20.71 -24.55 52.68
CA ALA E 383 -21.08 -25.83 53.26
C ALA E 383 -22.43 -25.71 53.93
N PRO E 384 -23.16 -26.83 54.08
CA PRO E 384 -24.49 -26.75 54.67
C PRO E 384 -24.49 -26.28 56.12
N ASN E 385 -23.34 -26.32 56.80
CA ASN E 385 -23.22 -25.79 58.15
C ASN E 385 -22.55 -24.41 58.18
N GLY E 386 -22.35 -23.79 57.01
CA GLY E 386 -21.82 -22.45 56.96
C GLY E 386 -20.37 -22.30 57.37
N THR E 387 -19.64 -23.40 57.56
CA THR E 387 -18.30 -23.32 58.13
C THR E 387 -17.19 -23.29 57.10
N MET E 388 -17.45 -23.71 55.86
CA MET E 388 -16.43 -23.71 54.83
C MET E 388 -17.02 -23.22 53.51
N VAL E 389 -16.18 -22.57 52.71
CA VAL E 389 -16.53 -22.07 51.39
C VAL E 389 -15.62 -22.74 50.38
N ILE E 390 -16.20 -23.28 49.31
CA ILE E 390 -15.45 -23.77 48.16
C ILE E 390 -15.61 -22.78 47.03
N TYR E 391 -14.51 -22.52 46.30
CA TYR E 391 -14.53 -21.51 45.25
C TYR E 391 -13.45 -21.83 44.23
N SER E 392 -13.51 -21.11 43.11
CA SER E 392 -12.56 -21.21 42.02
C SER E 392 -11.62 -20.01 42.04
N SER E 393 -10.38 -20.24 41.59
CA SER E 393 -9.37 -19.19 41.62
C SER E 393 -8.41 -19.39 40.44
N SER E 394 -7.38 -18.54 40.39
CA SER E 394 -6.27 -18.71 39.46
C SER E 394 -5.38 -19.89 39.80
N GLN E 395 -5.51 -20.46 41.01
CA GLN E 395 -4.76 -21.66 41.36
C GLN E 395 -4.81 -22.68 40.23
N GLY E 396 -3.65 -23.23 39.90
CA GLY E 396 -3.59 -24.25 38.87
C GLY E 396 -4.02 -23.72 37.53
N MET E 397 -3.98 -22.40 37.35
CA MET E 397 -4.42 -21.78 36.10
CA MET E 397 -4.44 -21.76 36.12
C MET E 397 -5.85 -22.22 35.78
N GLY E 398 -6.68 -22.32 36.82
CA GLY E 398 -8.08 -22.69 36.67
C GLY E 398 -8.39 -24.13 37.02
N SER E 399 -7.36 -24.98 37.13
CA SER E 399 -7.56 -26.42 37.23
C SER E 399 -7.75 -26.89 38.67
N VAL E 400 -7.77 -25.98 39.64
CA VAL E 400 -7.84 -26.32 41.04
C VAL E 400 -8.95 -25.51 41.69
N LEU E 401 -9.74 -26.17 42.54
CA LEU E 401 -10.65 -25.47 43.44
C LEU E 401 -9.95 -25.25 44.79
N ASN E 402 -10.45 -24.28 45.54
CA ASN E 402 -9.90 -23.99 46.86
C ASN E 402 -11.01 -23.98 47.92
N LEU E 403 -10.61 -24.37 49.12
CA LEU E 403 -11.42 -24.26 50.32
C LEU E 403 -10.88 -23.14 51.19
N VAL E 404 -11.78 -22.38 51.80
CA VAL E 404 -11.43 -21.44 52.86
C VAL E 404 -12.46 -21.54 53.96
N SER E 405 -12.00 -21.61 55.20
CA SER E 405 -12.91 -21.64 56.33
C SER E 405 -13.52 -20.26 56.52
N THR E 406 -14.77 -20.25 56.99
CA THR E 406 -15.50 -18.98 57.09
C THR E 406 -15.05 -18.16 58.27
N ASP E 407 -14.27 -18.74 59.19
CA ASP E 407 -13.55 -17.94 60.16
C ASP E 407 -12.27 -17.32 59.60
N GLY E 408 -11.90 -17.64 58.36
CA GLY E 408 -10.70 -17.09 57.76
C GLY E 408 -9.42 -17.80 58.15
N ARG E 409 -9.48 -18.81 59.02
CA ARG E 409 -8.26 -19.36 59.61
C ARG E 409 -7.58 -20.40 58.72
N PHE E 410 -8.31 -21.08 57.83
CA PHE E 410 -7.72 -22.13 57.02
C PHE E 410 -8.05 -21.96 55.54
N LYS E 411 -7.04 -22.20 54.71
CA LYS E 411 -7.13 -22.11 53.26
C LYS E 411 -6.39 -23.32 52.69
N ALA E 412 -6.93 -23.93 51.65
CA ALA E 412 -6.17 -24.99 50.99
C ALA E 412 -6.62 -25.17 49.54
N ARG E 413 -5.72 -25.73 48.74
CA ARG E 413 -6.04 -26.24 47.41
C ARG E 413 -6.63 -27.64 47.51
N LEU E 414 -7.64 -27.90 46.70
CA LEU E 414 -8.07 -29.28 46.48
C LEU E 414 -7.12 -30.02 45.56
N PRO E 415 -7.15 -31.35 45.58
CA PRO E 415 -6.38 -32.13 44.60
C PRO E 415 -6.64 -31.67 43.18
N ALA E 416 -5.56 -31.55 42.40
CA ALA E 416 -5.68 -31.06 41.04
C ALA E 416 -6.49 -32.04 40.20
N THR E 417 -7.34 -31.50 39.32
CA THR E 417 -8.04 -32.30 38.33
C THR E 417 -7.29 -32.29 37.00
N ASP E 418 -7.78 -33.11 36.08
CA ASP E 418 -7.20 -33.22 34.74
C ASP E 418 -7.81 -32.22 33.76
N GLY E 419 -8.27 -31.07 34.24
CA GLY E 419 -8.90 -30.12 33.36
C GLY E 419 -9.13 -28.79 34.05
N GLN E 420 -9.91 -27.94 33.40
CA GLN E 420 -10.35 -26.68 33.99
C GLN E 420 -11.63 -26.88 34.78
N VAL E 421 -11.65 -26.42 36.03
CA VAL E 421 -12.76 -26.65 36.95
CA VAL E 421 -12.75 -26.64 36.96
C VAL E 421 -13.43 -25.31 37.25
N LYS E 422 -14.75 -25.28 37.11
CA LYS E 422 -15.52 -24.07 37.39
C LYS E 422 -16.83 -24.42 38.07
N PHE E 423 -17.50 -23.37 38.57
CA PHE E 423 -18.85 -23.43 39.08
C PHE E 423 -19.05 -24.45 40.19
N PRO E 424 -18.22 -24.44 41.24
CA PRO E 424 -18.44 -25.39 42.33
C PRO E 424 -19.70 -25.05 43.12
N ALA E 425 -20.31 -26.08 43.69
CA ALA E 425 -21.54 -25.91 44.45
C ALA E 425 -21.55 -26.92 45.58
N TRP E 426 -21.60 -26.45 46.82
CA TRP E 426 -21.48 -27.35 47.97
C TRP E 426 -22.85 -27.95 48.28
N SER E 427 -22.89 -29.28 48.36
CA SER E 427 -24.13 -29.99 48.57
C SER E 427 -24.78 -29.62 49.90
N PRO E 428 -26.08 -29.90 50.06
CA PRO E 428 -26.68 -29.94 51.40
C PRO E 428 -26.11 -31.07 52.25
N TYR E 429 -26.52 -31.14 53.51
CA TYR E 429 -26.28 -32.32 54.31
C TYR E 429 -26.69 -33.58 53.55
N LEU E 430 -25.90 -34.63 53.67
CA LEU E 430 -26.16 -35.89 52.98
C LEU E 430 -26.22 -37.04 53.99
N SER F 4 -25.28 42.76 16.71
CA SER F 4 -23.85 42.49 16.66
C SER F 4 -23.00 43.31 17.63
N PRO F 5 -23.38 44.57 17.92
CA PRO F 5 -22.57 45.38 18.84
C PRO F 5 -21.91 44.60 19.97
N ASP F 6 -20.64 44.93 20.24
CA ASP F 6 -19.88 44.33 21.34
C ASP F 6 -19.61 42.84 21.11
N THR F 7 -19.23 42.48 19.89
CA THR F 7 -18.74 41.14 19.57
C THR F 7 -17.36 41.24 18.92
N LEU F 8 -16.74 40.10 18.71
CA LEU F 8 -15.33 40.04 18.34
C LEU F 8 -15.18 40.15 16.83
N VAL F 9 -14.15 40.89 16.40
CA VAL F 9 -13.75 40.94 15.00
C VAL F 9 -12.25 40.74 14.88
N VAL F 10 -11.83 40.38 13.68
CA VAL F 10 -10.42 40.18 13.37
C VAL F 10 -9.89 41.17 12.34
N THR F 11 -10.76 41.80 11.54
CA THR F 11 -10.32 42.58 10.38
C THR F 11 -9.50 43.80 10.79
N ALA F 12 -9.76 44.36 11.98
CA ALA F 12 -9.10 45.61 12.36
C ALA F 12 -7.57 45.48 12.33
N ASN F 13 -7.01 44.46 12.97
CA ASN F 13 -5.58 44.25 12.93
C ASN F 13 -5.26 42.76 12.79
N ARG F 14 -6.08 42.03 12.05
CA ARG F 14 -5.85 40.61 11.77
C ARG F 14 -6.04 39.70 12.97
N PHE F 15 -6.23 40.24 14.16
CA PHE F 15 -6.42 39.43 15.34
C PHE F 15 -7.74 39.76 16.00
N GLU F 16 -8.23 38.82 16.81
CA GLU F 16 -9.53 38.96 17.44
C GLU F 16 -9.54 40.17 18.38
N GLN F 17 -10.64 40.92 18.35
CA GLN F 17 -10.86 42.01 19.29
C GLN F 17 -12.32 42.40 19.27
N PRO F 18 -12.90 42.77 20.41
CA PRO F 18 -14.29 43.25 20.41
C PRO F 18 -14.48 44.39 19.42
N ARG F 19 -15.53 44.29 18.62
CA ARG F 19 -15.74 45.24 17.54
C ARG F 19 -16.02 46.64 18.07
N SER F 20 -16.49 46.75 19.31
CA SER F 20 -16.60 48.06 19.95
C SER F 20 -15.25 48.73 20.02
N THR F 21 -14.19 47.96 20.20
CA THR F 21 -12.85 48.50 20.38
C THR F 21 -12.21 48.92 19.06
N VAL F 22 -12.81 48.59 17.93
CA VAL F 22 -12.36 49.11 16.64
C VAL F 22 -12.95 50.50 16.45
N LEU F 23 -12.08 51.52 16.40
CA LEU F 23 -12.56 52.89 16.40
C LEU F 23 -13.32 53.23 15.12
N ALA F 24 -12.87 52.71 13.98
CA ALA F 24 -13.55 52.99 12.73
C ALA F 24 -14.92 52.31 12.70
N PRO F 25 -15.90 52.91 12.02
CA PRO F 25 -17.24 52.32 12.01
C PRO F 25 -17.24 50.96 11.34
N THR F 26 -17.94 50.02 11.95
CA THR F 26 -17.83 48.62 11.56
C THR F 26 -19.21 47.99 11.52
N THR F 27 -19.36 46.95 10.71
CA THR F 27 -20.55 46.13 10.70
C THR F 27 -20.14 44.68 10.49
N VAL F 28 -20.89 43.77 11.08
CA VAL F 28 -20.66 42.35 10.92
C VAL F 28 -21.97 41.66 10.58
N VAL F 29 -21.94 40.81 9.56
CA VAL F 29 -23.08 39.98 9.20
C VAL F 29 -22.72 38.53 9.49
N THR F 30 -23.67 37.81 10.06
CA THR F 30 -23.50 36.43 10.49
C THR F 30 -24.23 35.51 9.52
N ARG F 31 -23.84 34.23 9.54
CA ARG F 31 -24.61 33.23 8.81
C ARG F 31 -26.08 33.31 9.16
N GLN F 32 -26.40 33.36 10.45
CA GLN F 32 -27.78 33.62 10.87
C GLN F 32 -28.37 34.81 10.11
N ASP F 33 -27.71 35.97 10.18
CA ASP F 33 -28.19 37.17 9.50
C ASP F 33 -28.44 36.93 8.01
N ILE F 34 -27.56 36.20 7.34
CA ILE F 34 -27.72 35.98 5.90
C ILE F 34 -28.88 35.03 5.65
N ASP F 35 -28.95 33.94 6.42
CA ASP F 35 -30.01 32.96 6.25
C ASP F 35 -31.36 33.64 6.41
N ARG F 36 -31.45 34.61 7.34
CA ARG F 36 -32.72 35.28 7.56
C ARG F 36 -33.11 36.15 6.37
N TRP F 37 -32.12 36.68 5.67
CA TRP F 37 -32.38 37.48 4.47
C TRP F 37 -32.65 36.61 3.25
N GLN F 38 -32.52 35.29 3.38
CA GLN F 38 -32.59 34.37 2.26
C GLN F 38 -31.85 34.93 1.05
N SER F 39 -30.64 35.43 1.31
CA SER F 39 -29.81 36.00 0.26
C SER F 39 -29.22 34.90 -0.60
N THR F 40 -29.21 35.13 -1.92
CA THR F 40 -28.69 34.16 -2.87
C THR F 40 -27.44 34.65 -3.58
N SER F 41 -26.92 35.81 -3.22
CA SER F 41 -25.70 36.33 -3.82
C SER F 41 -25.01 37.25 -2.84
N VAL F 42 -23.68 37.34 -2.95
CA VAL F 42 -22.95 38.26 -2.10
C VAL F 42 -23.30 39.70 -2.45
N ASN F 43 -23.49 39.99 -3.74
CA ASN F 43 -23.90 41.34 -4.14
C ASN F 43 -25.19 41.76 -3.47
N ASP F 44 -26.08 40.81 -3.16
CA ASP F 44 -27.31 41.20 -2.48
C ASP F 44 -27.07 41.46 -1.01
N VAL F 45 -26.10 40.77 -0.40
CA VAL F 45 -25.75 41.04 0.99
C VAL F 45 -25.12 42.43 1.11
N LEU F 46 -24.19 42.75 0.21
CA LEU F 46 -23.51 44.04 0.28
C LEU F 46 -24.43 45.19 -0.15
N ARG F 47 -25.29 44.97 -1.14
CA ARG F 47 -26.12 46.05 -1.66
C ARG F 47 -26.85 46.80 -0.56
N ARG F 48 -27.00 46.18 0.62
CA ARG F 48 -27.79 46.73 1.70
C ARG F 48 -26.95 47.23 2.87
N LEU F 49 -25.66 47.15 2.79
CA LEU F 49 -24.87 47.73 3.85
C LEU F 49 -24.67 49.23 3.59
N PRO F 50 -24.58 50.05 4.64
CA PRO F 50 -24.48 51.49 4.42
C PRO F 50 -23.23 51.81 3.61
N GLY F 51 -23.33 52.86 2.81
CA GLY F 51 -22.24 53.30 1.98
C GLY F 51 -21.96 52.39 0.80
N VAL F 52 -22.56 51.21 0.77
CA VAL F 52 -22.43 50.26 -0.34
C VAL F 52 -23.52 50.57 -1.36
N ASP F 53 -23.12 50.81 -2.60
CA ASP F 53 -23.99 51.14 -3.71
C ASP F 53 -23.59 50.23 -4.86
N ILE F 54 -24.40 49.22 -5.15
CA ILE F 54 -24.02 48.18 -6.10
C ILE F 54 -24.81 48.33 -7.39
N THR F 55 -24.14 48.08 -8.51
CA THR F 55 -24.79 48.02 -9.81
C THR F 55 -24.54 46.65 -10.43
N GLN F 56 -25.54 46.15 -11.16
CA GLN F 56 -25.45 44.85 -11.81
C GLN F 56 -26.21 44.89 -13.12
N ASN F 57 -25.65 44.23 -14.13
CA ASN F 57 -26.31 44.09 -15.43
C ASN F 57 -27.38 43.01 -15.41
N GLY F 58 -28.27 43.05 -14.43
CA GLY F 58 -29.38 42.12 -14.37
C GLY F 58 -29.35 41.13 -13.22
N GLY F 59 -29.65 39.87 -13.52
CA GLY F 59 -29.78 38.85 -12.50
C GLY F 59 -28.47 38.42 -11.84
N SER F 60 -28.47 37.21 -11.30
CA SER F 60 -27.29 36.68 -10.62
C SER F 60 -26.16 36.44 -11.60
N GLY F 61 -24.93 36.62 -11.11
CA GLY F 61 -23.75 36.39 -11.92
C GLY F 61 -23.42 37.51 -12.88
N GLN F 62 -24.34 38.43 -13.11
CA GLN F 62 -24.14 39.47 -14.10
C GLN F 62 -23.09 40.47 -13.62
N LEU F 63 -22.31 40.98 -14.56
CA LEU F 63 -21.24 41.92 -14.26
C LEU F 63 -21.75 43.01 -13.33
N SER F 64 -21.08 43.14 -12.18
CA SER F 64 -21.53 44.04 -11.14
C SER F 64 -20.35 44.77 -10.52
N SER F 65 -20.60 45.97 -10.02
CA SER F 65 -19.56 46.80 -9.42
C SER F 65 -20.11 47.48 -8.18
N ILE F 66 -19.30 47.43 -7.11
CA ILE F 66 -19.66 47.92 -5.79
C ILE F 66 -18.98 49.27 -5.59
N PHE F 67 -19.70 50.24 -5.06
CA PHE F 67 -19.15 51.54 -4.72
C PHE F 67 -19.40 51.75 -3.23
N ILE F 68 -18.36 51.62 -2.39
CA ILE F 68 -18.50 51.93 -0.98
C ILE F 68 -18.26 53.43 -0.81
N ARG F 69 -19.17 54.09 -0.08
CA ARG F 69 -19.04 55.51 0.20
C ARG F 69 -18.71 56.29 -1.07
N GLY F 70 -19.24 55.83 -2.19
CA GLY F 70 -19.14 56.51 -3.46
C GLY F 70 -17.86 56.26 -4.23
N THR F 71 -16.93 55.47 -3.70
CA THR F 71 -15.67 55.23 -4.39
C THR F 71 -15.87 54.28 -5.56
N ASN F 72 -14.85 54.20 -6.41
CA ASN F 72 -14.87 53.27 -7.52
C ASN F 72 -14.86 51.82 -7.03
N ALA F 73 -15.28 50.92 -7.92
CA ALA F 73 -15.22 49.50 -7.62
C ALA F 73 -13.82 49.07 -7.25
N SER F 74 -12.81 49.68 -7.85
CA SER F 74 -11.43 49.28 -7.61
C SER F 74 -10.85 49.98 -6.39
N HIS F 75 -11.70 50.50 -5.51
CA HIS F 75 -11.26 51.21 -4.32
C HIS F 75 -11.77 50.52 -3.06
N VAL F 76 -12.38 49.34 -3.18
CA VAL F 76 -12.73 48.52 -2.05
C VAL F 76 -11.86 47.26 -2.10
N LEU F 77 -11.16 47.00 -1.00
CA LEU F 77 -10.41 45.75 -0.86
C LEU F 77 -11.37 44.66 -0.39
N VAL F 78 -11.50 43.60 -1.20
CA VAL F 78 -12.28 42.43 -0.83
C VAL F 78 -11.33 41.32 -0.44
N LEU F 79 -11.53 40.76 0.75
CA LEU F 79 -10.69 39.70 1.28
C LEU F 79 -11.47 38.40 1.34
N ILE F 80 -10.83 37.30 0.96
CA ILE F 80 -11.37 35.98 1.20
C ILE F 80 -10.58 35.41 2.37
N ASP F 81 -11.24 35.26 3.51
CA ASP F 81 -10.61 34.86 4.77
C ASP F 81 -9.47 35.78 5.16
N GLY F 82 -9.31 36.91 4.47
CA GLY F 82 -8.31 37.90 4.82
C GLY F 82 -7.30 38.16 3.72
N VAL F 83 -7.37 37.45 2.60
CA VAL F 83 -6.45 37.61 1.48
C VAL F 83 -7.22 38.13 0.28
N ARG F 84 -6.67 39.16 -0.36
CA ARG F 84 -7.25 39.82 -1.52
C ARG F 84 -8.01 38.85 -2.41
N LEU F 85 -9.26 39.17 -2.75
CA LEU F 85 -10.08 38.29 -3.57
C LEU F 85 -9.43 38.07 -4.93
N ASN F 86 -9.16 36.81 -5.26
CA ASN F 86 -8.39 36.47 -6.45
C ASN F 86 -9.12 36.81 -7.75
N LEU F 87 -10.45 36.91 -7.74
CA LEU F 87 -11.16 37.18 -8.98
C LEU F 87 -10.96 38.61 -9.48
N ALA F 88 -10.59 39.52 -8.59
CA ALA F 88 -10.26 40.86 -9.02
C ALA F 88 -8.87 40.91 -9.65
N GLY F 89 -8.05 39.90 -9.40
CA GLY F 89 -6.65 39.92 -9.78
C GLY F 89 -6.46 40.46 -11.18
N VAL F 90 -7.08 39.80 -12.16
CA VAL F 90 -6.86 40.20 -13.54
C VAL F 90 -7.46 41.57 -13.77
N SER F 91 -8.73 41.74 -13.38
CA SER F 91 -9.39 43.04 -13.53
C SER F 91 -8.71 44.10 -12.67
N GLY F 92 -8.28 43.74 -11.48
CA GLY F 92 -7.84 44.72 -10.50
C GLY F 92 -9.03 45.45 -9.92
N SER F 93 -10.13 44.73 -9.69
CA SER F 93 -11.39 45.31 -9.27
C SER F 93 -12.31 44.21 -8.78
N ALA F 94 -12.83 44.35 -7.57
CA ALA F 94 -13.71 43.33 -7.01
C ALA F 94 -15.04 43.26 -7.76
N ASP F 95 -15.51 42.03 -7.97
CA ASP F 95 -16.79 41.77 -8.61
C ASP F 95 -17.33 40.48 -8.01
N LEU F 96 -18.36 40.60 -7.16
CA LEU F 96 -18.85 39.48 -6.37
C LEU F 96 -20.08 38.79 -6.95
N SER F 97 -20.55 39.22 -8.13
CA SER F 97 -21.69 38.53 -8.73
C SER F 97 -21.38 37.07 -8.99
N GLN F 98 -20.10 36.71 -9.11
CA GLN F 98 -19.68 35.37 -9.48
C GLN F 98 -19.15 34.56 -8.31
N PHE F 99 -18.90 35.17 -7.16
CA PHE F 99 -18.37 34.43 -6.03
C PHE F 99 -19.51 33.75 -5.27
N PRO F 100 -19.53 32.42 -5.20
CA PRO F 100 -20.68 31.75 -4.57
C PRO F 100 -20.93 32.22 -3.15
N ILE F 101 -22.20 32.50 -2.86
CA ILE F 101 -22.61 32.96 -1.53
C ILE F 101 -22.47 31.86 -0.47
N ALA F 102 -22.50 30.58 -0.87
CA ALA F 102 -22.51 29.50 0.10
C ALA F 102 -21.26 29.42 0.96
N LEU F 103 -20.13 29.98 0.51
CA LEU F 103 -18.93 29.94 1.33
C LEU F 103 -18.93 31.01 2.41
N VAL F 104 -19.78 32.02 2.29
CA VAL F 104 -19.80 33.12 3.23
C VAL F 104 -20.37 32.64 4.56
N GLN F 105 -19.65 32.93 5.65
CA GLN F 105 -20.08 32.50 6.97
C GLN F 105 -20.10 33.69 7.92
N ARG F 106 -19.16 34.62 7.72
CA ARG F 106 -19.10 35.84 8.51
C ARG F 106 -18.61 36.93 7.56
N VAL F 107 -19.18 38.11 7.68
CA VAL F 107 -18.71 39.28 6.96
C VAL F 107 -18.32 40.34 7.97
N GLU F 108 -17.03 40.67 8.05
CA GLU F 108 -16.59 41.83 8.82
C GLU F 108 -16.31 42.94 7.82
N TYR F 109 -16.89 44.12 8.04
CA TYR F 109 -16.88 45.16 7.00
C TYR F 109 -16.66 46.50 7.69
N ILE F 110 -15.42 46.98 7.59
CA ILE F 110 -14.99 48.22 8.22
C ILE F 110 -14.76 49.25 7.13
N ARG F 111 -15.59 50.29 7.10
CA ARG F 111 -15.48 51.35 6.11
C ARG F 111 -14.42 52.36 6.54
N GLY F 112 -13.51 52.70 5.63
CA GLY F 112 -12.45 53.63 5.94
C GLY F 112 -11.10 53.18 5.44
N PRO F 113 -10.13 54.11 5.37
CA PRO F 113 -8.80 53.76 4.85
C PRO F 113 -8.22 52.59 5.62
N ARG F 114 -7.63 51.64 4.87
CA ARG F 114 -7.03 50.48 5.52
C ARG F 114 -5.75 50.02 4.80
N SER F 115 -5.09 50.90 4.04
CA SER F 115 -3.84 50.52 3.41
C SER F 115 -2.76 50.24 4.45
N ALA F 116 -2.84 50.90 5.61
CA ALA F 116 -1.85 50.72 6.66
C ALA F 116 -1.91 49.33 7.28
N VAL F 117 -2.93 48.54 6.98
CA VAL F 117 -3.06 47.18 7.48
C VAL F 117 -3.03 46.15 6.35
N TYR F 118 -3.67 46.46 5.22
CA TYR F 118 -3.87 45.50 4.15
C TYR F 118 -3.17 45.86 2.85
N GLY F 119 -2.49 46.99 2.78
CA GLY F 119 -1.82 47.39 1.57
C GLY F 119 -2.69 47.92 0.45
N SER F 120 -2.35 47.52 -0.78
CA SER F 120 -2.91 48.11 -1.99
C SER F 120 -4.43 48.00 -2.04
N ASP F 121 -5.01 48.90 -2.84
CA ASP F 121 -6.43 48.84 -3.23
C ASP F 121 -7.35 48.60 -2.03
N ALA F 122 -7.00 49.17 -0.88
CA ALA F 122 -7.88 49.23 0.27
C ALA F 122 -8.22 50.69 0.59
N ILE F 123 -9.09 51.28 -0.23
CA ILE F 123 -9.45 52.69 -0.06
C ILE F 123 -10.82 52.83 0.60
N GLY F 124 -11.85 52.27 -0.03
CA GLY F 124 -13.19 52.36 0.52
C GLY F 124 -13.31 51.68 1.87
N GLY F 125 -12.85 50.46 1.98
CA GLY F 125 -12.91 49.77 3.27
C GLY F 125 -12.34 48.38 3.14
N VAL F 126 -12.58 47.58 4.18
CA VAL F 126 -12.15 46.18 4.20
C VAL F 126 -13.38 45.31 4.43
N VAL F 127 -13.54 44.31 3.56
CA VAL F 127 -14.57 43.29 3.70
C VAL F 127 -13.83 41.97 3.90
N ASN F 128 -13.66 41.55 5.15
CA ASN F 128 -13.06 40.26 5.44
C ASN F 128 -14.20 39.25 5.53
N ILE F 129 -14.37 38.49 4.44
CA ILE F 129 -15.37 37.44 4.36
C ILE F 129 -14.76 36.15 4.89
N ILE F 130 -15.09 35.81 6.13
CA ILE F 130 -14.57 34.62 6.78
C ILE F 130 -15.48 33.46 6.42
N THR F 131 -14.90 32.38 5.88
CA THR F 131 -15.65 31.24 5.40
C THR F 131 -15.73 30.09 6.39
N THR F 132 -15.14 30.23 7.58
CA THR F 132 -14.99 29.14 8.53
C THR F 132 -15.62 29.55 9.85
N ARG F 133 -16.60 28.78 10.31
CA ARG F 133 -17.34 29.06 11.53
C ARG F 133 -17.43 27.81 12.38
N ASP F 134 -17.68 28.02 13.67
CA ASP F 134 -17.57 26.99 14.70
C ASP F 134 -18.93 26.42 15.10
N GLU F 135 -19.81 26.15 14.14
CA GLU F 135 -21.09 25.50 14.42
C GLU F 135 -21.02 24.04 13.97
N PRO F 136 -20.90 23.09 14.89
CA PRO F 136 -20.86 21.67 14.49
C PRO F 136 -22.24 21.12 14.12
N GLY F 137 -22.22 20.00 13.39
CA GLY F 137 -23.42 19.37 12.90
C GLY F 137 -23.42 19.23 11.39
N THR F 138 -24.60 18.88 10.86
CA THR F 138 -24.76 18.60 9.43
C THR F 138 -26.11 19.10 8.95
N GLU F 139 -26.12 19.67 7.75
CA GLU F 139 -27.29 20.37 7.22
C GLU F 139 -27.47 19.99 5.75
N ILE F 140 -28.56 19.28 5.45
CA ILE F 140 -29.00 19.06 4.07
C ILE F 140 -30.06 20.10 3.73
N SER F 141 -29.87 20.84 2.63
CA SER F 141 -30.77 21.94 2.33
C SER F 141 -31.01 22.07 0.84
N ALA F 142 -32.18 22.63 0.49
CA ALA F 142 -32.61 22.76 -0.89
C ALA F 142 -33.43 24.03 -1.04
N GLY F 143 -33.44 24.57 -2.25
CA GLY F 143 -34.18 25.79 -2.55
C GLY F 143 -34.62 25.90 -3.99
N TRP F 144 -35.91 26.18 -4.22
CA TRP F 144 -36.43 26.48 -5.55
C TRP F 144 -36.90 27.93 -5.58
N GLY F 145 -36.57 28.61 -6.67
CA GLY F 145 -36.92 30.01 -6.84
C GLY F 145 -37.21 30.32 -8.30
N SER F 146 -37.62 31.56 -8.53
CA SER F 146 -37.91 32.04 -9.86
C SER F 146 -36.62 32.32 -10.62
N ASN F 147 -36.76 32.54 -11.93
CA ASN F 147 -35.64 32.48 -12.86
C ASN F 147 -35.04 31.08 -12.86
N SER F 148 -35.91 30.07 -12.78
CA SER F 148 -35.50 28.66 -12.72
C SER F 148 -34.40 28.47 -11.69
N TYR F 149 -34.48 29.21 -10.58
CA TYR F 149 -33.46 29.08 -9.55
C TYR F 149 -33.61 27.74 -8.84
N GLN F 150 -32.50 27.03 -8.73
CA GLN F 150 -32.43 25.79 -7.98
C GLN F 150 -31.13 25.79 -7.19
N ASN F 151 -31.18 25.18 -6.01
CA ASN F 151 -30.02 25.12 -5.14
C ASN F 151 -30.12 23.89 -4.26
N TYR F 152 -29.05 23.10 -4.22
CA TYR F 152 -29.00 21.90 -3.41
C TYR F 152 -27.65 21.86 -2.72
N ASP F 153 -27.64 21.63 -1.42
CA ASP F 153 -26.44 21.92 -0.64
C ASP F 153 -26.37 20.98 0.55
N VAL F 154 -25.31 20.18 0.60
CA VAL F 154 -25.08 19.27 1.70
C VAL F 154 -23.82 19.74 2.41
N SER F 155 -23.86 19.77 3.73
CA SER F 155 -22.73 20.31 4.49
C SER F 155 -22.63 19.63 5.84
N THR F 156 -21.41 19.39 6.30
CA THR F 156 -21.25 18.85 7.64
C THR F 156 -19.87 19.24 8.14
N GLN F 157 -19.82 19.63 9.42
CA GLN F 157 -18.58 19.85 10.13
C GLN F 157 -18.66 19.10 11.45
N GLN F 158 -17.60 18.39 11.79
CA GLN F 158 -17.66 17.47 12.91
C GLN F 158 -16.29 17.41 13.57
N GLN F 159 -16.30 17.06 14.85
CA GLN F 159 -15.05 16.93 15.58
C GLN F 159 -14.44 15.56 15.33
N LEU F 160 -13.13 15.53 15.12
CA LEU F 160 -12.43 14.26 15.06
C LEU F 160 -11.92 13.84 16.43
N GLY F 161 -11.39 14.77 17.20
CA GLY F 161 -10.96 14.51 18.56
C GLY F 161 -11.58 15.53 19.48
N ASP F 162 -10.70 16.33 20.04
CA ASP F 162 -11.04 17.54 20.76
C ASP F 162 -10.31 18.71 20.14
N LYS F 163 -9.34 18.43 19.28
CA LYS F 163 -8.43 19.41 18.72
C LYS F 163 -8.54 19.46 17.21
N THR F 164 -9.19 18.48 16.58
CA THR F 164 -9.27 18.37 15.13
C THR F 164 -10.73 18.37 14.68
N ARG F 165 -11.11 19.40 13.92
CA ARG F 165 -12.42 19.55 13.33
C ARG F 165 -12.30 19.45 11.81
N VAL F 166 -13.12 18.61 11.19
CA VAL F 166 -13.16 18.44 9.74
C VAL F 166 -14.49 18.99 9.24
N THR F 167 -14.41 19.88 8.24
CA THR F 167 -15.58 20.52 7.63
C THR F 167 -15.60 20.25 6.14
N LEU F 168 -16.77 19.88 5.61
CA LEU F 168 -16.95 19.53 4.22
C LEU F 168 -18.28 20.11 3.76
N LEU F 169 -18.35 20.57 2.51
CA LEU F 169 -19.63 20.88 1.90
C LEU F 169 -19.59 20.79 0.37
N GLY F 170 -20.70 20.33 -0.19
CA GLY F 170 -20.92 20.38 -1.64
C GLY F 170 -22.19 21.13 -1.95
N ASP F 171 -22.17 21.87 -3.07
CA ASP F 171 -23.32 22.68 -3.43
C ASP F 171 -23.47 22.83 -4.94
N TYR F 172 -24.70 22.63 -5.43
CA TYR F 172 -25.08 22.84 -6.83
C TYR F 172 -26.13 23.95 -6.88
N ALA F 173 -25.97 24.89 -7.82
CA ALA F 173 -26.90 26.01 -7.92
C ALA F 173 -27.01 26.47 -9.37
N HIS F 174 -28.23 26.70 -9.83
CA HIS F 174 -28.46 27.17 -11.20
C HIS F 174 -29.56 28.21 -11.24
N THR F 175 -29.36 29.26 -12.04
CA THR F 175 -30.36 30.33 -12.14
C THR F 175 -30.35 30.90 -13.55
N HIS F 176 -31.53 31.33 -14.01
CA HIS F 176 -31.66 32.00 -15.30
C HIS F 176 -31.61 33.51 -15.06
N GLY F 177 -32.57 34.26 -15.58
CA GLY F 177 -32.59 35.71 -15.39
C GLY F 177 -31.94 36.51 -16.49
N ASP F 193 -29.59 38.02 -21.58
CA ASP F 193 -29.35 36.71 -20.97
C ASP F 193 -30.45 35.74 -21.40
N ASN F 194 -30.10 34.47 -21.42
CA ASN F 194 -31.05 33.41 -21.71
C ASN F 194 -30.86 32.18 -20.84
N ASP F 195 -29.65 31.93 -20.32
CA ASP F 195 -29.37 30.78 -19.48
C ASP F 195 -28.98 31.17 -18.07
N GLY F 196 -28.20 32.22 -17.89
CA GLY F 196 -27.80 32.67 -16.57
C GLY F 196 -26.57 32.01 -15.99
N PHE F 197 -26.61 31.73 -14.69
CA PHE F 197 -25.45 31.48 -13.86
C PHE F 197 -25.58 30.10 -13.22
N LEU F 198 -24.59 29.23 -13.46
CA LEU F 198 -24.55 27.89 -12.92
C LEU F 198 -23.26 27.73 -12.13
N SER F 199 -23.38 27.35 -10.86
CA SER F 199 -22.28 27.37 -9.90
C SER F 199 -22.25 26.05 -9.15
N LYS F 200 -21.08 25.40 -9.16
CA LYS F 200 -20.87 24.14 -8.45
C LYS F 200 -19.65 24.29 -7.57
N THR F 201 -19.80 24.02 -6.28
CA THR F 201 -18.74 24.29 -5.31
C THR F 201 -18.50 23.07 -4.42
N LEU F 202 -17.22 22.82 -4.13
CA LEU F 202 -16.79 21.79 -3.20
C LEU F 202 -15.76 22.39 -2.25
N TYR F 203 -15.88 22.07 -0.96
CA TYR F 203 -15.07 22.71 0.07
C TYR F 203 -14.69 21.73 1.16
N GLY F 204 -13.40 21.63 1.44
CA GLY F 204 -12.90 20.78 2.52
C GLY F 204 -11.88 21.54 3.33
N ALA F 205 -11.93 21.34 4.65
CA ALA F 205 -11.04 22.05 5.56
C ALA F 205 -10.85 21.23 6.83
N LEU F 206 -9.60 21.08 7.27
CA LEU F 206 -9.34 20.44 8.56
C LEU F 206 -8.47 21.32 9.43
N GLU F 207 -8.91 21.49 10.68
CA GLU F 207 -8.28 22.37 11.66
C GLU F 207 -7.90 21.57 12.89
N HIS F 208 -6.63 21.60 13.26
CA HIS F 208 -6.09 20.87 14.40
C HIS F 208 -5.68 21.86 15.48
N ASN F 209 -5.66 21.37 16.71
CA ASN F 209 -5.17 22.12 17.87
C ASN F 209 -4.01 21.31 18.46
N PHE F 210 -2.80 21.65 18.03
CA PHE F 210 -1.60 20.97 18.52
C PHE F 210 -1.49 21.06 20.03
N THR F 211 -1.65 22.26 20.59
CA THR F 211 -1.74 22.44 22.03
C THR F 211 -2.82 23.47 22.31
N ASP F 212 -2.91 23.91 23.57
CA ASP F 212 -3.89 24.92 23.95
C ASP F 212 -3.76 26.15 23.07
N ALA F 213 -2.54 26.44 22.59
CA ALA F 213 -2.27 27.62 21.81
C ALA F 213 -1.81 27.32 20.39
N TRP F 214 -1.12 26.20 20.16
CA TRP F 214 -0.70 25.86 18.81
C TRP F 214 -1.84 25.18 18.05
N SER F 215 -2.02 25.59 16.81
CA SER F 215 -3.13 25.13 15.99
C SER F 215 -2.72 25.29 14.53
N GLY F 216 -3.31 24.49 13.67
CA GLY F 216 -2.95 24.53 12.26
C GLY F 216 -4.11 24.08 11.41
N PHE F 217 -4.07 24.43 10.13
CA PHE F 217 -5.24 24.09 9.31
C PHE F 217 -4.89 24.04 7.84
N VAL F 218 -5.35 22.98 7.18
CA VAL F 218 -5.32 22.90 5.72
C VAL F 218 -6.74 23.10 5.20
N ARG F 219 -6.84 23.53 3.95
CA ARG F 219 -8.13 23.93 3.41
C ARG F 219 -8.10 24.03 1.89
N GLY F 220 -8.85 23.19 1.21
CA GLY F 220 -8.93 23.25 -0.24
C GLY F 220 -10.36 23.35 -0.69
N TYR F 221 -10.60 24.21 -1.67
CA TYR F 221 -11.96 24.35 -2.20
C TYR F 221 -11.92 24.83 -3.64
N GLY F 222 -12.81 24.27 -4.47
CA GLY F 222 -12.92 24.69 -5.85
C GLY F 222 -14.37 24.93 -6.25
N TYR F 223 -14.52 25.67 -7.35
CA TYR F 223 -15.83 25.87 -7.94
C TYR F 223 -15.72 26.06 -9.45
N ASP F 224 -16.79 25.61 -10.12
CA ASP F 224 -17.01 25.81 -11.55
C ASP F 224 -18.21 26.73 -11.75
N ASN F 225 -18.06 27.74 -12.60
CA ASN F 225 -19.11 28.73 -12.86
C ASN F 225 -19.28 28.94 -14.35
N ARG F 226 -20.37 28.40 -14.90
CA ARG F 226 -20.78 28.64 -16.28
C ARG F 226 -21.83 29.75 -16.29
N THR F 227 -21.53 30.88 -16.94
CA THR F 227 -22.44 32.01 -16.95
C THR F 227 -22.63 32.55 -18.37
N ASN F 228 -23.88 32.84 -18.72
CA ASN F 228 -24.24 33.36 -20.03
C ASN F 228 -24.59 34.84 -19.91
N TYR F 229 -24.25 35.60 -20.95
CA TYR F 229 -24.42 37.05 -20.94
C TYR F 229 -24.64 37.51 -22.37
N ASP F 230 -25.14 38.73 -22.51
CA ASP F 230 -25.36 39.34 -23.81
C ASP F 230 -24.08 39.99 -24.29
N ALA F 231 -23.68 39.67 -25.52
CA ALA F 231 -22.44 40.15 -26.10
C ALA F 231 -22.75 40.93 -27.37
N TYR F 232 -21.87 41.87 -27.70
CA TYR F 232 -22.03 42.63 -28.93
C TYR F 232 -21.93 41.69 -30.13
N TYR F 233 -22.95 41.73 -30.98
CA TYR F 233 -23.03 40.85 -32.13
C TYR F 233 -22.49 41.54 -33.38
N SER F 234 -21.67 40.81 -34.13
CA SER F 234 -21.27 41.25 -35.46
C SER F 234 -21.22 40.04 -36.38
N PRO F 235 -21.97 40.03 -37.49
CA PRO F 235 -21.99 38.85 -38.35
C PRO F 235 -20.59 38.44 -38.75
N GLY F 236 -20.38 37.13 -38.89
CA GLY F 236 -19.08 36.66 -39.29
C GLY F 236 -18.01 36.84 -38.26
N SER F 237 -18.38 37.17 -37.01
CA SER F 237 -17.44 37.36 -35.93
C SER F 237 -17.99 36.67 -34.70
N PRO F 238 -17.17 35.93 -33.96
CA PRO F 238 -17.72 35.08 -32.89
C PRO F 238 -18.40 35.90 -31.81
N LEU F 239 -19.46 35.33 -31.24
CA LEU F 239 -20.18 35.94 -30.14
C LEU F 239 -19.59 35.41 -28.84
N LEU F 240 -18.65 36.14 -28.26
CA LEU F 240 -18.13 35.74 -26.96
C LEU F 240 -19.18 36.06 -25.91
N ASP F 241 -20.13 35.13 -25.72
CA ASP F 241 -21.26 35.36 -24.84
C ASP F 241 -21.36 34.33 -23.73
N THR F 242 -20.37 33.45 -23.59
CA THR F 242 -20.37 32.43 -22.55
C THR F 242 -19.05 32.48 -21.79
N ARG F 243 -19.11 32.42 -20.47
CA ARG F 243 -17.93 32.50 -19.62
C ARG F 243 -17.89 31.27 -18.74
N LYS F 244 -16.79 30.52 -18.83
CA LYS F 244 -16.53 29.36 -17.98
C LYS F 244 -15.37 29.68 -17.05
N LEU F 245 -15.63 29.66 -15.75
CA LEU F 245 -14.61 29.96 -14.74
C LEU F 245 -14.38 28.71 -13.89
N TYR F 246 -13.13 28.27 -13.82
CA TYR F 246 -12.73 27.18 -12.93
C TYR F 246 -11.71 27.74 -11.95
N SER F 247 -12.01 27.66 -10.66
CA SER F 247 -11.11 28.15 -9.64
C SER F 247 -10.94 27.12 -8.54
N GLN F 248 -9.71 27.04 -8.01
CA GLN F 248 -9.47 26.29 -6.79
C GLN F 248 -8.49 27.07 -5.92
N SER F 249 -8.58 26.83 -4.62
CA SER F 249 -7.75 27.52 -3.64
C SER F 249 -7.28 26.51 -2.61
N TRP F 250 -6.08 26.76 -2.07
CA TRP F 250 -5.48 25.89 -1.07
C TRP F 250 -4.78 26.76 -0.04
N ASP F 251 -5.38 26.87 1.13
CA ASP F 251 -4.85 27.61 2.27
C ASP F 251 -4.27 26.65 3.30
N ALA F 252 -3.18 27.07 3.93
CA ALA F 252 -2.56 26.31 5.01
C ALA F 252 -1.98 27.29 6.02
N GLY F 253 -2.33 27.11 7.29
CA GLY F 253 -1.94 28.07 8.31
C GLY F 253 -1.44 27.39 9.58
N LEU F 254 -0.90 28.24 10.45
CA LEU F 254 -0.37 27.85 11.75
C LEU F 254 -0.47 29.03 12.69
N ARG F 255 -1.23 28.85 13.76
CA ARG F 255 -1.55 29.88 14.73
C ARG F 255 -0.97 29.49 16.08
N TYR F 256 -0.23 30.41 16.71
CA TYR F 256 0.08 30.33 18.13
C TYR F 256 -0.73 31.40 18.84
N ASN F 257 -1.69 30.99 19.65
CA ASN F 257 -2.52 31.91 20.43
C ASN F 257 -2.13 31.76 21.90
N GLY F 258 -1.17 32.57 22.33
CA GLY F 258 -0.71 32.57 23.70
C GLY F 258 -1.39 33.66 24.51
N GLU F 259 -0.95 33.79 25.76
CA GLU F 259 -1.61 34.71 26.67
C GLU F 259 -1.17 36.15 26.47
N LEU F 260 -0.01 36.37 25.86
CA LEU F 260 0.50 37.72 25.64
C LEU F 260 0.93 37.93 24.20
N ILE F 261 1.42 36.87 23.55
CA ILE F 261 1.85 36.94 22.15
C ILE F 261 0.97 36.04 21.29
N LYS F 262 0.63 36.53 20.10
CA LYS F 262 -0.11 35.79 19.10
C LYS F 262 0.65 35.84 17.79
N SER F 263 0.76 34.69 17.12
CA SER F 263 1.49 34.56 15.87
C SER F 263 0.60 33.89 14.84
N GLN F 264 0.57 34.46 13.63
CA GLN F 264 -0.16 33.92 12.50
C GLN F 264 0.83 33.71 11.35
N LEU F 265 0.97 32.45 10.91
CA LEU F 265 1.67 32.13 9.67
C LEU F 265 0.65 31.54 8.70
N ILE F 266 0.41 32.22 7.59
CA ILE F 266 -0.65 31.83 6.67
C ILE F 266 -0.09 31.80 5.25
N THR F 267 -0.38 30.73 4.52
CA THR F 267 0.00 30.61 3.12
C THR F 267 -1.22 30.22 2.29
N SER F 268 -1.38 30.83 1.12
CA SER F 268 -2.47 30.48 0.24
C SER F 268 -1.98 30.40 -1.20
N TYR F 269 -2.62 29.52 -1.96
CA TYR F 269 -2.37 29.36 -3.39
C TYR F 269 -3.71 29.21 -4.11
N SER F 270 -4.07 30.20 -4.93
CA SER F 270 -5.28 30.18 -5.74
C SER F 270 -4.93 30.06 -7.21
N HIS F 271 -5.62 29.19 -7.93
CA HIS F 271 -5.49 29.02 -9.37
C HIS F 271 -6.84 29.27 -10.00
N SER F 272 -6.86 30.06 -11.09
CA SER F 272 -8.11 30.36 -11.76
C SER F 272 -7.93 30.40 -13.27
N LYS F 273 -8.90 29.80 -13.98
CA LYS F 273 -8.94 29.78 -15.42
C LYS F 273 -10.28 30.36 -15.87
N ASP F 274 -10.24 31.40 -16.70
CA ASP F 274 -11.42 32.20 -17.04
C ASP F 274 -11.58 32.27 -18.57
N TYR F 275 -12.39 31.38 -19.13
CA TYR F 275 -12.65 31.34 -20.56
C TYR F 275 -13.85 32.22 -20.88
N ASN F 276 -13.75 33.00 -21.95
CA ASN F 276 -14.90 33.64 -22.57
C ASN F 276 -14.92 33.25 -24.04
N TYR F 277 -16.04 32.68 -24.48
CA TYR F 277 -16.11 32.05 -25.79
C TYR F 277 -17.54 32.09 -26.32
N ASP F 278 -17.67 31.65 -27.57
CA ASP F 278 -18.94 31.47 -28.23
C ASP F 278 -19.25 29.98 -28.26
N PRO F 279 -20.26 29.48 -27.51
CA PRO F 279 -20.60 28.04 -27.56
C PRO F 279 -20.39 27.42 -28.93
N HIS F 280 -20.78 28.14 -29.98
CA HIS F 280 -20.62 27.61 -31.33
C HIS F 280 -19.15 27.44 -31.68
N TYR F 281 -18.30 28.40 -31.29
CA TYR F 281 -16.89 28.31 -31.61
C TYR F 281 -16.14 27.37 -30.67
N GLY F 282 -16.49 27.36 -29.39
CA GLY F 282 -15.86 26.47 -28.45
C GLY F 282 -15.01 27.22 -27.43
N ARG F 283 -14.83 26.57 -26.27
CA ARG F 283 -14.11 27.20 -25.17
C ARG F 283 -12.62 27.36 -25.45
N TYR F 284 -12.06 26.46 -26.26
CA TYR F 284 -10.64 26.49 -26.59
C TYR F 284 -10.34 27.00 -27.99
N ASP F 285 -11.37 27.27 -28.79
CA ASP F 285 -11.17 27.85 -30.11
C ASP F 285 -10.36 29.14 -30.02
N SER F 286 -9.58 29.41 -31.07
CA SER F 286 -8.69 30.57 -31.07
C SER F 286 -9.45 31.85 -30.78
N SER F 287 -10.74 31.91 -31.12
CA SER F 287 -11.51 33.11 -30.85
C SER F 287 -11.77 33.27 -29.36
N ALA F 288 -11.62 32.20 -28.59
CA ALA F 288 -11.88 32.25 -27.16
C ALA F 288 -10.76 33.00 -26.44
N THR F 289 -11.13 33.74 -25.40
CA THR F 289 -10.18 34.46 -24.57
C THR F 289 -9.98 33.68 -23.27
N LEU F 290 -8.73 33.32 -22.98
CA LEU F 290 -8.40 32.59 -21.77
C LEU F 290 -7.57 33.49 -20.85
N ASP F 291 -8.06 33.67 -19.63
CA ASP F 291 -7.37 34.39 -18.57
C ASP F 291 -6.99 33.39 -17.49
N GLU F 292 -5.73 32.95 -17.49
CA GLU F 292 -5.21 32.08 -16.45
C GLU F 292 -4.45 32.95 -15.44
N MET F 293 -4.67 32.69 -14.16
CA MET F 293 -4.10 33.53 -13.11
C MET F 293 -3.80 32.73 -11.88
N LYS F 294 -2.53 32.77 -11.45
CA LYS F 294 -2.06 32.09 -10.26
C LYS F 294 -1.68 33.12 -9.21
N GLN F 295 -2.18 32.93 -7.98
CA GLN F 295 -2.00 33.90 -6.91
C GLN F 295 -1.45 33.19 -5.67
N TYR F 296 -0.30 33.63 -5.20
CA TYR F 296 0.35 33.09 -4.02
C TYR F 296 0.39 34.18 -2.96
N THR F 297 0.19 33.81 -1.70
CA THR F 297 0.29 34.79 -0.63
C THR F 297 0.88 34.14 0.61
N VAL F 298 1.86 34.81 1.21
CA VAL F 298 2.46 34.41 2.48
C VAL F 298 2.39 35.58 3.46
N GLN F 299 1.73 35.37 4.59
CA GLN F 299 1.59 36.42 5.59
C GLN F 299 2.14 35.94 6.93
N TRP F 300 2.86 36.82 7.62
CA TRP F 300 3.21 36.65 9.03
C TRP F 300 2.71 37.84 9.83
N ALA F 301 2.00 37.56 10.91
CA ALA F 301 1.47 38.60 11.79
C ALA F 301 1.79 38.26 13.24
N ASN F 302 2.27 39.25 14.00
CA ASN F 302 2.56 39.03 15.42
C ASN F 302 1.90 40.14 16.22
N ASN F 303 1.43 39.79 17.42
CA ASN F 303 0.79 40.76 18.30
C ASN F 303 1.16 40.49 19.76
N VAL F 304 1.44 41.56 20.49
CA VAL F 304 1.86 41.50 21.88
C VAL F 304 0.97 42.43 22.69
N ILE F 305 0.24 41.88 23.66
CA ILE F 305 -0.62 42.68 24.54
C ILE F 305 0.24 43.66 25.33
N VAL F 306 0.02 44.95 25.13
CA VAL F 306 0.77 45.99 25.82
C VAL F 306 -0.20 46.97 26.45
N GLY F 307 -0.12 47.11 27.78
CA GLY F 307 -1.07 47.94 28.49
C GLY F 307 -2.51 47.52 28.24
N HIS F 308 -3.40 48.51 28.18
CA HIS F 308 -4.78 48.26 27.78
C HIS F 308 -4.82 48.28 26.25
N GLY F 309 -4.22 47.25 25.67
CA GLY F 309 -4.18 47.18 24.23
C GLY F 309 -3.24 46.14 23.69
N SER F 310 -2.59 46.45 22.58
CA SER F 310 -1.64 45.55 21.95
C SER F 310 -0.89 46.27 20.84
N ILE F 311 0.24 45.68 20.47
CA ILE F 311 1.04 46.13 19.34
C ILE F 311 1.21 44.96 18.40
N GLY F 312 0.95 45.20 17.12
CA GLY F 312 1.04 44.20 16.09
C GLY F 312 2.03 44.62 15.03
N ALA F 313 2.63 43.64 14.37
CA ALA F 313 3.55 43.90 13.27
C ALA F 313 3.58 42.68 12.38
N GLY F 314 3.25 42.84 11.10
CA GLY F 314 3.36 41.76 10.14
C GLY F 314 4.02 42.16 8.83
N VAL F 315 4.23 41.13 8.02
CA VAL F 315 4.57 41.24 6.61
C VAL F 315 3.51 40.48 5.84
N ASP F 316 3.13 40.98 4.66
CA ASP F 316 2.33 40.20 3.73
C ASP F 316 2.90 40.28 2.33
N TRP F 317 3.10 39.13 1.70
CA TRP F 317 3.70 39.04 0.38
C TRP F 317 2.73 38.33 -0.55
N GLN F 318 2.67 38.78 -1.80
CA GLN F 318 1.86 38.14 -2.80
C GLN F 318 2.57 38.11 -4.15
N LYS F 319 2.32 37.03 -4.88
CA LYS F 319 2.80 36.83 -6.24
C LYS F 319 1.60 36.61 -7.15
N GLN F 320 1.54 37.34 -8.26
CA GLN F 320 0.47 37.19 -9.25
C GLN F 320 1.10 36.90 -10.60
N THR F 321 0.89 35.68 -11.11
CA THR F 321 1.34 35.29 -12.44
C THR F 321 0.15 35.21 -13.38
N THR F 322 0.34 35.67 -14.61
CA THR F 322 -0.68 35.62 -15.64
C THR F 322 -0.16 34.91 -16.88
N THR F 323 -1.10 34.50 -17.75
CA THR F 323 -0.94 33.80 -19.01
C THR F 323 -1.10 34.75 -20.20
N PRO F 324 -0.27 34.62 -21.25
CA PRO F 324 -0.50 35.41 -22.47
C PRO F 324 -1.97 35.47 -22.87
N GLY F 325 -2.48 36.68 -23.07
CA GLY F 325 -3.89 36.85 -23.33
C GLY F 325 -4.61 37.32 -22.08
N THR F 326 -4.22 36.76 -20.94
CA THR F 326 -4.89 37.04 -19.68
C THR F 326 -5.00 38.54 -19.43
N GLY F 327 -6.22 39.01 -19.21
CA GLY F 327 -6.47 40.41 -18.95
C GLY F 327 -6.22 41.31 -20.15
N TYR F 328 -6.53 40.83 -21.35
CA TYR F 328 -6.39 41.63 -22.56
C TYR F 328 -4.98 42.18 -22.71
N VAL F 329 -3.99 41.43 -22.23
CA VAL F 329 -2.59 41.79 -22.37
C VAL F 329 -1.90 40.72 -23.20
N GLU F 330 -1.02 41.16 -24.09
CA GLU F 330 -0.32 40.26 -25.01
C GLU F 330 0.22 39.03 -24.30
N ASP F 331 1.19 39.21 -23.40
CA ASP F 331 1.81 38.09 -22.69
C ASP F 331 1.43 38.11 -21.22
N GLY F 332 1.88 37.08 -20.51
CA GLY F 332 1.51 36.88 -19.12
C GLY F 332 2.57 37.48 -18.21
N TYR F 333 2.11 38.18 -17.17
CA TYR F 333 3.00 38.95 -16.32
C TYR F 333 3.07 38.40 -14.90
N ASP F 334 4.14 38.81 -14.22
CA ASP F 334 4.45 38.38 -12.86
C ASP F 334 4.66 39.63 -12.02
N GLN F 335 3.70 39.94 -11.15
CA GLN F 335 3.80 41.07 -10.24
C GLN F 335 3.90 40.60 -8.81
N ARG F 336 4.96 41.01 -8.12
CA ARG F 336 5.23 40.63 -6.74
C ARG F 336 5.13 41.85 -5.83
N ASN F 337 4.49 41.69 -4.68
CA ASN F 337 4.33 42.80 -3.74
C ASN F 337 4.51 42.34 -2.31
N THR F 338 5.35 43.06 -1.56
CA THR F 338 5.57 42.81 -0.13
C THR F 338 5.18 44.05 0.66
N GLY F 339 4.33 43.87 1.66
CA GLY F 339 3.86 44.97 2.48
C GLY F 339 4.21 44.76 3.94
N ILE F 340 5.14 45.55 4.44
CA ILE F 340 5.48 45.53 5.86
C ILE F 340 4.60 46.52 6.60
N TYR F 341 4.10 46.14 7.77
CA TYR F 341 3.18 47.01 8.48
C TYR F 341 3.29 46.82 9.99
N LEU F 342 2.87 47.89 10.69
CA LEU F 342 2.92 47.98 12.14
C LEU F 342 1.65 48.67 12.60
N THR F 343 1.07 48.17 13.69
CA THR F 343 -0.18 48.69 14.24
C THR F 343 -0.12 48.76 15.76
N GLY F 344 -0.53 49.88 16.32
CA GLY F 344 -0.56 50.01 17.76
C GLY F 344 -1.97 50.32 18.23
N LEU F 345 -2.29 49.98 19.48
CA LEU F 345 -3.64 50.23 19.98
C LEU F 345 -3.59 50.24 21.50
N GLN F 346 -4.10 51.31 22.09
CA GLN F 346 -4.01 51.48 23.54
C GLN F 346 -5.17 52.36 24.01
N GLN F 347 -5.97 51.82 24.92
CA GLN F 347 -7.05 52.56 25.55
C GLN F 347 -6.51 53.11 26.87
N VAL F 348 -6.34 54.43 26.92
CA VAL F 348 -5.89 55.11 28.13
C VAL F 348 -7.08 55.86 28.71
N GLY F 349 -7.44 55.52 29.94
CA GLY F 349 -8.62 56.11 30.56
C GLY F 349 -9.81 55.92 29.67
N ASP F 350 -10.49 57.02 29.35
CA ASP F 350 -11.61 57.02 28.44
C ASP F 350 -11.17 57.27 27.00
N PHE F 351 -9.86 57.33 26.77
CA PHE F 351 -9.31 57.53 25.44
C PHE F 351 -9.00 56.18 24.80
N THR F 352 -8.80 56.22 23.49
CA THR F 352 -8.38 55.03 22.75
C THR F 352 -7.62 55.49 21.50
N PHE F 353 -6.35 55.09 21.40
CA PHE F 353 -5.50 55.49 20.29
C PHE F 353 -5.06 54.26 19.50
N GLU F 354 -5.50 54.20 18.25
CA GLU F 354 -5.13 53.15 17.31
C GLU F 354 -4.34 53.78 16.17
N GLY F 355 -3.38 53.04 15.63
CA GLY F 355 -2.48 53.61 14.64
C GLY F 355 -1.88 52.49 13.81
N ALA F 356 -1.56 52.82 12.57
CA ALA F 356 -0.97 51.84 11.67
C ALA F 356 -0.16 52.54 10.60
N ALA F 357 0.98 51.93 10.28
CA ALA F 357 1.85 52.35 9.19
C ALA F 357 2.15 51.14 8.32
N ARG F 358 2.45 51.40 7.06
CA ARG F 358 2.64 50.37 6.06
C ARG F 358 3.53 50.90 4.95
N SER F 359 4.27 49.97 4.35
CA SER F 359 5.03 50.25 3.13
C SER F 359 4.95 49.01 2.25
N ASP F 360 4.35 49.17 1.08
CA ASP F 360 4.23 48.11 0.09
C ASP F 360 5.25 48.34 -1.01
N ASP F 361 6.12 47.36 -1.23
CA ASP F 361 7.07 47.37 -2.33
C ASP F 361 6.54 46.41 -3.38
N ASN F 362 6.07 46.96 -4.50
CA ASN F 362 5.54 46.19 -5.60
C ASN F 362 6.59 46.03 -6.67
N SER F 363 6.62 44.83 -7.27
CA SER F 363 7.56 44.57 -8.35
C SER F 363 7.31 45.50 -9.52
N GLN F 364 6.19 46.21 -9.52
CA GLN F 364 5.81 47.10 -10.60
C GLN F 364 6.32 48.51 -10.32
N PHE F 365 6.01 49.08 -9.16
CA PHE F 365 6.28 50.50 -8.91
C PHE F 365 7.16 50.70 -7.69
N GLY F 366 8.09 49.79 -7.41
CA GLY F 366 8.87 50.10 -6.23
C GLY F 366 7.98 50.23 -4.99
N ARG F 367 8.46 50.98 -4.01
CA ARG F 367 7.77 51.09 -2.74
C ARG F 367 6.80 52.26 -2.72
N HIS F 368 5.83 52.16 -1.81
CA HIS F 368 4.85 53.21 -1.59
C HIS F 368 4.34 53.08 -0.16
N GLY F 369 4.35 54.18 0.59
CA GLY F 369 3.94 54.17 1.97
C GLY F 369 2.50 54.61 2.19
N THR F 370 1.92 54.16 3.28
CA THR F 370 0.51 54.41 3.60
C THR F 370 0.33 54.33 5.12
N TRP F 371 -0.68 55.03 5.65
CA TRP F 371 -0.81 55.01 7.10
C TRP F 371 -2.14 55.59 7.54
N GLN F 372 -2.75 55.00 8.56
CA GLN F 372 -3.92 55.65 9.17
C GLN F 372 -3.89 55.55 10.69
N THR F 373 -4.56 56.51 11.34
CA THR F 373 -4.58 56.63 12.79
C THR F 373 -5.94 57.14 13.25
N SER F 374 -6.52 56.49 14.26
CA SER F 374 -7.84 56.86 14.78
C SER F 374 -7.78 57.03 16.29
N ALA F 375 -8.53 57.98 16.80
CA ALA F 375 -8.61 58.31 18.21
C ALA F 375 -10.07 58.24 18.66
N GLY F 376 -10.29 57.71 19.86
CA GLY F 376 -11.63 57.51 20.38
C GLY F 376 -11.79 58.01 21.79
N TRP F 377 -12.21 59.27 21.95
CA TRP F 377 -12.41 59.85 23.28
C TRP F 377 -13.86 59.67 23.72
N GLU F 378 -14.06 59.15 24.93
CA GLU F 378 -15.42 58.89 25.43
C GLU F 378 -15.77 60.06 26.35
N PHE F 379 -16.33 61.11 25.75
CA PHE F 379 -16.65 62.31 26.51
C PHE F 379 -17.72 62.02 27.56
N ILE F 380 -18.77 61.30 27.17
CA ILE F 380 -19.77 60.79 28.12
C ILE F 380 -19.77 59.27 28.08
N GLU F 381 -20.01 58.66 29.23
CA GLU F 381 -20.12 57.22 29.32
C GLU F 381 -21.20 56.73 28.37
N GLY F 382 -20.81 56.06 27.29
CA GLY F 382 -21.76 55.57 26.30
C GLY F 382 -21.93 56.48 25.12
N TYR F 383 -21.14 57.54 25.03
CA TYR F 383 -21.10 58.44 23.89
C TYR F 383 -19.66 58.85 23.70
N ARG F 384 -19.10 58.64 22.51
CA ARG F 384 -17.73 59.01 22.28
C ARG F 384 -17.56 59.57 20.87
N PHE F 385 -16.44 60.25 20.70
CA PHE F 385 -16.07 60.94 19.48
C PHE F 385 -14.83 60.25 18.92
N ILE F 386 -14.95 59.76 17.70
CA ILE F 386 -13.87 59.09 17.00
C ILE F 386 -13.42 60.00 15.88
N ALA F 387 -12.13 60.29 15.84
CA ALA F 387 -11.50 60.97 14.72
C ALA F 387 -10.56 59.99 14.05
N SER F 388 -10.33 60.18 12.75
CA SER F 388 -9.43 59.26 12.09
C SER F 388 -8.97 59.84 10.76
N TYR F 389 -7.71 59.59 10.44
CA TYR F 389 -7.11 59.99 9.18
C TYR F 389 -6.41 58.78 8.58
N GLY F 390 -6.42 58.69 7.26
CA GLY F 390 -5.70 57.61 6.62
C GLY F 390 -5.25 58.00 5.23
N THR F 391 -4.09 57.48 4.86
CA THR F 391 -3.55 57.60 3.52
C THR F 391 -3.54 56.19 2.98
N SER F 392 -4.06 56.03 1.76
CA SER F 392 -4.19 54.73 1.13
C SER F 392 -3.82 54.84 -0.33
N TYR F 393 -3.25 53.79 -0.87
CA TYR F 393 -2.83 53.78 -2.26
C TYR F 393 -3.62 52.73 -3.03
N LYS F 394 -3.43 52.76 -4.34
CA LYS F 394 -3.97 51.73 -5.23
C LYS F 394 -3.00 51.49 -6.36
N ALA F 395 -2.61 50.25 -6.53
CA ALA F 395 -1.62 49.94 -7.53
C ALA F 395 -2.25 49.98 -8.92
N PRO F 396 -1.56 50.49 -9.92
CA PRO F 396 -2.06 50.34 -11.30
C PRO F 396 -2.26 48.87 -11.61
N ASN F 397 -3.34 48.57 -12.32
CA ASN F 397 -3.74 47.19 -12.55
C ASN F 397 -3.23 46.67 -13.88
N LEU F 398 -3.22 45.33 -13.99
CA LEU F 398 -2.67 44.62 -15.14
C LEU F 398 -2.93 45.33 -16.46
N GLY F 399 -4.19 45.69 -16.72
CA GLY F 399 -4.53 46.40 -17.93
C GLY F 399 -3.75 47.69 -18.11
N GLN F 400 -3.84 48.59 -17.14
CA GLN F 400 -3.22 49.92 -17.28
C GLN F 400 -1.72 49.87 -17.09
N LEU F 401 -1.14 48.68 -16.94
CA LEU F 401 0.31 48.52 -16.89
C LEU F 401 0.89 47.85 -18.12
N TYR F 402 0.34 46.71 -18.55
CA TYR F 402 0.97 45.91 -19.59
C TYR F 402 0.16 45.79 -20.87
N GLY F 403 -1.08 46.26 -20.91
CA GLY F 403 -1.81 46.27 -22.15
C GLY F 403 -1.24 47.33 -23.05
N PHE F 404 -1.79 47.45 -24.26
CA PHE F 404 -1.28 48.49 -25.15
C PHE F 404 -1.60 49.86 -24.58
N TYR F 405 -2.77 50.01 -23.93
CA TYR F 405 -3.09 51.26 -23.25
C TYR F 405 -2.26 51.41 -22.00
N GLY F 406 -1.79 50.29 -21.44
CA GLY F 406 -1.05 50.28 -20.21
C GLY F 406 0.16 51.19 -20.22
N ASN F 407 0.75 51.37 -19.05
CA ASN F 407 1.90 52.25 -18.88
C ASN F 407 2.64 51.74 -17.64
N PRO F 408 3.83 51.16 -17.79
CA PRO F 408 4.49 50.53 -16.64
C PRO F 408 5.06 51.51 -15.63
N ASN F 409 5.09 52.80 -15.95
CA ASN F 409 5.69 53.78 -15.05
C ASN F 409 4.62 54.53 -14.28
N LEU F 410 3.41 54.00 -14.25
CA LEU F 410 2.33 54.65 -13.55
C LEU F 410 2.57 54.60 -12.05
N ASP F 411 2.12 55.63 -11.36
CA ASP F 411 2.24 55.65 -9.92
C ASP F 411 0.92 55.24 -9.29
N PRO F 412 0.93 54.80 -8.04
CA PRO F 412 -0.32 54.40 -7.40
C PRO F 412 -1.26 55.59 -7.25
N GLU F 413 -2.55 55.30 -7.26
CA GLU F 413 -3.55 56.31 -7.00
C GLU F 413 -3.60 56.56 -5.50
N LYS F 414 -3.60 57.82 -5.09
CA LYS F 414 -3.47 58.19 -3.70
C LYS F 414 -4.83 58.63 -3.16
N SER F 415 -5.08 58.38 -1.89
CA SER F 415 -6.36 58.73 -1.28
C SER F 415 -6.10 59.21 0.14
N LYS F 416 -6.41 60.48 0.40
CA LYS F 416 -6.39 61.02 1.76
C LYS F 416 -7.80 61.05 2.31
N GLN F 417 -8.00 60.47 3.49
CA GLN F 417 -9.33 60.27 4.04
C GLN F 417 -9.37 60.73 5.48
N TRP F 418 -10.36 61.55 5.80
CA TRP F 418 -10.54 62.04 7.15
C TRP F 418 -11.98 61.80 7.57
N GLU F 419 -12.17 61.45 8.83
CA GLU F 419 -13.46 61.00 9.32
C GLU F 419 -13.65 61.46 10.74
N GLY F 420 -14.84 61.97 11.02
CA GLY F 420 -15.21 62.35 12.37
C GLY F 420 -16.56 61.74 12.67
N ALA F 421 -16.70 61.22 13.89
CA ALA F 421 -17.89 60.47 14.20
C ALA F 421 -18.23 60.62 15.67
N PHE F 422 -19.52 60.50 15.95
CA PHE F 422 -20.05 60.45 17.31
C PHE F 422 -20.92 59.22 17.39
N GLU F 423 -20.54 58.29 18.27
CA GLU F 423 -21.34 57.10 18.51
C GLU F 423 -21.92 57.20 19.91
N GLY F 424 -23.12 56.67 20.09
CA GLY F 424 -23.74 56.76 21.40
C GLY F 424 -24.96 55.89 21.53
N LEU F 425 -25.27 55.56 22.79
CA LEU F 425 -26.45 54.81 23.14
C LEU F 425 -27.42 55.73 23.86
N THR F 426 -28.60 55.91 23.28
CA THR F 426 -29.65 56.77 23.83
C THR F 426 -30.93 55.96 23.94
N ALA F 427 -31.41 55.79 25.16
CA ALA F 427 -32.66 55.09 25.48
C ALA F 427 -32.89 53.89 24.56
N GLY F 428 -31.92 52.98 24.58
CA GLY F 428 -32.08 51.74 23.86
C GLY F 428 -31.76 51.78 22.38
N VAL F 429 -31.15 52.85 21.90
CA VAL F 429 -30.79 53.01 20.51
C VAL F 429 -29.29 53.23 20.43
N ASN F 430 -28.61 52.45 19.60
CA ASN F 430 -27.21 52.70 19.31
C ASN F 430 -27.17 53.42 17.98
N TRP F 431 -26.57 54.60 17.95
CA TRP F 431 -26.52 55.43 16.76
C TRP F 431 -25.10 55.90 16.52
N ARG F 432 -24.84 56.25 15.28
CA ARG F 432 -23.56 56.83 14.86
C ARG F 432 -23.86 57.89 13.82
N ILE F 433 -23.40 59.11 14.07
CA ILE F 433 -23.40 60.17 13.08
C ILE F 433 -21.96 60.48 12.74
N SER F 434 -21.60 60.35 11.46
CA SER F 434 -20.21 60.51 11.06
C SER F 434 -20.13 61.17 9.70
N GLY F 435 -19.10 61.99 9.53
CA GLY F 435 -18.82 62.65 8.27
C GLY F 435 -17.45 62.23 7.79
N TYR F 436 -17.34 62.01 6.49
CA TYR F 436 -16.09 61.57 5.88
C TYR F 436 -15.76 62.39 4.64
N ARG F 437 -14.46 62.65 4.49
CA ARG F 437 -13.85 63.29 3.35
C ARG F 437 -12.85 62.33 2.72
N ASN F 438 -12.83 62.28 1.40
CA ASN F 438 -11.91 61.41 0.65
C ASN F 438 -11.43 62.18 -0.56
N ASP F 439 -10.16 62.58 -0.53
CA ASP F 439 -9.52 63.33 -1.59
C ASP F 439 -8.61 62.33 -2.30
N VAL F 440 -9.22 61.61 -3.25
CA VAL F 440 -8.44 60.76 -4.14
C VAL F 440 -7.72 61.65 -5.15
N SER F 441 -6.43 61.43 -5.32
CA SER F 441 -5.60 62.17 -6.25
C SER F 441 -4.73 61.20 -7.02
N ASP F 442 -4.06 61.72 -8.04
CA ASP F 442 -3.24 60.93 -8.94
C ASP F 442 -4.02 59.72 -9.46
N LEU F 443 -5.25 59.98 -9.90
CA LEU F 443 -6.06 58.95 -10.51
C LEU F 443 -5.52 58.64 -11.91
N ILE F 444 -5.60 57.37 -12.29
CA ILE F 444 -5.08 56.91 -13.57
C ILE F 444 -6.19 56.99 -14.60
N ASP F 445 -5.96 57.79 -15.65
CA ASP F 445 -6.94 58.05 -16.69
C ASP F 445 -6.29 57.84 -18.05
N TYR F 446 -7.08 57.40 -19.01
CA TYR F 446 -6.61 57.22 -20.37
C TYR F 446 -6.87 58.52 -21.13
N ASP F 447 -5.93 58.91 -21.98
CA ASP F 447 -6.01 60.16 -22.75
C ASP F 447 -6.31 59.92 -24.23
N ASP F 448 -7.31 60.66 -24.75
CA ASP F 448 -7.73 60.48 -26.14
C ASP F 448 -6.64 60.90 -27.11
N HIS F 449 -6.01 62.05 -26.85
CA HIS F 449 -5.05 62.62 -27.77
C HIS F 449 -3.69 61.94 -27.76
N THR F 450 -3.51 60.88 -26.96
CA THR F 450 -2.22 60.20 -26.91
C THR F 450 -2.31 58.68 -26.99
N LEU F 451 -3.45 58.08 -26.64
CA LEU F 451 -3.61 56.62 -26.70
C LEU F 451 -2.75 55.92 -25.65
N LYS F 452 -2.69 56.49 -24.45
CA LYS F 452 -1.98 55.87 -23.33
C LYS F 452 -2.72 56.15 -22.04
N TYR F 453 -2.43 55.32 -21.03
CA TYR F 453 -2.95 55.53 -19.68
C TYR F 453 -2.06 56.52 -18.94
N TYR F 454 -2.65 57.63 -18.51
CA TYR F 454 -1.96 58.69 -17.78
C TYR F 454 -2.45 58.71 -16.34
N ASN F 455 -1.77 59.49 -15.51
CA ASN F 455 -2.06 59.59 -14.08
C ASN F 455 -2.47 61.03 -13.76
N GLU F 456 -3.72 61.37 -14.06
CA GLU F 456 -4.18 62.76 -14.01
C GLU F 456 -5.36 62.95 -13.06
N GLY F 457 -6.42 62.17 -13.20
CA GLY F 457 -7.68 62.44 -12.53
C GLY F 457 -7.62 62.71 -11.04
N LYS F 458 -8.67 63.35 -10.51
CA LYS F 458 -8.79 63.60 -9.09
C LYS F 458 -10.27 63.50 -8.71
N ALA F 459 -10.53 63.26 -7.43
CA ALA F 459 -11.92 63.19 -6.98
C ALA F 459 -12.06 63.59 -5.51
N ARG F 460 -13.03 64.45 -5.27
CA ARG F 460 -13.40 64.97 -3.95
C ARG F 460 -14.72 64.34 -3.52
N ILE F 461 -14.66 63.40 -2.58
CA ILE F 461 -15.85 62.72 -2.06
C ILE F 461 -16.13 63.27 -0.67
N LYS F 462 -17.37 63.73 -0.45
CA LYS F 462 -17.78 64.21 0.86
C LYS F 462 -19.10 63.54 1.21
N GLY F 463 -19.20 62.99 2.41
CA GLY F 463 -20.48 62.37 2.75
C GLY F 463 -20.72 62.22 4.23
N VAL F 464 -21.98 61.90 4.55
CA VAL F 464 -22.41 61.65 5.92
C VAL F 464 -23.05 60.27 6.01
N GLU F 465 -22.80 59.60 7.13
CA GLU F 465 -23.36 58.30 7.46
C GLU F 465 -24.10 58.42 8.78
N ALA F 466 -25.39 58.08 8.79
CA ALA F 466 -26.23 58.21 9.98
C ALA F 466 -26.89 56.85 10.21
N THR F 467 -26.42 56.12 11.21
CA THR F 467 -26.91 54.78 11.51
C THR F 467 -27.58 54.76 12.87
N ALA F 468 -28.57 53.88 13.03
CA ALA F 468 -29.19 53.67 14.32
C ALA F 468 -29.89 52.32 14.33
N ASN F 469 -29.59 51.51 15.35
CA ASN F 469 -30.25 50.24 15.58
C ASN F 469 -30.81 50.20 17.00
N PHE F 470 -32.00 49.66 17.14
CA PHE F 470 -32.68 49.74 18.43
C PHE F 470 -33.75 48.66 18.55
N ASP F 471 -33.89 48.13 19.77
CA ASP F 471 -34.97 47.21 20.11
C ASP F 471 -36.13 47.98 20.71
N THR F 472 -37.34 47.59 20.32
CA THR F 472 -38.59 48.02 20.95
C THR F 472 -39.39 46.76 21.23
N GLY F 473 -39.18 46.19 22.41
CA GLY F 473 -39.83 44.96 22.76
C GLY F 473 -39.37 43.84 21.85
N PRO F 474 -40.31 43.10 21.28
CA PRO F 474 -39.94 42.07 20.30
C PRO F 474 -39.44 42.62 18.97
N LEU F 475 -39.54 43.92 18.72
CA LEU F 475 -39.16 44.47 17.43
C LEU F 475 -37.69 44.92 17.44
N THR F 476 -37.01 44.72 16.30
CA THR F 476 -35.63 45.14 16.12
C THR F 476 -35.52 45.97 14.85
N HIS F 477 -35.21 47.26 14.99
CA HIS F 477 -35.13 48.19 13.88
C HIS F 477 -33.67 48.48 13.60
N THR F 478 -33.26 48.34 12.34
CA THR F 478 -31.92 48.73 11.88
C THR F 478 -32.09 49.74 10.76
N VAL F 479 -32.15 51.04 11.09
CA VAL F 479 -32.32 52.08 10.10
C VAL F 479 -31.00 52.80 9.86
N SER F 480 -30.84 53.34 8.66
CA SER F 480 -29.66 54.12 8.35
C SER F 480 -29.89 54.97 7.10
N TYR F 481 -29.31 56.16 7.11
CA TYR F 481 -29.32 57.09 6.00
C TYR F 481 -27.88 57.32 5.56
N ASP F 482 -27.66 57.38 4.26
CA ASP F 482 -26.34 57.67 3.71
C ASP F 482 -26.45 58.79 2.69
N TYR F 483 -25.54 59.76 2.76
CA TYR F 483 -25.39 60.80 1.76
C TYR F 483 -23.96 60.82 1.26
N VAL F 484 -23.78 60.86 -0.04
CA VAL F 484 -22.45 60.93 -0.64
C VAL F 484 -22.50 61.91 -1.81
N ASP F 485 -21.49 62.78 -1.88
CA ASP F 485 -21.28 63.70 -2.99
C ASP F 485 -19.86 63.46 -3.49
N ALA F 486 -19.72 62.48 -4.38
CA ALA F 486 -18.46 62.23 -5.06
C ALA F 486 -18.38 63.12 -6.30
N ARG F 487 -17.31 63.90 -6.41
CA ARG F 487 -17.16 64.81 -7.53
C ARG F 487 -15.78 64.64 -8.13
N ASN F 488 -15.66 65.02 -9.40
CA ASN F 488 -14.33 65.16 -9.99
C ASN F 488 -13.68 66.43 -9.46
N ALA F 489 -12.51 66.28 -8.84
CA ALA F 489 -11.85 67.44 -8.23
C ALA F 489 -11.39 68.43 -9.27
N ILE F 490 -11.15 67.97 -10.51
CA ILE F 490 -10.70 68.87 -11.57
C ILE F 490 -11.91 69.56 -12.22
N THR F 491 -12.84 68.75 -12.72
CA THR F 491 -13.97 69.28 -13.50
C THR F 491 -15.12 69.73 -12.61
N ASP F 492 -15.08 69.42 -11.32
CA ASP F 492 -16.15 69.67 -10.37
C ASP F 492 -17.44 68.94 -10.71
N THR F 493 -17.41 68.04 -11.65
CA THR F 493 -18.63 67.31 -11.97
C THR F 493 -18.74 66.07 -11.10
N PRO F 494 -19.96 65.69 -10.72
CA PRO F 494 -20.11 64.57 -9.78
C PRO F 494 -19.78 63.27 -10.47
N LEU F 495 -19.05 62.40 -9.79
CA LEU F 495 -18.77 61.09 -10.35
C LEU F 495 -20.07 60.39 -10.68
N LEU F 496 -20.26 60.05 -11.95
CA LEU F 496 -21.53 59.57 -12.45
C LEU F 496 -21.83 58.16 -11.95
N ARG F 497 -23.09 57.77 -12.08
CA ARG F 497 -23.68 56.49 -11.69
C ARG F 497 -23.72 56.27 -10.19
N ARG F 498 -23.27 57.23 -9.38
CA ARG F 498 -23.52 57.18 -7.95
C ARG F 498 -24.92 57.73 -7.64
N ALA F 499 -25.52 57.19 -6.59
CA ALA F 499 -26.81 57.66 -6.10
C ALA F 499 -26.62 58.71 -5.02
N LYS F 500 -27.28 59.86 -5.19
CA LYS F 500 -27.11 60.99 -4.27
C LYS F 500 -27.21 60.56 -2.80
N GLN F 501 -28.19 59.73 -2.47
CA GLN F 501 -28.41 59.35 -1.08
C GLN F 501 -29.26 58.09 -1.01
N GLN F 502 -28.94 57.22 -0.06
CA GLN F 502 -29.67 55.98 0.16
C GLN F 502 -30.28 55.96 1.56
N VAL F 503 -31.41 55.27 1.68
CA VAL F 503 -32.00 54.94 2.98
C VAL F 503 -32.14 53.42 3.07
N LYS F 504 -31.46 52.80 4.04
CA LYS F 504 -31.57 51.37 4.25
C LYS F 504 -32.21 51.11 5.61
N TYR F 505 -33.33 50.41 5.63
CA TYR F 505 -34.09 50.21 6.86
C TYR F 505 -34.58 48.77 6.90
N GLN F 506 -34.23 48.02 7.95
CA GLN F 506 -34.73 46.66 8.08
C GLN F 506 -35.49 46.50 9.39
N LEU F 507 -36.72 46.01 9.28
CA LEU F 507 -37.59 45.74 10.43
C LEU F 507 -37.64 44.23 10.64
N ASP F 508 -37.04 43.76 11.74
CA ASP F 508 -37.02 42.34 12.09
C ASP F 508 -37.92 42.10 13.29
N TRP F 509 -38.91 41.22 13.15
CA TRP F 509 -39.75 40.86 14.28
C TRP F 509 -40.33 39.46 14.10
N GLN F 510 -39.71 38.48 14.73
CA GLN F 510 -40.23 37.13 14.77
C GLN F 510 -41.40 37.05 15.73
N LEU F 511 -42.47 36.35 15.33
CA LEU F 511 -43.69 36.33 16.13
C LEU F 511 -44.34 34.96 16.05
N TYR F 512 -44.60 34.34 17.21
CA TYR F 512 -45.08 32.96 17.29
C TYR F 512 -44.14 31.99 16.60
N ASP F 513 -42.83 32.16 16.83
CA ASP F 513 -41.78 31.39 16.17
C ASP F 513 -41.67 31.65 14.66
N PHE F 514 -42.64 32.32 14.06
CA PHE F 514 -42.47 32.79 12.69
C PHE F 514 -41.45 33.92 12.69
N ASP F 515 -40.34 33.73 11.98
CA ASP F 515 -39.33 34.76 11.87
C ASP F 515 -39.69 35.64 10.68
N TRP F 516 -39.85 36.93 10.93
CA TRP F 516 -40.25 37.90 9.91
C TRP F 516 -39.15 38.92 9.67
N GLY F 517 -39.11 39.46 8.46
CA GLY F 517 -38.16 40.50 8.15
C GLY F 517 -38.52 41.30 6.90
N ILE F 518 -38.59 42.61 7.05
CA ILE F 518 -38.91 43.54 5.97
C ILE F 518 -37.68 44.40 5.72
N THR F 519 -36.89 44.02 4.73
CA THR F 519 -35.73 44.82 4.31
C THR F 519 -36.19 45.86 3.29
N TYR F 520 -35.95 47.13 3.59
CA TYR F 520 -36.24 48.26 2.72
C TYR F 520 -34.95 48.94 2.27
N GLN F 521 -35.00 49.48 1.05
CA GLN F 521 -33.86 50.23 0.53
C GLN F 521 -34.36 51.25 -0.49
N TYR F 522 -34.09 52.52 -0.25
CA TYR F 522 -34.28 53.59 -1.23
C TYR F 522 -32.92 54.00 -1.78
N LEU F 523 -32.64 53.60 -3.00
CA LEU F 523 -31.43 54.03 -3.68
C LEU F 523 -31.73 55.30 -4.48
N GLY F 524 -30.95 56.34 -4.22
CA GLY F 524 -31.19 57.66 -4.80
C GLY F 524 -30.94 57.71 -6.28
N THR F 525 -30.65 58.91 -6.80
CA THR F 525 -30.59 59.12 -8.24
C THR F 525 -29.17 58.88 -8.72
N ARG F 526 -28.99 57.84 -9.51
CA ARG F 526 -27.73 57.60 -10.22
C ARG F 526 -27.63 58.53 -11.42
N TYR F 527 -26.42 58.61 -11.98
CA TYR F 527 -26.18 59.28 -13.25
C TYR F 527 -25.43 58.28 -14.14
N ASP F 528 -26.15 57.68 -15.08
CA ASP F 528 -25.55 56.73 -15.99
C ASP F 528 -25.57 57.25 -17.42
N LYS F 529 -24.71 56.68 -18.24
CA LYS F 529 -24.69 57.02 -19.66
C LYS F 529 -25.69 56.16 -20.42
N ASP F 530 -26.31 56.74 -21.43
CA ASP F 530 -27.20 56.02 -22.32
C ASP F 530 -26.40 55.43 -23.48
N TYR F 531 -26.62 54.15 -23.77
CA TYR F 531 -25.89 53.44 -24.81
C TYR F 531 -26.74 53.17 -26.04
N SER F 532 -27.76 53.99 -26.29
CA SER F 532 -28.57 53.84 -27.48
C SER F 532 -28.09 54.74 -28.62
N SER F 533 -27.80 56.00 -28.31
CA SER F 533 -27.32 56.98 -29.27
C SER F 533 -25.90 57.44 -28.91
N TYR F 534 -25.14 57.82 -29.94
CA TYR F 534 -23.77 58.25 -29.79
C TYR F 534 -23.63 59.68 -30.31
N PRO F 535 -22.94 60.58 -29.60
CA PRO F 535 -22.19 60.37 -28.36
C PRO F 535 -23.06 59.98 -27.17
N TYR F 536 -22.48 59.21 -26.27
CA TYR F 536 -23.20 58.71 -25.12
C TYR F 536 -23.48 59.86 -24.15
N GLN F 537 -24.75 60.19 -23.96
CA GLN F 537 -25.14 61.33 -23.14
C GLN F 537 -25.41 60.88 -21.71
N THR F 538 -24.86 61.60 -20.74
CA THR F 538 -25.14 61.27 -19.34
C THR F 538 -26.59 61.62 -19.03
N VAL F 539 -27.23 60.77 -18.24
CA VAL F 539 -28.64 60.91 -17.89
C VAL F 539 -28.80 60.62 -16.41
N LYS F 540 -29.87 61.18 -15.84
CA LYS F 540 -30.17 61.01 -14.43
C LYS F 540 -31.04 59.78 -14.26
N MET F 541 -30.67 58.93 -13.31
CA MET F 541 -31.46 57.77 -12.95
C MET F 541 -32.38 58.13 -11.78
N GLY F 542 -33.62 57.68 -11.85
CA GLY F 542 -34.53 57.91 -10.76
C GLY F 542 -34.14 57.11 -9.53
N GLY F 543 -34.35 57.71 -8.36
CA GLY F 543 -34.15 57.04 -7.09
C GLY F 543 -35.44 56.38 -6.65
N VAL F 544 -35.36 55.07 -6.38
CA VAL F 544 -36.54 54.27 -6.11
C VAL F 544 -36.33 53.43 -4.87
N SER F 545 -37.45 52.99 -4.31
CA SER F 545 -37.50 52.11 -3.15
C SER F 545 -37.72 50.67 -3.58
N LEU F 546 -37.13 49.76 -2.81
CA LEU F 546 -37.21 48.33 -3.05
C LEU F 546 -37.47 47.64 -1.72
N TRP F 547 -38.54 46.85 -1.68
CA TRP F 547 -38.96 46.13 -0.48
C TRP F 547 -38.76 44.63 -0.68
N ASP F 548 -38.33 43.95 0.37
CA ASP F 548 -38.21 42.50 0.35
C ASP F 548 -38.74 41.95 1.66
N LEU F 549 -39.51 40.86 1.54
CA LEU F 549 -40.15 40.18 2.65
C LEU F 549 -39.55 38.79 2.84
N ALA F 550 -39.26 38.43 4.08
CA ALA F 550 -38.67 37.13 4.38
C ALA F 550 -39.35 36.53 5.61
N VAL F 551 -39.90 35.32 5.45
CA VAL F 551 -40.47 34.54 6.53
C VAL F 551 -39.69 33.25 6.69
N ALA F 552 -39.62 32.76 7.93
CA ALA F 552 -39.00 31.47 8.21
C ALA F 552 -39.77 30.77 9.34
N TYR F 553 -40.26 29.55 9.05
CA TYR F 553 -40.92 28.70 10.01
C TYR F 553 -40.12 27.43 10.28
N PRO F 554 -40.03 27.00 11.54
CA PRO F 554 -39.43 25.69 11.82
C PRO F 554 -40.51 24.62 11.82
N VAL F 555 -40.49 23.74 10.82
CA VAL F 555 -41.44 22.63 10.78
C VAL F 555 -41.09 21.66 11.90
N THR F 556 -39.93 21.02 11.78
CA THR F 556 -39.40 20.14 12.80
C THR F 556 -38.34 20.92 13.58
N SER F 557 -37.78 20.29 14.62
CA SER F 557 -36.58 20.84 15.22
C SER F 557 -35.34 20.59 14.35
N HIS F 558 -35.57 20.27 13.08
CA HIS F 558 -34.56 19.99 12.08
C HIS F 558 -34.99 20.69 10.80
N LEU F 559 -36.16 20.33 10.29
CA LEU F 559 -36.70 20.94 9.09
C LEU F 559 -37.19 22.36 9.37
N THR F 560 -36.58 23.33 8.68
CA THR F 560 -36.99 24.73 8.70
C THR F 560 -37.28 25.17 7.26
N VAL F 561 -38.54 25.47 6.98
CA VAL F 561 -38.97 25.98 5.67
C VAL F 561 -39.03 27.50 5.72
N ARG F 562 -38.38 28.15 4.77
CA ARG F 562 -38.34 29.60 4.70
C ARG F 562 -38.81 30.07 3.32
N GLY F 563 -39.52 31.18 3.30
CA GLY F 563 -40.00 31.76 2.06
C GLY F 563 -39.57 33.22 1.97
N LYS F 564 -39.47 33.70 0.74
CA LYS F 564 -39.05 35.07 0.54
C LYS F 564 -39.66 35.62 -0.74
N ILE F 565 -40.13 36.86 -0.65
CA ILE F 565 -40.60 37.64 -1.77
C ILE F 565 -39.65 38.82 -1.93
N ALA F 566 -38.75 38.75 -2.92
CA ALA F 566 -37.75 39.78 -3.16
C ALA F 566 -38.25 40.78 -4.19
N ASN F 567 -38.04 42.07 -3.90
CA ASN F 567 -38.59 43.18 -4.66
C ASN F 567 -40.11 43.05 -4.76
N LEU F 568 -40.74 43.26 -3.60
CA LEU F 568 -42.17 43.03 -3.44
C LEU F 568 -42.97 43.81 -4.47
N PHE F 569 -42.67 45.09 -4.64
CA PHE F 569 -43.49 45.96 -5.47
C PHE F 569 -43.06 46.01 -6.93
N ASP F 570 -42.21 45.08 -7.36
CA ASP F 570 -41.85 44.95 -8.78
C ASP F 570 -41.44 46.30 -9.37
N LYS F 571 -40.40 46.88 -8.80
CA LYS F 571 -39.98 48.21 -9.22
C LYS F 571 -39.21 48.15 -10.54
N ASP F 572 -39.32 49.22 -11.30
CA ASP F 572 -38.68 49.32 -12.61
C ASP F 572 -37.38 50.11 -12.52
N TYR F 573 -36.53 49.64 -11.61
CA TYR F 573 -35.22 50.26 -11.40
C TYR F 573 -34.20 49.73 -12.39
N GLU F 574 -33.19 50.55 -12.65
CA GLU F 574 -32.03 50.13 -13.42
C GLU F 574 -30.78 50.67 -12.73
N THR F 575 -29.71 49.90 -12.80
CA THR F 575 -28.39 50.34 -12.34
C THR F 575 -27.40 50.59 -13.46
N VAL F 576 -27.55 49.89 -14.58
CA VAL F 576 -26.86 50.22 -15.83
C VAL F 576 -27.93 50.66 -16.82
N TYR F 577 -27.88 51.92 -17.25
CA TYR F 577 -28.91 52.45 -18.12
C TYR F 577 -29.10 51.56 -19.33
N GLY F 578 -30.32 51.05 -19.51
CA GLY F 578 -30.62 50.16 -20.60
C GLY F 578 -30.84 48.73 -20.14
N TYR F 579 -29.90 48.23 -19.35
CA TYR F 579 -29.93 46.85 -18.88
C TYR F 579 -30.99 46.68 -17.80
N GLN F 580 -31.95 45.79 -18.07
CA GLN F 580 -33.04 45.53 -17.14
C GLN F 580 -32.56 44.59 -16.03
N THR F 581 -33.10 44.81 -14.82
CA THR F 581 -32.79 43.99 -13.66
C THR F 581 -34.06 43.38 -13.09
N ALA F 582 -33.99 42.11 -12.72
CA ALA F 582 -35.19 41.37 -12.34
C ALA F 582 -35.93 42.09 -11.23
N GLY F 583 -37.27 42.02 -11.28
CA GLY F 583 -38.08 42.63 -10.25
C GLY F 583 -38.59 41.65 -9.22
N ARG F 584 -39.91 41.51 -9.19
CA ARG F 584 -40.57 40.53 -8.34
C ARG F 584 -39.95 39.16 -8.53
N GLU F 585 -39.51 38.55 -7.44
CA GLU F 585 -38.94 37.21 -7.55
C GLU F 585 -39.02 36.50 -6.21
N TYR F 586 -39.37 35.21 -6.24
CA TYR F 586 -39.72 34.46 -5.04
C TYR F 586 -38.75 33.31 -4.83
N THR F 587 -38.54 32.95 -3.57
CA THR F 587 -37.67 31.84 -3.22
C THR F 587 -38.29 31.06 -2.06
N LEU F 588 -38.57 29.78 -2.30
CA LEU F 588 -38.95 28.83 -1.26
C LEU F 588 -37.79 27.88 -1.01
N SER F 589 -37.52 27.60 0.27
CA SER F 589 -36.38 26.76 0.60
C SER F 589 -36.65 26.02 1.90
N GLY F 590 -35.95 24.90 2.05
CA GLY F 590 -36.04 24.11 3.26
C GLY F 590 -34.66 23.63 3.64
N SER F 591 -34.42 23.53 4.95
CA SER F 591 -33.15 23.05 5.43
C SER F 591 -33.35 22.08 6.59
N TYR F 592 -32.45 21.11 6.68
CA TYR F 592 -32.55 20.01 7.64
C TYR F 592 -31.25 19.94 8.43
N THR F 593 -31.26 20.59 9.59
CA THR F 593 -30.11 20.66 10.49
C THR F 593 -30.21 19.53 11.51
N PHE F 594 -29.16 18.72 11.63
CA PHE F 594 -29.11 17.70 12.65
C PHE F 594 -27.67 17.46 13.12
#